data_9JKF
#
_entry.id   9JKF
#
_cell.length_a   1.00
_cell.length_b   1.00
_cell.length_c   1.00
_cell.angle_alpha   90.00
_cell.angle_beta   90.00
_cell.angle_gamma   90.00
#
_symmetry.space_group_name_H-M   'P 1'
#
loop_
_entity.id
_entity.type
_entity.pdbx_description
1 polymer 'Envelope glycoprotein gp160'
2 branched beta-D-mannopyranose-(1-4)-2-acetamido-2-deoxy-beta-D-glucopyranose-(1-4)-2-acetamido-2-deoxy-beta-D-glucopyranose
3 branched 2-acetamido-2-deoxy-beta-D-glucopyranose-(1-4)-2-acetamido-2-deoxy-beta-D-glucopyranose
4 branched 2-acetamido-2-deoxy-beta-D-glucopyranose-(1-4)-[alpha-L-fucopyranose-(1-6)]2-acetamido-2-deoxy-beta-D-glucopyranose
5 branched alpha-D-mannopyranose-(1-2)-alpha-D-mannopyranose-(1-3)-[alpha-D-mannopyranose-(1-6)]beta-D-mannopyranose-(1-4)-2-acetamido-2-deoxy-beta-D-glucopyranose-(1-4)-2-acetamido-2-deoxy-beta-D-glucopyranose
6 branched alpha-D-mannopyranose-(1-2)-alpha-D-mannopyranose-(1-3)-beta-D-mannopyranose-(1-4)-2-acetamido-2-deoxy-beta-D-glucopyranose-(1-4)-2-acetamido-2-deoxy-beta-D-glucopyranose
7 branched alpha-D-mannopyranose-(1-3)-[alpha-D-mannopyranose-(1-6)]beta-D-mannopyranose-(1-4)-2-acetamido-2-deoxy-beta-D-glucopyranose-(1-4)-2-acetamido-2-deoxy-beta-D-glucopyranose
8 branched alpha-D-mannopyranose-(1-2)-alpha-D-mannopyranose-(1-3)-[alpha-D-mannopyranose-(1-6)-alpha-D-mannopyranose-(1-6)]beta-D-mannopyranose-(1-4)-2-acetamido-2-deoxy-beta-D-glucopyranose-(1-4)-2-acetamido-2-deoxy-beta-D-glucopyranose
9 branched alpha-D-mannopyranose-(1-3)-beta-D-mannopyranose-(1-4)-2-acetamido-2-deoxy-beta-D-glucopyranose-(1-4)-2-acetamido-2-deoxy-beta-D-glucopyranose
10 branched beta-D-mannopyranose-(1-4)-2-acetamido-2-deoxy-beta-D-glucopyranose-(1-4)-[alpha-L-fucopyranose-(1-6)]2-acetamido-2-deoxy-beta-D-glucopyranose
11 branched alpha-D-mannopyranose-(1-2)-alpha-D-mannopyranose-(1-3)-[alpha-D-mannopyranose-(1-3)-[alpha-D-mannopyranose-(1-6)]alpha-D-mannopyranose-(1-6)]beta-D-mannopyranose-(1-4)-2-acetamido-2-deoxy-beta-D-glucopyranose-(1-4)-2-acetamido-2-deoxy-beta-D-glucopyranose
12 branched alpha-D-mannopyranose-(1-6)-beta-D-mannopyranose-(1-4)-2-acetamido-2-deoxy-beta-D-glucopyranose-(1-4)-2-acetamido-2-deoxy-beta-D-glucopyranose
13 branched alpha-D-mannopyranose-(1-3)-alpha-D-mannopyranose-(1-6)-[alpha-D-mannopyranose-(1-3)]beta-D-mannopyranose-(1-4)-2-acetamido-2-deoxy-beta-D-glucopyranose-(1-4)-2-acetamido-2-deoxy-beta-D-glucopyranose
14 non-polymer 1-[(2R)-4-(benzenecarbonyl)-2-methylpiperazin-1-yl]-2-(4-methoxy-1H-pyrrolo[2,3-b]pyridin-3-yl)ethane-1,2-dione
15 non-polymer 2-acetamido-2-deoxy-beta-D-glucopyranose
#
_entity_poly.entity_id   1
_entity_poly.type   'polypeptide(L)'
_entity_poly.pdbx_seq_one_letter_code
;MRVKEKYQHLWRWGWRWGTMLLGMLMICSATEKLWVTVYYGVPVWKEATTTLFCASDAKAYDTEVHNVWATHACVPTDPN
PQEVVLENVTENFNMWKNNMVEQMHEDIISLWDESLKPCVKLTPLCVTLNCTDLRNVTNINNSSEGMRGEIKNCSFNITT
SIRDKVKKDYALFYRLDVVPIDNDNTSYRLINCNTSTITQACPKVSFEPIPIHYCTPAGFAILKCKDKKFNGTGPCKNVS
TVQCTHGIRPVVSTQLLLNGSLAEEEVVIRSSNFTDNAKNIIVQLKESVEINCTRPNNNTRKSIHIGPGRAFYTTGDIIG
DIRQAHCNISRTKWNNTLNQIATKLKEQFGNNKTIVFNQSSGGDPEIVMHSFNCGGEFFYCNSTQLFNSTWNFNGTWNLT
QSNGTEGNDTITLPCRIKQIINMWQEVGKAMYAPPIRGQIRCSSNITGLILTRDGGNNHNNDTETFRPGGGDMRDNWRSE
LYKYKVVKIEPLGVAPTKAKRRVVQREKRAVGTIGAMFLGFLGAAGSTMGVASMTLTVQARQLLSGIVQQQNNLLRAIEA
QQHLLKLTVWGIKQLQARVLTVERYLRDQQLLGIWGCSGKLICTTAVPWNASWSNKTLDMIWNNMTWMEWEREIDNYTGL
IYTLIEESQNQQEKNEQELLELDKWASLWNWFDITNWLWYIKIFIMIVGGLIGLRIVFTVLSIVNRVRQGYSPGGGHHHH
HH
;
_entity_poly.pdbx_strand_id   B,C,D,E,A,F
#
# COMPACT_ATOMS: atom_id res chain seq x y z
N LEU A 519 -7.79 29.36 -5.40
CA LEU A 519 -8.57 29.94 -4.28
C LEU A 519 -9.12 28.80 -3.40
N GLY A 520 -10.34 28.35 -3.68
CA GLY A 520 -10.95 27.26 -2.90
C GLY A 520 -11.04 27.59 -1.43
N PHE A 521 -11.43 28.84 -1.11
CA PHE A 521 -11.59 29.26 0.31
C PHE A 521 -12.88 30.04 0.48
N LEU A 522 -13.90 29.41 1.05
CA LEU A 522 -15.21 30.09 1.27
C LEU A 522 -14.97 31.35 2.10
N GLY A 523 -14.23 31.24 3.21
CA GLY A 523 -14.03 32.39 4.11
C GLY A 523 -15.35 32.92 4.62
N ALA A 524 -15.42 34.21 4.93
CA ALA A 524 -16.68 34.84 5.39
C ALA A 524 -17.28 34.03 6.54
N ALA A 525 -16.46 33.21 7.20
CA ALA A 525 -16.93 32.41 8.36
C ALA A 525 -17.34 33.37 9.49
N GLY A 526 -16.58 34.46 9.65
CA GLY A 526 -16.89 35.45 10.71
C GLY A 526 -18.15 36.23 10.39
N SER A 527 -18.42 36.46 9.11
CA SER A 527 -19.63 37.21 8.69
C SER A 527 -20.87 36.53 9.28
N THR A 528 -21.88 37.32 9.65
CA THR A 528 -23.10 36.74 10.27
C THR A 528 -23.67 35.68 9.34
N MET A 529 -24.22 34.61 9.90
CA MET A 529 -24.77 33.50 9.07
C MET A 529 -25.70 34.11 8.00
N GLY A 530 -26.49 35.12 8.37
CA GLY A 530 -27.35 35.79 7.38
C GLY A 530 -26.54 36.42 6.28
N VAL A 531 -25.49 37.17 6.62
CA VAL A 531 -24.60 37.74 5.57
C VAL A 531 -24.11 36.58 4.69
N ALA A 532 -23.69 35.49 5.32
CA ALA A 532 -23.20 34.31 4.57
C ALA A 532 -24.38 33.62 3.86
N SER A 533 -25.59 33.77 4.40
CA SER A 533 -26.80 33.15 3.78
C SER A 533 -27.37 34.07 2.71
N MET A 534 -26.74 35.24 2.52
CA MET A 534 -27.21 36.21 1.49
C MET A 534 -26.09 36.40 0.46
N THR A 535 -24.85 36.60 0.95
CA THR A 535 -23.70 36.78 0.04
C THR A 535 -22.79 35.55 0.14
N LEU A 536 -22.09 35.22 -0.95
CA LEU A 536 -21.19 34.02 -0.95
C LEU A 536 -22.01 32.79 -0.58
N THR A 537 -23.34 32.88 -0.71
CA THR A 537 -24.23 31.74 -0.36
C THR A 537 -24.30 30.77 -1.54
N VAL A 538 -23.68 31.14 -2.66
CA VAL A 538 -23.67 30.25 -3.85
C VAL A 538 -22.42 30.56 -4.68
N GLN A 539 -22.06 31.85 -4.80
CA GLN A 539 -20.91 32.24 -5.65
C GLN A 539 -19.61 31.61 -5.11
N ALA A 540 -19.28 31.87 -3.85
CA ALA A 540 -18.03 31.33 -3.27
C ALA A 540 -18.13 29.80 -3.22
N ARG A 541 -19.32 29.29 -2.93
CA ARG A 541 -19.53 27.82 -2.85
C ARG A 541 -19.31 27.22 -4.25
N GLN A 542 -19.82 27.88 -5.29
CA GLN A 542 -19.54 27.41 -6.67
C GLN A 542 -18.03 27.40 -6.87
N LEU A 543 -17.35 28.49 -6.47
CA LEU A 543 -15.88 28.57 -6.62
C LEU A 543 -15.23 27.43 -5.82
N LEU A 544 -15.73 27.17 -4.62
CA LEU A 544 -15.12 26.12 -3.75
C LEU A 544 -15.08 24.80 -4.53
N SER A 545 -16.23 24.38 -5.08
CA SER A 545 -16.29 23.12 -5.87
C SER A 545 -15.47 23.28 -7.15
N GLY A 546 -15.50 24.47 -7.76
CA GLY A 546 -14.75 24.72 -9.01
C GLY A 546 -13.26 24.54 -8.81
N ILE A 547 -12.77 24.74 -7.58
CA ILE A 547 -11.32 24.55 -7.29
C ILE A 547 -11.07 23.06 -6.99
N VAL A 548 -12.03 22.40 -6.35
CA VAL A 548 -11.84 20.97 -5.96
C VAL A 548 -11.46 20.17 -7.22
N GLN A 549 -12.19 20.38 -8.32
CA GLN A 549 -11.91 19.65 -9.58
C GLN A 549 -10.58 20.14 -10.16
N GLN A 550 -10.32 21.45 -10.12
CA GLN A 550 -9.04 22.03 -10.61
C GLN A 550 -7.88 21.37 -9.85
N GLN A 551 -7.81 21.56 -8.54
CA GLN A 551 -6.77 20.87 -7.72
C GLN A 551 -6.62 19.43 -8.21
N ASN A 552 -7.74 18.71 -8.36
CA ASN A 552 -7.70 17.31 -8.84
C ASN A 552 -7.07 17.30 -10.23
N ASN A 553 -7.66 18.05 -11.18
CA ASN A 553 -7.12 18.11 -12.56
C ASN A 553 -5.62 18.36 -12.50
N LEU A 554 -5.19 19.37 -11.71
CA LEU A 554 -3.76 19.72 -11.60
C LEU A 554 -2.96 18.47 -11.21
N LEU A 555 -3.34 17.82 -10.10
CA LEU A 555 -2.63 16.61 -9.64
C LEU A 555 -2.63 15.56 -10.76
N ARG A 556 -3.77 15.36 -11.40
CA ARG A 556 -3.88 14.35 -12.50
C ARG A 556 -2.88 14.72 -13.60
N ALA A 557 -2.80 16.00 -13.97
CA ALA A 557 -1.86 16.45 -15.02
C ALA A 557 -0.45 15.98 -14.67
N ILE A 558 -0.08 16.08 -13.40
CA ILE A 558 1.29 15.67 -12.95
C ILE A 558 1.34 14.14 -12.88
N GLU A 559 0.30 13.51 -12.34
CA GLU A 559 0.22 12.03 -12.27
C GLU A 559 0.62 11.45 -13.63
N ALA A 560 0.18 12.10 -14.72
CA ALA A 560 0.54 11.61 -16.07
C ALA A 560 2.03 11.90 -16.34
N GLN A 561 2.49 13.09 -15.95
CA GLN A 561 3.90 13.49 -16.20
C GLN A 561 4.85 12.68 -15.31
N GLN A 562 4.70 12.77 -13.98
CA GLN A 562 5.65 12.09 -13.07
C GLN A 562 5.38 10.59 -13.03
N HIS A 563 4.11 10.18 -13.00
CA HIS A 563 3.79 8.72 -12.89
C HIS A 563 4.64 8.07 -11.78
N LEU A 564 4.98 8.83 -10.73
CA LEU A 564 5.71 8.24 -9.58
C LEU A 564 4.67 7.83 -8.53
N LEU A 565 3.52 7.32 -8.99
CA LEU A 565 2.43 6.92 -8.06
C LEU A 565 2.91 5.75 -7.21
N LYS A 566 4.19 5.37 -7.37
CA LYS A 566 4.77 4.27 -6.56
C LYS A 566 4.47 4.53 -5.08
N LEU A 567 4.00 3.52 -4.37
CA LEU A 567 3.68 3.67 -2.91
C LEU A 567 4.95 3.99 -2.13
N THR A 568 5.45 5.22 -2.23
CA THR A 568 6.63 5.63 -1.41
C THR A 568 6.11 6.23 -0.10
N VAL A 569 7.00 6.79 0.72
CA VAL A 569 6.55 7.46 1.98
C VAL A 569 5.55 8.56 1.58
N TRP A 570 5.91 9.41 0.61
CA TRP A 570 4.96 10.43 0.12
C TRP A 570 3.92 9.79 -0.78
N GLY A 571 4.33 8.81 -1.58
CA GLY A 571 3.40 8.10 -2.47
C GLY A 571 2.15 7.66 -1.72
N ILE A 572 2.33 6.90 -0.64
CA ILE A 572 1.16 6.39 0.15
C ILE A 572 0.35 7.60 0.62
N LYS A 573 1.02 8.64 1.13
CA LYS A 573 0.31 9.86 1.58
C LYS A 573 -0.60 10.34 0.44
N GLN A 574 -0.02 10.61 -0.72
CA GLN A 574 -0.81 11.07 -1.89
C GLN A 574 -1.99 10.11 -2.11
N LEU A 575 -1.74 8.80 -2.02
CA LEU A 575 -2.83 7.82 -2.28
C LEU A 575 -3.92 7.98 -1.21
N GLN A 576 -3.54 7.97 0.07
CA GLN A 576 -4.54 8.19 1.15
C GLN A 576 -5.28 9.50 0.85
N ALA A 577 -4.54 10.58 0.60
CA ALA A 577 -5.17 11.90 0.36
C ALA A 577 -6.21 11.76 -0.76
N ARG A 578 -5.82 11.16 -1.88
CA ARG A 578 -6.76 11.02 -3.03
C ARG A 578 -8.05 10.37 -2.54
N VAL A 579 -7.95 9.24 -1.84
CA VAL A 579 -9.17 8.51 -1.38
C VAL A 579 -9.97 9.42 -0.45
N LEU A 580 -9.32 10.06 0.51
CA LEU A 580 -10.03 10.91 1.51
C LEU A 580 -10.92 11.90 0.76
N THR A 581 -10.35 12.60 -0.22
CA THR A 581 -11.12 13.63 -0.98
C THR A 581 -12.30 12.95 -1.68
N VAL A 582 -12.04 11.84 -2.37
CA VAL A 582 -13.13 11.15 -3.12
C VAL A 582 -14.30 10.93 -2.15
N GLU A 583 -14.02 10.31 -1.01
CA GLU A 583 -15.09 10.00 -0.01
C GLU A 583 -15.77 11.31 0.42
N ARG A 584 -14.97 12.32 0.76
CA ARG A 584 -15.54 13.61 1.25
C ARG A 584 -16.61 14.09 0.27
N TYR A 585 -16.27 14.19 -1.02
CA TYR A 585 -17.23 14.71 -2.02
C TYR A 585 -18.44 13.80 -2.08
N LEU A 586 -18.21 12.50 -2.24
CA LEU A 586 -19.34 11.54 -2.42
C LEU A 586 -20.28 11.59 -1.21
N ARG A 587 -19.79 11.29 -0.01
CA ARG A 587 -20.70 11.20 1.17
C ARG A 587 -21.58 12.45 1.25
N ASP A 588 -21.02 13.63 0.95
CA ASP A 588 -21.83 14.88 0.93
C ASP A 588 -22.89 14.76 -0.16
N GLN A 589 -22.47 14.51 -1.40
CA GLN A 589 -23.42 14.38 -2.53
C GLN A 589 -24.47 13.33 -2.17
N GLN A 590 -24.05 12.24 -1.55
CA GLN A 590 -25.00 11.15 -1.18
C GLN A 590 -26.14 11.77 -0.37
N LEU A 591 -25.81 12.39 0.76
CA LEU A 591 -26.86 13.03 1.62
C LEU A 591 -27.77 13.88 0.73
N LEU A 592 -27.19 14.86 0.05
CA LEU A 592 -27.98 15.75 -0.86
C LEU A 592 -28.95 14.89 -1.68
N GLY A 593 -28.43 13.86 -2.35
CA GLY A 593 -29.27 13.03 -3.23
C GLY A 593 -30.43 12.40 -2.48
N ILE A 594 -30.15 11.80 -1.33
CA ILE A 594 -31.22 11.19 -0.49
C ILE A 594 -32.18 12.31 -0.07
N TRP A 595 -31.63 13.46 0.35
CA TRP A 595 -32.46 14.59 0.81
C TRP A 595 -33.18 15.23 -0.39
N GLY A 596 -33.01 14.65 -1.58
CA GLY A 596 -33.65 15.21 -2.78
C GLY A 596 -33.15 16.62 -3.05
N CYS A 597 -31.87 16.87 -2.77
CA CYS A 597 -31.28 18.22 -2.97
C CYS A 597 -30.04 18.12 -3.86
N SER A 598 -29.96 17.05 -4.67
CA SER A 598 -28.80 16.88 -5.58
C SER A 598 -28.84 17.94 -6.68
N GLY A 599 -29.98 18.62 -6.84
CA GLY A 599 -30.13 19.62 -7.92
C GLY A 599 -29.14 20.76 -7.81
N LYS A 600 -29.02 21.39 -6.63
CA LYS A 600 -28.15 22.58 -6.51
C LYS A 600 -27.70 22.79 -5.06
N LEU A 601 -26.89 23.81 -4.81
CA LEU A 601 -26.35 24.08 -3.45
C LEU A 601 -27.49 24.35 -2.48
N ILE A 602 -28.43 25.22 -2.85
CA ILE A 602 -29.52 25.59 -1.90
C ILE A 602 -30.80 24.85 -2.28
N CYS A 603 -31.38 24.10 -1.34
CA CYS A 603 -32.65 23.37 -1.60
C CYS A 603 -33.62 23.60 -0.43
N THR A 604 -34.85 24.01 -0.72
CA THR A 604 -35.87 24.16 0.35
C THR A 604 -36.50 22.80 0.62
N THR A 605 -36.83 22.50 1.88
CA THR A 605 -37.44 21.20 2.22
C THR A 605 -38.84 21.43 2.81
N ALA A 606 -39.56 20.36 3.14
CA ALA A 606 -40.93 20.48 3.67
C ALA A 606 -40.97 20.10 5.15
N VAL A 607 -39.80 20.00 5.79
CA VAL A 607 -39.74 19.68 7.24
C VAL A 607 -39.86 20.99 8.03
N PRO A 608 -40.84 21.17 8.94
CA PRO A 608 -40.92 22.37 9.77
C PRO A 608 -39.91 22.32 10.92
N TRP A 609 -39.41 23.48 11.35
CA TRP A 609 -38.36 23.49 12.41
C TRP A 609 -38.99 23.35 13.79
N ASN A 610 -38.62 22.28 14.53
CA ASN A 610 -39.14 22.02 15.91
C ASN A 610 -38.53 23.04 16.87
N ALA A 611 -39.31 23.54 17.84
CA ALA A 611 -38.78 24.50 18.84
C ALA A 611 -37.60 23.85 19.57
N SER A 612 -37.65 22.53 19.76
CA SER A 612 -36.53 21.81 20.42
C SER A 612 -35.24 22.07 19.64
N TRP A 613 -35.31 21.99 18.31
CA TRP A 613 -34.12 22.21 17.45
C TRP A 613 -33.54 23.59 17.77
N SER A 614 -34.28 24.64 17.41
CA SER A 614 -33.84 26.01 17.76
C SER A 614 -35.02 26.80 18.32
N ASN A 615 -34.75 27.68 19.27
CA ASN A 615 -35.84 28.47 19.89
C ASN A 615 -35.54 29.96 19.69
N LYS A 616 -35.13 30.32 18.47
CA LYS A 616 -34.79 31.73 18.16
C LYS A 616 -35.70 32.25 17.05
N THR A 617 -35.39 33.41 16.50
CA THR A 617 -36.18 33.98 15.37
C THR A 617 -35.30 34.04 14.12
N LEU A 618 -35.91 34.01 12.93
CA LEU A 618 -35.14 34.02 11.66
C LEU A 618 -34.02 35.06 11.77
N ASP A 619 -34.34 36.25 12.27
CA ASP A 619 -33.32 37.34 12.34
C ASP A 619 -32.28 36.98 13.40
N MET A 620 -32.71 36.46 14.54
CA MET A 620 -31.77 36.10 15.63
C MET A 620 -30.72 35.14 15.09
N ILE A 621 -31.10 34.25 14.17
CA ILE A 621 -30.15 33.23 13.64
C ILE A 621 -29.39 33.82 12.46
N TRP A 622 -29.97 34.80 11.75
CA TRP A 622 -29.30 35.33 10.53
C TRP A 622 -28.50 36.59 10.87
N ASN A 623 -29.01 37.44 11.75
CA ASN A 623 -28.31 38.72 12.04
C ASN A 623 -27.44 38.58 13.29
N ASN A 624 -27.82 37.75 14.26
CA ASN A 624 -27.08 37.62 15.55
C ASN A 624 -26.50 36.20 15.70
N MET A 625 -26.06 35.58 14.61
CA MET A 625 -25.45 34.23 14.70
C MET A 625 -24.55 34.02 13.48
N THR A 626 -23.39 33.39 13.67
CA THR A 626 -22.50 33.07 12.51
C THR A 626 -22.76 31.62 12.11
N TRP A 627 -22.59 31.28 10.84
CA TRP A 627 -22.96 29.90 10.40
C TRP A 627 -22.30 28.86 11.32
N MET A 628 -21.02 29.05 11.63
CA MET A 628 -20.29 28.13 12.53
C MET A 628 -21.07 28.03 13.85
N GLU A 629 -21.29 29.17 14.52
CA GLU A 629 -22.00 29.17 15.83
C GLU A 629 -23.38 28.53 15.66
N TRP A 630 -24.09 28.87 14.59
CA TRP A 630 -25.46 28.35 14.41
C TRP A 630 -25.46 26.82 14.47
N GLU A 631 -24.63 26.19 13.64
CA GLU A 631 -24.57 24.71 13.61
C GLU A 631 -24.14 24.19 14.98
N ARG A 632 -23.24 24.92 15.65
CA ARG A 632 -22.70 24.45 16.96
C ARG A 632 -23.87 24.12 17.89
N GLU A 633 -24.89 24.97 17.91
CA GLU A 633 -26.07 24.73 18.79
C GLU A 633 -26.90 23.59 18.21
N ILE A 634 -27.25 23.67 16.92
CA ILE A 634 -28.12 22.64 16.30
C ILE A 634 -27.42 21.28 16.35
N ASP A 635 -26.09 21.27 16.23
CA ASP A 635 -25.30 20.01 16.24
C ASP A 635 -26.13 18.85 16.83
N ASN A 636 -26.50 18.92 18.11
CA ASN A 636 -27.21 17.78 18.75
C ASN A 636 -28.48 17.43 17.97
N TYR A 637 -29.33 18.42 17.68
CA TYR A 637 -30.62 18.17 16.99
C TYR A 637 -30.38 17.82 15.53
N THR A 638 -29.35 18.41 14.91
CA THR A 638 -29.10 18.20 13.46
C THR A 638 -28.98 16.69 13.17
N GLY A 639 -28.45 15.93 14.13
CA GLY A 639 -28.28 14.47 13.93
C GLY A 639 -29.58 13.78 13.59
N LEU A 640 -30.71 14.49 13.65
CA LEU A 640 -32.02 13.90 13.31
C LEU A 640 -32.72 14.78 12.26
N ILE A 641 -32.49 16.09 12.32
CA ILE A 641 -33.19 17.04 11.39
C ILE A 641 -33.11 16.50 9.96
N TYR A 642 -31.90 16.19 9.48
CA TYR A 642 -31.75 15.77 8.07
C TYR A 642 -31.53 14.27 7.98
N THR A 643 -30.97 13.67 9.04
CA THR A 643 -30.65 12.22 9.00
C THR A 643 -31.93 11.40 8.87
N LEU A 644 -33.01 11.82 9.54
CA LEU A 644 -34.25 11.00 9.52
C LEU A 644 -35.41 11.81 8.93
N ILE A 645 -35.76 12.94 9.55
CA ILE A 645 -36.96 13.70 9.10
C ILE A 645 -36.82 14.04 7.62
N GLU A 646 -35.67 14.61 7.21
CA GLU A 646 -35.51 15.05 5.79
C GLU A 646 -35.60 13.83 4.87
N GLU A 647 -34.90 12.75 5.19
CA GLU A 647 -34.89 11.56 4.30
C GLU A 647 -36.30 10.97 4.22
N SER A 648 -37.00 10.91 5.36
CA SER A 648 -38.39 10.38 5.37
C SER A 648 -39.26 11.25 4.46
N GLN A 649 -39.14 12.57 4.59
CA GLN A 649 -39.91 13.50 3.73
C GLN A 649 -39.79 13.05 2.27
N ASN A 650 -38.57 12.79 1.81
CA ASN A 650 -38.35 12.41 0.39
C ASN A 650 -39.21 11.18 0.05
N GLN A 651 -39.11 10.12 0.86
CA GLN A 651 -39.84 8.87 0.54
C GLN A 651 -41.33 9.18 0.32
N GLN A 652 -41.94 9.90 1.26
CA GLN A 652 -43.35 10.30 1.11
C GLN A 652 -43.53 10.91 -0.27
N GLU A 653 -42.75 11.95 -0.58
CA GLU A 653 -42.87 12.65 -1.89
C GLU A 653 -42.60 11.65 -3.02
N LYS A 654 -41.50 10.89 -2.92
CA LYS A 654 -41.15 9.91 -3.99
C LYS A 654 -42.32 8.95 -4.18
N ASN A 655 -42.68 8.26 -3.09
CA ASN A 655 -43.75 7.25 -3.16
C ASN A 655 -45.05 7.91 -3.62
N GLU A 656 -45.35 9.11 -3.12
CA GLU A 656 -46.56 9.84 -3.61
C GLU A 656 -46.45 10.04 -5.13
N GLN A 657 -45.33 10.64 -5.58
CA GLN A 657 -45.14 10.87 -7.03
C GLN A 657 -45.57 9.61 -7.79
N GLU A 658 -45.06 8.45 -7.38
CA GLU A 658 -45.43 7.17 -8.04
C GLU A 658 -46.95 7.00 -7.96
N LEU A 659 -47.52 7.08 -6.75
CA LEU A 659 -48.98 6.88 -6.59
C LEU A 659 -49.72 7.89 -7.48
N LEU A 660 -49.19 9.09 -7.62
CA LEU A 660 -49.83 10.14 -8.46
C LEU A 660 -49.70 9.74 -9.94
N GLU A 661 -48.52 9.23 -10.34
CA GLU A 661 -48.30 8.87 -11.77
C GLU A 661 -49.08 7.59 -12.10
N LEU A 662 -49.53 6.86 -11.08
CA LEU A 662 -50.33 5.63 -11.32
C LEU A 662 -51.57 6.01 -12.14
N ASP A 663 -52.26 7.07 -11.72
CA ASP A 663 -53.45 7.55 -12.48
C ASP A 663 -53.24 9.02 -12.84
N LYS A 664 -52.96 9.31 -14.11
CA LYS A 664 -52.66 10.70 -14.52
C LYS A 664 -53.40 11.02 -15.84
N TRP A 665 -53.99 12.20 -15.95
CA TRP A 665 -54.68 12.62 -17.19
C TRP A 665 -54.25 14.03 -17.58
N ALA A 666 -54.20 14.94 -16.60
CA ALA A 666 -53.81 16.34 -16.86
C ALA A 666 -52.73 16.38 -17.94
N SER A 667 -52.99 17.08 -19.05
CA SER A 667 -51.99 17.19 -20.15
C SER A 667 -51.33 18.57 -20.09
N LEU A 668 -52.00 19.60 -20.61
CA LEU A 668 -51.47 20.99 -20.55
C LEU A 668 -52.26 21.78 -19.51
N LYS B 33 -28.78 34.13 -31.55
CA LYS B 33 -27.30 34.20 -31.46
C LYS B 33 -26.75 32.79 -31.22
N LEU B 34 -25.54 32.66 -30.69
CA LEU B 34 -24.95 31.31 -30.55
C LEU B 34 -24.55 31.05 -29.10
N TRP B 35 -25.37 30.28 -28.37
CA TRP B 35 -25.09 29.96 -26.95
C TRP B 35 -24.35 28.63 -26.86
N VAL B 36 -23.21 28.61 -26.17
CA VAL B 36 -22.40 27.36 -26.08
C VAL B 36 -23.24 26.26 -25.42
N THR B 37 -23.17 25.05 -25.96
CA THR B 37 -23.93 23.90 -25.37
C THR B 37 -22.93 22.80 -24.98
N VAL B 38 -23.00 22.33 -23.74
CA VAL B 38 -22.05 21.28 -23.25
C VAL B 38 -22.48 19.91 -23.79
N TYR B 39 -21.56 19.18 -24.41
CA TYR B 39 -21.87 17.82 -24.91
C TYR B 39 -20.98 16.83 -24.16
N TYR B 40 -21.58 15.80 -23.57
CA TYR B 40 -20.80 14.78 -22.82
C TYR B 40 -20.57 13.57 -23.72
N GLY B 41 -19.33 13.11 -23.82
CA GLY B 41 -19.02 11.91 -24.63
C GLY B 41 -18.41 12.24 -25.97
N VAL B 42 -18.03 13.51 -26.19
CA VAL B 42 -17.45 13.94 -27.49
C VAL B 42 -16.23 13.06 -27.81
N PRO B 43 -16.12 12.51 -29.03
CA PRO B 43 -15.00 11.62 -29.37
C PRO B 43 -13.67 12.37 -29.44
N VAL B 44 -13.03 12.61 -28.28
CA VAL B 44 -11.78 13.35 -28.24
C VAL B 44 -10.84 12.66 -27.27
N TRP B 45 -9.61 12.42 -27.71
CA TRP B 45 -8.57 11.84 -26.88
C TRP B 45 -7.35 12.75 -26.89
N LYS B 46 -6.43 12.47 -25.97
CA LYS B 46 -5.18 13.27 -25.89
C LYS B 46 -4.05 12.35 -25.41
N GLU B 47 -2.93 12.32 -26.14
CA GLU B 47 -1.76 11.49 -25.72
C GLU B 47 -1.56 11.66 -24.21
N ALA B 48 -1.63 10.57 -23.46
CA ALA B 48 -1.51 10.63 -21.98
C ALA B 48 -0.62 9.50 -21.46
N THR B 49 -0.22 9.56 -20.19
CA THR B 49 0.57 8.43 -19.62
C THR B 49 -0.24 7.84 -18.46
N THR B 50 -0.67 6.58 -18.59
CA THR B 50 -1.56 6.00 -17.54
C THR B 50 -1.02 4.66 -17.05
N THR B 51 -1.26 4.35 -15.76
CA THR B 51 -0.87 3.03 -15.19
C THR B 51 -1.66 1.93 -15.90
N LEU B 52 -0.98 0.90 -16.40
CA LEU B 52 -1.65 -0.19 -17.14
C LEU B 52 -1.67 -1.45 -16.28
N PHE B 53 -2.78 -2.20 -16.29
CA PHE B 53 -2.91 -3.43 -15.48
C PHE B 53 -2.81 -4.66 -16.41
N CYS B 54 -2.00 -5.64 -16.03
CA CYS B 54 -1.88 -6.89 -16.84
C CYS B 54 -3.20 -7.65 -16.77
N ALA B 55 -3.64 -8.20 -17.91
CA ALA B 55 -4.86 -9.03 -17.90
C ALA B 55 -4.54 -10.35 -18.59
N SER B 56 -4.56 -11.46 -17.84
CA SER B 56 -4.22 -12.79 -18.43
C SER B 56 -5.50 -13.58 -18.67
N ASP B 57 -5.44 -14.62 -19.51
CA ASP B 57 -6.64 -15.44 -19.83
C ASP B 57 -7.06 -16.20 -18.57
N ALA B 58 -6.19 -16.27 -17.56
CA ALA B 58 -6.50 -16.96 -16.28
C ALA B 58 -6.87 -18.42 -16.55
N LYS B 59 -6.44 -18.98 -17.69
CA LYS B 59 -6.69 -20.41 -17.99
C LYS B 59 -5.87 -21.26 -17.01
N ALA B 60 -4.62 -20.87 -16.76
CA ALA B 60 -3.73 -21.65 -15.86
C ALA B 60 -3.78 -21.06 -14.45
N TYR B 61 -4.67 -20.09 -14.21
CA TYR B 61 -4.82 -19.53 -12.84
C TYR B 61 -5.16 -20.67 -11.88
N ASP B 62 -5.98 -21.61 -12.33
CA ASP B 62 -6.38 -22.76 -11.49
C ASP B 62 -5.12 -23.50 -11.02
N THR B 63 -4.14 -23.65 -11.90
CA THR B 63 -2.86 -24.32 -11.50
C THR B 63 -2.04 -23.33 -10.67
N GLU B 64 -2.45 -23.10 -9.42
CA GLU B 64 -1.74 -22.12 -8.55
C GLU B 64 -0.29 -22.55 -8.39
N VAL B 65 -0.05 -23.86 -8.23
CA VAL B 65 1.35 -24.37 -8.12
C VAL B 65 2.20 -23.71 -9.21
N HIS B 66 1.62 -23.47 -10.39
CA HIS B 66 2.34 -22.81 -11.51
C HIS B 66 2.41 -21.30 -11.23
N ASN B 67 3.62 -20.76 -11.12
CA ASN B 67 3.79 -19.30 -10.88
C ASN B 67 4.61 -18.71 -12.02
N VAL B 68 4.01 -17.79 -12.79
CA VAL B 68 4.72 -17.19 -13.97
C VAL B 68 4.35 -15.71 -14.09
N TRP B 69 5.33 -14.82 -13.92
CA TRP B 69 5.09 -13.37 -14.07
C TRP B 69 3.81 -12.97 -13.34
N ALA B 70 3.62 -13.47 -12.12
CA ALA B 70 2.43 -13.11 -11.32
C ALA B 70 1.14 -13.23 -12.15
N THR B 71 0.91 -14.40 -12.74
CA THR B 71 -0.35 -14.63 -13.52
C THR B 71 -1.55 -14.51 -12.58
N HIS B 72 -1.42 -14.98 -11.35
CA HIS B 72 -2.57 -14.99 -10.40
C HIS B 72 -3.18 -13.59 -10.31
N ALA B 73 -2.35 -12.56 -10.20
CA ALA B 73 -2.86 -11.16 -10.06
C ALA B 73 -3.58 -10.74 -11.36
N CYS B 74 -2.94 -10.96 -12.51
CA CYS B 74 -3.52 -10.58 -13.83
C CYS B 74 -5.01 -10.93 -13.85
N VAL B 75 -5.87 -9.93 -14.02
CA VAL B 75 -7.35 -10.15 -14.02
C VAL B 75 -7.75 -10.86 -15.32
N PRO B 76 -8.63 -11.88 -15.27
CA PRO B 76 -9.11 -12.54 -16.50
C PRO B 76 -9.55 -11.56 -17.58
N THR B 77 -9.09 -11.76 -18.82
CA THR B 77 -9.41 -10.83 -19.93
C THR B 77 -10.90 -10.87 -20.26
N ASP B 78 -11.43 -9.79 -20.85
CA ASP B 78 -12.85 -9.78 -21.29
C ASP B 78 -13.08 -10.99 -22.20
N PRO B 79 -14.11 -11.83 -21.97
CA PRO B 79 -14.32 -13.04 -22.76
C PRO B 79 -14.44 -12.74 -24.26
N ASN B 80 -15.08 -11.62 -24.63
CA ASN B 80 -15.30 -11.32 -26.06
C ASN B 80 -14.76 -9.92 -26.39
N PRO B 81 -13.44 -9.72 -26.48
CA PRO B 81 -12.87 -8.40 -26.73
C PRO B 81 -13.33 -7.88 -28.10
N GLN B 82 -13.65 -6.59 -28.20
CA GLN B 82 -14.05 -6.00 -29.50
C GLN B 82 -13.11 -4.84 -29.86
N GLU B 83 -12.65 -4.79 -31.11
CA GLU B 83 -11.79 -3.68 -31.56
C GLU B 83 -12.60 -2.75 -32.46
N VAL B 84 -13.05 -1.61 -31.94
CA VAL B 84 -13.81 -0.63 -32.77
C VAL B 84 -12.85 -0.04 -33.80
N VAL B 85 -13.11 -0.29 -35.09
CA VAL B 85 -12.25 0.33 -36.15
C VAL B 85 -12.58 1.83 -36.22
N LEU B 86 -11.56 2.68 -36.17
CA LEU B 86 -11.77 4.14 -36.24
C LEU B 86 -11.85 4.56 -37.72
N GLU B 87 -13.05 4.60 -38.27
CA GLU B 87 -13.23 4.96 -39.71
C GLU B 87 -12.85 6.42 -39.93
N ASN B 88 -12.18 6.73 -41.05
CA ASN B 88 -11.84 8.14 -41.39
C ASN B 88 -11.04 8.76 -40.23
N VAL B 89 -10.13 8.00 -39.62
CA VAL B 89 -9.26 8.55 -38.53
C VAL B 89 -7.78 8.34 -38.88
N THR B 90 -6.96 9.39 -38.76
CA THR B 90 -5.49 9.25 -39.00
C THR B 90 -4.73 9.73 -37.76
N GLU B 91 -3.76 8.96 -37.27
CA GLU B 91 -3.03 9.33 -36.03
C GLU B 91 -1.53 9.05 -36.17
N ASN B 92 -0.69 9.82 -35.48
CA ASN B 92 0.78 9.56 -35.50
C ASN B 92 1.09 8.55 -34.38
N PHE B 93 2.09 7.68 -34.59
CA PHE B 93 2.49 6.74 -33.52
C PHE B 93 4.02 6.74 -33.40
N ASN B 94 4.56 7.55 -32.49
CA ASN B 94 6.04 7.59 -32.28
C ASN B 94 6.43 6.41 -31.38
N MET B 95 6.80 5.28 -31.99
CA MET B 95 7.11 4.06 -31.20
C MET B 95 8.27 4.32 -30.24
N TRP B 96 9.29 5.07 -30.68
CA TRP B 96 10.49 5.26 -29.83
C TRP B 96 10.14 6.26 -28.72
N LYS B 97 8.92 6.83 -28.77
CA LYS B 97 8.46 7.74 -27.70
C LYS B 97 7.21 7.16 -27.05
N ASN B 98 6.94 5.87 -27.27
CA ASN B 98 5.76 5.20 -26.64
C ASN B 98 6.01 5.06 -25.13
N ASN B 99 4.96 5.21 -24.32
CA ASN B 99 5.11 5.11 -22.85
C ASN B 99 4.92 3.64 -22.44
N MET B 100 4.17 2.88 -23.24
CA MET B 100 3.89 1.47 -22.89
C MET B 100 5.20 0.69 -22.79
N VAL B 101 6.05 0.79 -23.81
CA VAL B 101 7.37 0.09 -23.79
C VAL B 101 8.03 0.35 -22.44
N GLU B 102 8.00 1.61 -21.99
CA GLU B 102 8.68 1.97 -20.71
C GLU B 102 7.98 1.24 -19.57
N GLN B 103 6.64 1.27 -19.55
CA GLN B 103 5.89 0.65 -18.43
C GLN B 103 6.18 -0.86 -18.40
N MET B 104 6.07 -1.52 -19.55
CA MET B 104 6.35 -2.98 -19.62
C MET B 104 7.74 -3.22 -19.03
N HIS B 105 8.73 -2.48 -19.51
CA HIS B 105 10.13 -2.65 -19.03
C HIS B 105 10.13 -2.59 -17.49
N GLU B 106 9.67 -1.47 -16.93
CA GLU B 106 9.68 -1.31 -15.45
C GLU B 106 8.97 -2.49 -14.79
N ASP B 107 7.76 -2.81 -15.24
CA ASP B 107 6.97 -3.89 -14.60
C ASP B 107 7.71 -5.22 -14.71
N ILE B 108 8.24 -5.54 -15.90
CA ILE B 108 8.91 -6.86 -16.09
C ILE B 108 10.15 -6.94 -15.19
N ILE B 109 10.91 -5.84 -15.09
CA ILE B 109 12.09 -5.81 -14.18
C ILE B 109 11.59 -6.07 -12.75
N SER B 110 10.56 -5.33 -12.32
CA SER B 110 10.04 -5.47 -10.94
C SER B 110 9.48 -6.88 -10.73
N LEU B 111 8.82 -7.43 -11.74
CA LEU B 111 8.30 -8.82 -11.64
C LEU B 111 9.46 -9.74 -11.24
N TRP B 112 10.59 -9.64 -11.95
CA TRP B 112 11.78 -10.48 -11.63
C TRP B 112 12.27 -10.16 -10.23
N ASP B 113 12.30 -8.88 -9.86
CA ASP B 113 12.70 -8.49 -8.49
C ASP B 113 11.79 -9.20 -7.49
N GLU B 114 10.47 -9.12 -7.71
CA GLU B 114 9.49 -9.75 -6.78
C GLU B 114 9.73 -11.26 -6.73
N SER B 115 10.07 -11.87 -7.86
CA SER B 115 10.26 -13.34 -7.90
C SER B 115 11.52 -13.73 -7.12
N LEU B 116 12.59 -12.94 -7.23
CA LEU B 116 13.87 -13.32 -6.57
C LEU B 116 13.90 -12.80 -5.14
N LYS B 117 13.00 -11.89 -4.77
CA LYS B 117 13.03 -11.28 -3.41
C LYS B 117 12.92 -12.36 -2.34
N PRO B 118 11.90 -13.24 -2.33
CA PRO B 118 11.74 -14.22 -1.26
C PRO B 118 12.56 -15.49 -1.52
N CYS B 119 13.35 -15.50 -2.60
CA CYS B 119 14.13 -16.70 -2.96
C CYS B 119 15.48 -16.70 -2.23
N VAL B 120 16.22 -17.81 -2.30
CA VAL B 120 17.51 -17.94 -1.55
C VAL B 120 18.60 -17.12 -2.24
N LYS B 121 19.76 -16.96 -1.60
CA LYS B 121 20.90 -16.21 -2.18
C LYS B 121 22.18 -17.06 -2.07
N LEU B 122 23.09 -16.95 -3.04
CA LEU B 122 24.31 -17.80 -3.03
C LEU B 122 25.50 -17.02 -2.49
N THR B 123 25.27 -16.13 -1.52
CA THR B 123 26.39 -15.40 -0.89
C THR B 123 27.39 -16.38 -0.26
N PRO B 124 26.96 -17.42 0.51
CA PRO B 124 27.90 -18.41 1.05
C PRO B 124 28.63 -19.18 -0.06
N LEU B 125 27.97 -19.47 -1.18
CA LEU B 125 28.59 -20.30 -2.24
C LEU B 125 29.81 -19.60 -2.83
N CYS B 126 29.88 -18.27 -2.74
CA CYS B 126 31.01 -17.51 -3.33
C CYS B 126 32.30 -17.84 -2.58
N VAL B 127 32.58 -19.14 -2.44
CA VAL B 127 33.78 -19.63 -1.73
C VAL B 127 34.79 -20.07 -2.79
N THR B 128 36.09 -20.10 -2.47
CA THR B 128 37.08 -20.60 -3.46
C THR B 128 36.66 -22.00 -3.91
N LEU B 129 36.43 -22.19 -5.21
CA LEU B 129 35.92 -23.50 -5.71
C LEU B 129 37.08 -24.33 -6.26
N ASN B 130 37.39 -25.49 -5.64
CA ASN B 130 38.44 -26.39 -6.17
C ASN B 130 37.82 -27.18 -7.33
N CYS B 131 37.83 -26.62 -8.53
CA CYS B 131 37.18 -27.23 -9.73
C CYS B 131 38.14 -28.20 -10.43
N THR B 132 37.83 -29.49 -10.42
CA THR B 132 38.67 -30.51 -11.08
C THR B 132 37.77 -31.59 -11.68
N ASP B 133 38.36 -32.71 -12.10
CA ASP B 133 37.55 -33.83 -12.65
C ASP B 133 36.52 -33.26 -13.62
N LEU B 134 36.97 -32.47 -14.60
CA LEU B 134 36.02 -31.82 -15.54
C LEU B 134 35.00 -32.86 -16.01
N ARG B 135 35.47 -34.02 -16.48
CA ARG B 135 34.54 -35.10 -16.88
C ARG B 135 35.03 -36.44 -16.30
N ASN B 136 34.11 -37.25 -15.79
CA ASN B 136 34.49 -38.56 -15.18
C ASN B 136 35.63 -39.15 -16.02
N VAL B 137 35.46 -39.18 -17.34
CA VAL B 137 36.54 -39.70 -18.24
C VAL B 137 36.49 -38.87 -19.54
N THR B 138 37.63 -38.74 -20.23
CA THR B 138 37.65 -38.03 -21.53
C THR B 138 37.58 -39.06 -22.65
N ASN B 139 37.00 -40.24 -22.36
CA ASN B 139 36.84 -41.30 -23.40
C ASN B 139 35.58 -40.97 -24.20
N ILE B 140 34.57 -41.84 -24.16
CA ILE B 140 33.32 -41.63 -24.97
C ILE B 140 32.74 -40.25 -24.64
N ASN B 141 32.92 -39.79 -23.40
CA ASN B 141 32.35 -38.48 -22.97
C ASN B 141 32.96 -37.34 -23.79
N ASN B 142 34.28 -37.38 -24.03
CA ASN B 142 34.94 -36.25 -24.74
C ASN B 142 35.71 -36.76 -25.97
N SER B 143 35.42 -37.98 -26.43
CA SER B 143 36.16 -38.55 -27.59
C SER B 143 36.07 -37.59 -28.78
N SER B 144 34.84 -37.17 -29.12
CA SER B 144 34.64 -36.20 -30.22
C SER B 144 33.67 -35.10 -29.76
N GLU B 145 33.07 -35.29 -28.58
CA GLU B 145 32.08 -34.30 -28.05
C GLU B 145 32.79 -32.98 -27.75
N GLY B 146 32.16 -31.85 -28.09
CA GLY B 146 32.78 -30.54 -27.88
C GLY B 146 32.60 -30.04 -26.45
N MET B 147 32.22 -30.93 -25.53
CA MET B 147 32.09 -30.55 -24.10
C MET B 147 33.47 -30.10 -23.59
N ARG B 148 34.51 -30.87 -23.92
CA ARG B 148 35.89 -30.49 -23.52
C ARG B 148 35.86 -30.04 -22.05
N GLY B 149 35.08 -30.72 -21.21
CA GLY B 149 35.01 -30.37 -19.78
C GLY B 149 34.30 -29.05 -19.53
N GLU B 150 33.23 -28.76 -20.28
CA GLU B 150 32.44 -27.54 -19.99
C GLU B 150 31.90 -27.64 -18.57
N ILE B 151 31.38 -28.82 -18.19
CA ILE B 151 30.89 -29.04 -16.80
C ILE B 151 32.09 -29.49 -15.95
N LYS B 152 32.05 -29.24 -14.63
CA LYS B 152 33.20 -29.57 -13.75
C LYS B 152 32.71 -30.10 -12.40
N ASN B 153 33.30 -31.20 -11.90
CA ASN B 153 32.91 -31.75 -10.57
C ASN B 153 33.61 -30.91 -9.50
N CYS B 154 33.35 -29.60 -9.48
CA CYS B 154 34.03 -28.67 -8.55
C CYS B 154 33.72 -29.05 -7.09
N SER B 155 34.74 -29.03 -6.22
CA SER B 155 34.54 -29.37 -4.79
C SER B 155 34.87 -28.14 -3.93
N PHE B 156 34.25 -27.97 -2.75
CA PHE B 156 34.53 -26.75 -1.96
C PHE B 156 34.25 -26.96 -0.47
N ASN B 157 35.10 -26.39 0.40
CA ASN B 157 34.93 -26.54 1.88
C ASN B 157 33.89 -25.54 2.38
N ILE B 158 32.60 -25.77 2.08
CA ILE B 158 31.52 -24.80 2.46
C ILE B 158 30.79 -25.30 3.70
N THR B 159 30.19 -24.40 4.49
CA THR B 159 29.46 -24.78 5.73
C THR B 159 27.98 -25.02 5.41
N THR B 160 27.21 -25.55 6.37
CA THR B 160 25.77 -25.81 6.19
C THR B 160 24.99 -25.32 7.40
N SER B 161 23.69 -25.64 7.48
CA SER B 161 22.85 -25.20 8.63
C SER B 161 23.53 -25.58 9.94
N ILE B 162 24.19 -26.73 10.01
CA ILE B 162 24.90 -27.19 11.24
C ILE B 162 25.81 -26.06 11.73
N ARG B 163 26.30 -25.23 10.80
CA ARG B 163 27.24 -24.12 11.13
C ARG B 163 28.57 -24.70 11.64
N ASP B 164 28.53 -25.39 12.77
CA ASP B 164 29.77 -25.98 13.37
C ASP B 164 30.43 -26.90 12.34
N LYS B 165 29.70 -27.93 11.88
CA LYS B 165 30.28 -28.91 10.92
C LYS B 165 30.45 -28.29 9.55
N VAL B 166 31.57 -28.54 8.88
CA VAL B 166 31.78 -28.04 7.47
C VAL B 166 32.00 -29.25 6.57
N LYS B 167 31.24 -29.36 5.47
CA LYS B 167 31.34 -30.55 4.59
C LYS B 167 31.70 -30.12 3.17
N LYS B 168 32.44 -30.95 2.44
CA LYS B 168 32.78 -30.63 1.03
C LYS B 168 31.85 -31.40 0.10
N ASP B 169 31.24 -30.72 -0.88
CA ASP B 169 30.30 -31.37 -1.80
C ASP B 169 30.75 -31.10 -3.25
N TYR B 170 30.22 -31.87 -4.21
CA TYR B 170 30.61 -31.69 -5.63
C TYR B 170 29.38 -31.39 -6.46
N ALA B 171 29.52 -30.46 -7.41
CA ALA B 171 28.35 -30.03 -8.22
C ALA B 171 28.84 -29.64 -9.62
N LEU B 172 28.18 -30.16 -10.65
CA LEU B 172 28.62 -29.88 -12.05
C LEU B 172 28.32 -28.42 -12.38
N PHE B 173 29.35 -27.63 -12.70
CA PHE B 173 29.15 -26.19 -13.01
C PHE B 173 29.65 -25.89 -14.42
N TYR B 174 28.89 -25.09 -15.18
CA TYR B 174 29.26 -24.76 -16.59
C TYR B 174 30.45 -23.80 -16.60
N ARG B 175 31.45 -24.07 -17.44
CA ARG B 175 32.65 -23.21 -17.56
C ARG B 175 32.18 -21.77 -17.78
N LEU B 176 31.00 -21.60 -18.37
CA LEU B 176 30.46 -20.24 -18.65
C LEU B 176 30.19 -19.51 -17.33
N ASP B 177 29.70 -20.23 -16.31
CA ASP B 177 29.34 -19.60 -15.02
C ASP B 177 30.55 -19.55 -14.10
N VAL B 178 31.65 -20.22 -14.48
CA VAL B 178 32.84 -20.32 -13.57
C VAL B 178 33.98 -19.46 -14.12
N VAL B 179 34.85 -18.97 -13.24
CA VAL B 179 36.01 -18.12 -13.66
C VAL B 179 37.27 -18.61 -12.95
N PRO B 180 38.42 -18.84 -13.65
CA PRO B 180 39.62 -19.37 -13.00
C PRO B 180 40.19 -18.37 -11.99
N ILE B 181 40.67 -18.86 -10.84
CA ILE B 181 41.22 -17.96 -9.79
C ILE B 181 42.70 -18.31 -9.57
N ASP B 182 43.56 -17.29 -9.49
CA ASP B 182 45.02 -17.51 -9.27
C ASP B 182 45.64 -18.25 -10.47
N ASN B 183 46.90 -18.66 -10.35
CA ASN B 183 47.57 -19.42 -11.44
C ASN B 183 47.23 -20.90 -11.25
N ASP B 184 46.62 -21.24 -10.11
CA ASP B 184 46.22 -22.65 -9.84
C ASP B 184 45.31 -23.13 -10.97
N ASN B 185 45.49 -24.37 -11.40
CA ASN B 185 44.69 -24.94 -12.52
C ASN B 185 43.37 -25.51 -11.99
N THR B 186 43.04 -25.30 -10.70
CA THR B 186 41.81 -25.90 -10.12
C THR B 186 41.08 -24.89 -9.22
N SER B 187 41.73 -23.77 -8.86
CA SER B 187 41.06 -22.72 -8.05
C SER B 187 40.14 -21.90 -8.97
N TYR B 188 38.84 -21.84 -8.66
CA TYR B 188 37.90 -21.16 -9.60
C TYR B 188 36.79 -20.52 -8.77
N ARG B 189 36.02 -19.60 -9.36
CA ARG B 189 34.87 -18.98 -8.64
C ARG B 189 33.76 -18.70 -9.66
N LEU B 190 32.73 -17.94 -9.27
CA LEU B 190 31.58 -17.68 -10.19
C LEU B 190 31.82 -16.35 -10.91
N ILE B 191 31.58 -16.31 -12.22
CA ILE B 191 31.88 -15.08 -13.01
C ILE B 191 31.54 -13.80 -12.24
N ASN B 192 30.37 -13.74 -11.59
CA ASN B 192 29.99 -12.45 -10.95
C ASN B 192 30.04 -12.53 -9.42
N CYS B 193 30.54 -13.63 -8.84
CA CYS B 193 30.48 -13.77 -7.35
C CYS B 193 31.10 -12.58 -6.61
N ASN B 194 32.33 -12.19 -6.97
CA ASN B 194 33.04 -11.12 -6.19
C ASN B 194 32.36 -9.76 -6.38
N THR B 195 31.91 -9.44 -7.60
CA THR B 195 31.34 -8.08 -7.83
C THR B 195 29.81 -8.05 -7.81
N SER B 196 29.13 -9.19 -7.68
CA SER B 196 27.64 -9.18 -7.76
C SER B 196 27.00 -10.29 -6.93
N THR B 197 25.90 -9.97 -6.23
CA THR B 197 25.20 -10.97 -5.40
C THR B 197 24.38 -11.90 -6.31
N ILE B 198 24.58 -13.21 -6.19
CA ILE B 198 23.78 -14.18 -6.99
C ILE B 198 22.63 -14.67 -6.10
N THR B 199 21.38 -14.49 -6.57
CA THR B 199 20.21 -14.96 -5.79
C THR B 199 19.62 -16.21 -6.48
N GLN B 200 19.59 -17.33 -5.76
CA GLN B 200 19.04 -18.59 -6.33
C GLN B 200 17.55 -18.41 -6.61
N ALA B 201 17.14 -18.52 -7.88
CA ALA B 201 15.70 -18.42 -8.21
C ALA B 201 14.95 -19.60 -7.59
N CYS B 202 13.75 -19.35 -7.08
CA CYS B 202 12.93 -20.44 -6.49
C CYS B 202 12.55 -21.44 -7.58
N PRO B 203 12.83 -22.74 -7.43
CA PRO B 203 12.55 -23.72 -8.49
C PRO B 203 11.05 -23.83 -8.81
N LYS B 204 10.20 -23.79 -7.79
CA LYS B 204 8.74 -23.96 -8.01
C LYS B 204 8.23 -22.92 -9.01
N VAL B 205 8.94 -21.80 -9.14
CA VAL B 205 8.47 -20.69 -10.04
C VAL B 205 8.83 -21.06 -11.49
N SER B 206 7.83 -21.15 -12.36
CA SER B 206 8.07 -21.48 -13.80
C SER B 206 8.59 -20.23 -14.52
N PHE B 207 9.27 -20.44 -15.65
CA PHE B 207 9.83 -19.29 -16.42
C PHE B 207 9.38 -19.38 -17.88
N GLU B 208 8.11 -19.70 -18.11
CA GLU B 208 7.57 -19.81 -19.49
C GLU B 208 6.68 -18.60 -19.77
N PRO B 209 7.08 -17.69 -20.68
CA PRO B 209 6.30 -16.47 -20.97
C PRO B 209 4.82 -16.79 -21.27
N ILE B 210 3.90 -15.99 -20.72
CA ILE B 210 2.44 -16.21 -20.94
C ILE B 210 1.87 -14.98 -21.66
N PRO B 211 0.83 -15.13 -22.51
CA PRO B 211 0.20 -13.99 -23.16
C PRO B 211 -0.33 -13.00 -22.11
N ILE B 212 0.40 -11.90 -21.88
CA ILE B 212 -0.06 -10.87 -20.90
C ILE B 212 -0.72 -9.73 -21.69
N HIS B 213 -1.99 -9.43 -21.39
CA HIS B 213 -2.73 -8.39 -22.14
C HIS B 213 -2.69 -7.08 -21.34
N TYR B 214 -1.83 -6.14 -21.75
CA TYR B 214 -1.70 -4.88 -21.00
C TYR B 214 -2.97 -4.06 -21.22
N CYS B 215 -3.86 -4.03 -20.22
CA CYS B 215 -5.16 -3.36 -20.43
C CYS B 215 -5.13 -1.95 -19.82
N THR B 216 -5.73 -0.98 -20.52
CA THR B 216 -5.77 0.42 -20.02
C THR B 216 -7.02 0.61 -19.15
N PRO B 217 -6.98 1.45 -18.11
CA PRO B 217 -8.15 1.69 -17.25
C PRO B 217 -9.26 2.47 -17.97
N ALA B 218 -10.48 2.45 -17.43
CA ALA B 218 -11.60 3.21 -18.04
C ALA B 218 -11.24 4.70 -18.06
N GLY B 219 -11.69 5.43 -19.08
CA GLY B 219 -11.32 6.85 -19.20
C GLY B 219 -10.04 7.00 -20.03
N PHE B 220 -9.47 5.89 -20.46
CA PHE B 220 -8.26 5.92 -21.32
C PHE B 220 -8.43 4.90 -22.45
N ALA B 221 -7.65 5.01 -23.53
CA ALA B 221 -7.84 4.09 -24.67
C ALA B 221 -6.49 3.82 -25.35
N ILE B 222 -6.37 2.66 -26.00
CA ILE B 222 -5.11 2.32 -26.74
C ILE B 222 -5.41 2.38 -28.23
N LEU B 223 -4.82 3.34 -28.95
CA LEU B 223 -5.01 3.40 -30.43
C LEU B 223 -4.18 2.28 -31.07
N LYS B 224 -4.65 1.75 -32.20
CA LYS B 224 -3.91 0.64 -32.89
C LYS B 224 -3.70 1.01 -34.35
N CYS B 225 -2.43 1.20 -34.76
CA CYS B 225 -2.14 1.58 -36.14
C CYS B 225 -2.16 0.31 -36.99
N LYS B 226 -3.13 0.22 -37.89
CA LYS B 226 -3.38 -0.98 -38.67
C LYS B 226 -2.85 -0.88 -40.10
N ASP B 227 -1.94 0.07 -40.33
CA ASP B 227 -1.33 0.20 -41.68
C ASP B 227 -0.52 -1.09 -41.94
N LYS B 228 -0.57 -1.59 -43.17
CA LYS B 228 0.12 -2.88 -43.46
C LYS B 228 1.61 -2.72 -43.18
N LYS B 229 2.18 -1.53 -43.40
CA LYS B 229 3.61 -1.34 -43.02
C LYS B 229 3.79 0.03 -42.36
N PHE B 230 4.79 0.20 -41.50
CA PHE B 230 4.94 1.47 -40.76
C PHE B 230 6.43 1.81 -40.62
N ASN B 231 6.80 3.09 -40.78
CA ASN B 231 8.21 3.50 -40.57
C ASN B 231 8.48 3.50 -39.06
N GLY B 232 7.46 3.17 -38.26
CA GLY B 232 7.61 3.19 -36.79
C GLY B 232 7.27 4.55 -36.24
N THR B 233 7.03 5.53 -37.12
CA THR B 233 6.68 6.90 -36.68
C THR B 233 5.97 7.63 -37.84
N GLY B 234 5.31 8.76 -37.55
CA GLY B 234 4.59 9.50 -38.59
C GLY B 234 3.11 9.14 -38.61
N PRO B 235 2.27 9.82 -39.43
CA PRO B 235 0.82 9.55 -39.42
C PRO B 235 0.49 8.10 -39.82
N CYS B 236 -0.69 7.62 -39.41
CA CYS B 236 -1.12 6.23 -39.74
C CYS B 236 -2.47 6.30 -40.47
N LYS B 237 -2.54 5.73 -41.68
CA LYS B 237 -3.80 5.72 -42.46
C LYS B 237 -4.85 4.90 -41.69
N ASN B 238 -4.71 3.56 -41.69
CA ASN B 238 -5.70 2.67 -41.01
C ASN B 238 -5.44 2.72 -39.50
N VAL B 239 -6.39 3.22 -38.70
CA VAL B 239 -6.23 3.32 -37.22
C VAL B 239 -7.46 2.71 -36.55
N SER B 240 -7.27 1.96 -35.46
CA SER B 240 -8.40 1.39 -34.69
C SER B 240 -8.14 1.72 -33.22
N THR B 241 -8.96 1.16 -32.32
CA THR B 241 -8.74 1.35 -30.85
C THR B 241 -9.20 0.08 -30.12
N VAL B 242 -8.47 -0.32 -29.07
CA VAL B 242 -8.84 -1.53 -28.29
C VAL B 242 -8.76 -1.19 -26.79
N GLN B 243 -9.59 -1.83 -25.98
CA GLN B 243 -9.61 -1.56 -24.51
C GLN B 243 -8.36 -2.16 -23.87
N CYS B 244 -7.93 -3.33 -24.37
CA CYS B 244 -6.68 -3.97 -23.84
C CYS B 244 -5.79 -4.25 -25.04
N THR B 245 -4.47 -4.39 -24.82
CA THR B 245 -3.56 -4.76 -25.93
C THR B 245 -3.73 -6.25 -26.25
N HIS B 246 -3.29 -6.68 -27.44
CA HIS B 246 -3.40 -8.11 -27.81
C HIS B 246 -2.47 -8.87 -26.89
N GLY B 247 -2.64 -10.19 -26.77
CA GLY B 247 -1.71 -11.00 -25.94
C GLY B 247 -0.27 -10.73 -26.34
N ILE B 248 0.54 -10.30 -25.36
CA ILE B 248 1.99 -10.05 -25.60
C ILE B 248 2.79 -10.89 -24.59
N ARG B 249 3.53 -11.88 -25.06
CA ARG B 249 4.36 -12.72 -24.16
C ARG B 249 5.59 -11.93 -23.72
N PRO B 250 6.00 -11.98 -22.43
CA PRO B 250 7.18 -11.28 -21.95
C PRO B 250 8.45 -12.08 -22.31
N VAL B 251 8.76 -12.17 -23.60
CA VAL B 251 9.93 -12.97 -24.07
C VAL B 251 11.17 -12.07 -24.09
N VAL B 252 12.23 -12.47 -23.39
CA VAL B 252 13.51 -11.69 -23.45
C VAL B 252 14.53 -12.54 -24.22
N SER B 253 14.90 -12.10 -25.43
CA SER B 253 15.87 -12.85 -26.26
C SER B 253 16.84 -11.87 -26.91
N THR B 254 17.93 -12.37 -27.49
CA THR B 254 18.95 -11.46 -28.07
C THR B 254 19.24 -11.84 -29.53
N GLN B 255 19.45 -10.84 -30.39
CA GLN B 255 19.86 -11.10 -31.81
C GLN B 255 18.71 -11.74 -32.58
N LEU B 256 17.64 -12.14 -31.88
CA LEU B 256 16.46 -12.78 -32.52
C LEU B 256 15.20 -12.31 -31.79
N LEU B 257 14.02 -12.63 -32.34
CA LEU B 257 12.73 -12.32 -31.66
C LEU B 257 11.90 -13.60 -31.68
N LEU B 258 11.63 -14.20 -30.51
CA LEU B 258 10.94 -15.52 -30.49
C LEU B 258 9.45 -15.37 -30.11
N ASN B 259 8.63 -16.36 -30.47
CA ASN B 259 7.17 -16.33 -30.16
C ASN B 259 6.65 -14.89 -30.20
N GLY B 260 7.05 -14.13 -31.22
CA GLY B 260 6.54 -12.78 -31.37
C GLY B 260 5.45 -12.68 -32.41
N SER B 261 5.23 -11.46 -32.89
CA SER B 261 4.22 -11.18 -33.89
C SER B 261 4.84 -11.18 -35.29
N LEU B 262 3.99 -11.28 -36.31
CA LEU B 262 4.49 -11.32 -37.70
C LEU B 262 4.13 -10.01 -38.41
N ALA B 263 4.95 -9.59 -39.37
CA ALA B 263 4.65 -8.37 -40.15
C ALA B 263 3.51 -8.66 -41.12
N GLU B 264 2.95 -7.62 -41.76
CA GLU B 264 1.79 -7.83 -42.65
C GLU B 264 2.23 -7.76 -44.11
N GLU B 265 1.90 -8.79 -44.90
CA GLU B 265 2.23 -8.82 -46.35
C GLU B 265 3.75 -8.92 -46.56
N GLU B 266 4.53 -8.01 -45.97
CA GLU B 266 6.00 -8.01 -46.23
C GLU B 266 6.77 -7.69 -44.93
N VAL B 267 8.08 -7.98 -44.91
CA VAL B 267 8.92 -7.65 -43.72
C VAL B 267 8.96 -6.14 -43.52
N VAL B 268 9.03 -5.67 -42.27
CA VAL B 268 9.15 -4.20 -42.04
C VAL B 268 10.41 -3.90 -41.21
N ILE B 269 11.21 -2.93 -41.66
CA ILE B 269 12.43 -2.54 -40.89
C ILE B 269 12.08 -1.25 -40.13
N ARG B 270 12.52 -1.13 -38.87
CA ARG B 270 12.14 0.05 -38.05
C ARG B 270 13.35 0.54 -37.25
N SER B 271 13.62 1.85 -37.28
CA SER B 271 14.74 2.42 -36.49
C SER B 271 14.44 3.89 -36.17
N SER B 272 14.90 4.37 -35.01
CA SER B 272 14.73 5.80 -34.67
C SER B 272 15.38 6.64 -35.77
N ASN B 273 16.58 6.22 -36.20
CA ASN B 273 17.35 6.96 -37.21
C ASN B 273 18.20 5.96 -37.97
N PHE B 274 17.63 5.33 -39.00
CA PHE B 274 18.35 4.27 -39.76
C PHE B 274 19.67 4.82 -40.30
N THR B 275 19.64 6.04 -40.83
CA THR B 275 20.87 6.61 -41.44
C THR B 275 21.89 6.80 -40.31
N ASP B 276 21.45 6.72 -39.04
CA ASP B 276 22.42 6.74 -37.91
C ASP B 276 22.87 5.31 -37.70
N ASN B 277 24.13 5.09 -37.34
CA ASN B 277 24.65 3.70 -37.25
C ASN B 277 24.37 3.14 -35.85
N ALA B 278 24.51 3.96 -34.81
CA ALA B 278 24.30 3.49 -33.42
C ALA B 278 22.88 2.95 -33.25
N LYS B 279 21.87 3.76 -33.59
CA LYS B 279 20.44 3.35 -33.43
C LYS B 279 20.29 1.86 -33.80
N ASN B 280 19.78 1.04 -32.87
CA ASN B 280 19.58 -0.40 -33.17
C ASN B 280 18.55 -0.55 -34.29
N ILE B 281 18.75 -1.52 -35.18
CA ILE B 281 17.84 -1.73 -36.29
C ILE B 281 16.86 -2.82 -35.89
N ILE B 282 15.59 -2.47 -35.76
CA ILE B 282 14.55 -3.47 -35.37
C ILE B 282 13.91 -4.04 -36.65
N VAL B 283 13.83 -5.37 -36.74
CA VAL B 283 13.27 -6.03 -37.96
C VAL B 283 12.10 -6.92 -37.54
N GLN B 284 11.02 -6.95 -38.34
CA GLN B 284 9.87 -7.84 -38.05
C GLN B 284 9.63 -8.75 -39.25
N LEU B 285 9.85 -10.06 -39.09
CA LEU B 285 9.69 -11.02 -40.22
C LEU B 285 8.21 -11.17 -40.54
N LYS B 286 7.86 -11.44 -41.80
CA LYS B 286 6.44 -11.64 -42.18
C LYS B 286 6.10 -13.14 -42.09
N GLU B 287 7.12 -14.01 -42.05
CA GLU B 287 6.87 -15.47 -41.96
C GLU B 287 7.59 -16.01 -40.72
N SER B 288 7.05 -17.08 -40.10
CA SER B 288 7.65 -17.63 -38.86
C SER B 288 8.69 -18.70 -39.21
N VAL B 289 9.90 -18.57 -38.67
CA VAL B 289 10.96 -19.60 -38.89
C VAL B 289 11.04 -20.47 -37.63
N GLU B 290 10.62 -21.73 -37.73
CA GLU B 290 10.62 -22.62 -36.54
C GLU B 290 12.06 -22.90 -36.12
N ILE B 291 12.36 -22.81 -34.83
CA ILE B 291 13.74 -23.06 -34.34
C ILE B 291 13.67 -24.18 -33.28
N ASN B 292 13.96 -25.42 -33.70
CA ASN B 292 13.87 -26.58 -32.77
C ASN B 292 15.11 -26.60 -31.87
N CYS B 293 14.92 -26.30 -30.58
CA CYS B 293 16.04 -26.24 -29.66
C CYS B 293 15.79 -27.18 -28.49
N THR B 294 16.87 -27.85 -28.06
CA THR B 294 16.71 -28.86 -26.99
C THR B 294 18.06 -29.17 -26.34
N ARG B 295 18.07 -29.48 -25.05
CA ARG B 295 19.32 -29.94 -24.40
C ARG B 295 19.21 -31.46 -24.41
N PRO B 296 19.94 -32.19 -25.28
CA PRO B 296 19.74 -33.64 -25.40
C PRO B 296 20.53 -34.42 -24.33
N ASN B 297 20.22 -34.18 -23.06
CA ASN B 297 20.90 -34.89 -21.94
C ASN B 297 19.89 -35.23 -20.86
N ASN B 298 20.03 -36.37 -20.18
CA ASN B 298 19.13 -36.72 -19.03
C ASN B 298 19.90 -36.24 -17.79
N ASN B 299 19.42 -35.19 -17.10
CA ASN B 299 20.19 -34.60 -16.01
C ASN B 299 19.58 -34.92 -14.66
N THR B 300 20.38 -35.50 -13.78
CA THR B 300 19.98 -35.70 -12.39
C THR B 300 20.08 -34.37 -11.65
N ARG B 301 19.04 -34.02 -10.91
CA ARG B 301 18.94 -32.71 -10.28
C ARG B 301 19.29 -32.85 -8.80
N LYS B 302 20.57 -32.77 -8.48
CA LYS B 302 21.04 -32.86 -7.07
C LYS B 302 20.71 -31.55 -6.33
N SER B 303 20.54 -31.62 -5.00
CA SER B 303 20.27 -30.41 -4.18
C SER B 303 21.19 -30.40 -2.95
N ILE B 304 21.84 -29.27 -2.67
CA ILE B 304 22.79 -29.18 -1.52
C ILE B 304 22.24 -28.18 -0.50
N HIS B 305 21.92 -28.63 0.71
CA HIS B 305 21.35 -27.71 1.74
C HIS B 305 22.48 -26.86 2.31
N ILE B 306 22.41 -25.54 2.10
CA ILE B 306 23.46 -24.61 2.62
C ILE B 306 22.76 -23.55 3.48
N GLY B 307 22.64 -23.79 4.79
CA GLY B 307 21.95 -22.83 5.68
C GLY B 307 20.55 -23.31 6.02
N PRO B 308 19.93 -22.83 7.12
CA PRO B 308 18.62 -23.32 7.54
C PRO B 308 17.53 -23.01 6.49
N GLY B 309 16.86 -24.05 5.98
CA GLY B 309 15.82 -23.85 4.96
C GLY B 309 16.38 -23.19 3.72
N ARG B 310 17.65 -23.46 3.39
CA ARG B 310 18.30 -22.86 2.19
C ARG B 310 19.00 -23.98 1.42
N ALA B 311 18.35 -24.51 0.37
CA ALA B 311 18.93 -25.65 -0.38
C ALA B 311 19.43 -25.16 -1.75
N PHE B 312 20.73 -25.28 -2.01
CA PHE B 312 21.27 -24.91 -3.34
C PHE B 312 20.99 -26.05 -4.33
N TYR B 313 20.32 -25.72 -5.43
CA TYR B 313 19.95 -26.78 -6.42
C TYR B 313 21.03 -26.83 -7.49
N THR B 314 21.53 -28.03 -7.79
CA THR B 314 22.61 -28.19 -8.78
C THR B 314 22.38 -29.45 -9.62
N THR B 315 23.43 -30.00 -10.23
CA THR B 315 23.30 -31.24 -11.03
C THR B 315 24.20 -32.33 -10.44
N GLY B 316 23.63 -33.50 -10.16
CA GLY B 316 24.43 -34.61 -9.59
C GLY B 316 25.16 -35.39 -10.65
N ASP B 317 24.46 -35.81 -11.72
CA ASP B 317 25.08 -36.66 -12.77
C ASP B 317 24.33 -36.49 -14.10
N ILE B 318 25.06 -36.52 -15.21
CA ILE B 318 24.40 -36.45 -16.55
C ILE B 318 24.15 -37.90 -17.00
N ILE B 319 22.92 -38.39 -16.82
CA ILE B 319 22.60 -39.81 -17.18
C ILE B 319 22.96 -40.04 -18.65
N GLY B 320 23.73 -41.10 -18.94
CA GLY B 320 24.15 -41.37 -20.32
C GLY B 320 25.38 -40.55 -20.69
N ASP B 321 25.72 -40.52 -21.98
CA ASP B 321 26.88 -39.70 -22.44
C ASP B 321 26.46 -38.23 -22.53
N ILE B 322 27.43 -37.31 -22.55
CA ILE B 322 27.09 -35.87 -22.54
C ILE B 322 27.01 -35.36 -23.98
N ARG B 323 25.89 -34.73 -24.36
CA ARG B 323 25.71 -34.20 -25.74
C ARG B 323 25.46 -32.69 -25.64
N GLN B 324 26.10 -31.91 -26.53
CA GLN B 324 25.95 -30.43 -26.50
C GLN B 324 24.54 -30.05 -26.99
N ALA B 325 23.98 -28.95 -26.47
CA ALA B 325 22.66 -28.48 -26.92
C ALA B 325 22.78 -27.91 -28.34
N HIS B 326 21.68 -27.91 -29.10
CA HIS B 326 21.76 -27.45 -30.51
C HIS B 326 20.39 -26.99 -31.00
N CYS B 327 20.35 -26.11 -32.01
CA CYS B 327 19.07 -25.57 -32.52
C CYS B 327 18.97 -25.86 -34.02
N ASN B 328 17.75 -26.12 -34.51
CA ASN B 328 17.59 -26.52 -35.93
C ASN B 328 16.93 -25.39 -36.71
N ILE B 329 17.58 -24.92 -37.77
CA ILE B 329 17.02 -23.83 -38.62
C ILE B 329 16.88 -24.36 -40.05
N SER B 330 15.72 -24.17 -40.68
CA SER B 330 15.56 -24.56 -42.10
C SER B 330 16.55 -23.77 -42.95
N ARG B 331 17.57 -24.44 -43.48
CA ARG B 331 18.63 -23.74 -44.25
C ARG B 331 18.00 -22.93 -45.38
N THR B 332 17.05 -23.53 -46.11
CA THR B 332 16.40 -22.84 -47.25
C THR B 332 15.55 -21.67 -46.74
N LYS B 333 14.64 -21.94 -45.80
CA LYS B 333 13.73 -20.89 -45.28
C LYS B 333 14.57 -19.69 -44.80
N TRP B 334 15.65 -19.96 -44.07
CA TRP B 334 16.46 -18.87 -43.48
C TRP B 334 17.11 -18.07 -44.62
N ASN B 335 17.63 -18.76 -45.62
CA ASN B 335 18.17 -18.04 -46.79
C ASN B 335 17.09 -17.10 -47.31
N ASN B 336 15.92 -17.68 -47.66
CA ASN B 336 14.82 -16.86 -48.22
C ASN B 336 14.55 -15.68 -47.28
N THR B 337 14.43 -15.93 -45.98
CA THR B 337 14.06 -14.82 -45.05
C THR B 337 15.17 -13.77 -45.05
N LEU B 338 16.43 -14.20 -44.99
CA LEU B 338 17.56 -13.25 -45.01
C LEU B 338 17.50 -12.44 -46.32
N ASN B 339 17.21 -13.11 -47.43
CA ASN B 339 17.11 -12.42 -48.75
C ASN B 339 16.00 -11.37 -48.66
N GLN B 340 14.87 -11.72 -48.05
CA GLN B 340 13.75 -10.77 -47.89
C GLN B 340 14.24 -9.51 -47.18
N ILE B 341 14.81 -9.65 -45.97
CA ILE B 341 15.24 -8.44 -45.22
C ILE B 341 16.32 -7.72 -46.03
N ALA B 342 17.27 -8.48 -46.61
CA ALA B 342 18.32 -7.87 -47.46
C ALA B 342 17.66 -6.91 -48.45
N THR B 343 16.65 -7.39 -49.18
CA THR B 343 15.96 -6.55 -50.20
C THR B 343 15.46 -5.26 -49.51
N LYS B 344 14.78 -5.42 -48.37
CA LYS B 344 14.28 -4.24 -47.62
C LYS B 344 15.47 -3.36 -47.21
N LEU B 345 16.60 -3.98 -46.88
CA LEU B 345 17.80 -3.20 -46.46
C LEU B 345 18.27 -2.37 -47.66
N LYS B 346 18.22 -2.95 -48.87
CA LYS B 346 18.57 -2.14 -50.08
C LYS B 346 17.55 -1.00 -50.18
N GLU B 347 16.26 -1.34 -50.10
CA GLU B 347 15.19 -0.32 -50.19
C GLU B 347 15.44 0.77 -49.15
N GLN B 348 16.36 0.54 -48.21
CA GLN B 348 16.57 1.53 -47.12
C GLN B 348 17.83 2.36 -47.40
N PHE B 349 18.83 1.78 -48.06
CA PHE B 349 20.11 2.50 -48.27
C PHE B 349 20.53 2.42 -49.74
N GLY B 350 19.57 2.25 -50.64
CA GLY B 350 19.87 2.23 -52.08
C GLY B 350 20.34 0.85 -52.55
N ASN B 351 19.87 0.42 -53.71
CA ASN B 351 20.27 -0.89 -54.27
C ASN B 351 21.79 -0.87 -54.49
N ASN B 352 22.36 0.31 -54.77
CA ASN B 352 23.82 0.40 -55.05
C ASN B 352 24.59 -0.30 -53.93
N LYS B 353 24.17 -0.09 -52.68
CA LYS B 353 24.90 -0.69 -51.52
C LYS B 353 24.63 -2.19 -51.43
N THR B 354 25.67 -2.99 -51.19
CA THR B 354 25.52 -4.46 -51.05
C THR B 354 25.18 -4.80 -49.60
N ILE B 355 24.35 -5.81 -49.37
CA ILE B 355 23.96 -6.22 -47.99
C ILE B 355 24.98 -7.24 -47.48
N VAL B 356 25.66 -6.92 -46.39
CA VAL B 356 26.66 -7.86 -45.79
C VAL B 356 26.19 -8.24 -44.39
N PHE B 357 25.61 -9.43 -44.23
CA PHE B 357 25.20 -9.90 -42.88
C PHE B 357 26.44 -10.47 -42.18
N ASN B 358 27.11 -9.67 -41.35
CA ASN B 358 28.33 -10.15 -40.65
C ASN B 358 27.95 -10.66 -39.27
N GLN B 359 28.89 -11.32 -38.59
CA GLN B 359 28.62 -11.88 -37.23
C GLN B 359 28.68 -10.76 -36.19
N SER B 360 28.20 -11.01 -34.97
CA SER B 360 28.19 -9.98 -33.90
C SER B 360 29.59 -9.40 -33.73
N SER B 361 29.69 -8.07 -33.58
CA SER B 361 31.02 -7.40 -33.44
C SER B 361 31.75 -7.93 -32.20
N GLY B 362 31.08 -7.92 -31.05
CA GLY B 362 31.74 -8.36 -29.79
C GLY B 362 31.10 -7.72 -28.58
N GLY B 363 31.58 -8.05 -27.38
CA GLY B 363 30.98 -7.51 -26.14
C GLY B 363 30.56 -8.61 -25.19
N ASP B 364 29.50 -8.38 -24.40
CA ASP B 364 29.03 -9.39 -23.41
C ASP B 364 28.44 -10.58 -24.15
N PRO B 365 28.62 -11.83 -23.64
CA PRO B 365 28.11 -13.03 -24.31
C PRO B 365 26.61 -12.89 -24.58
N GLU B 366 25.86 -12.36 -23.61
CA GLU B 366 24.39 -12.20 -23.79
C GLU B 366 24.12 -11.70 -25.21
N ILE B 367 24.92 -10.74 -25.68
CA ILE B 367 24.69 -10.14 -27.03
C ILE B 367 25.49 -10.92 -28.07
N VAL B 368 26.74 -11.29 -27.75
CA VAL B 368 27.61 -11.99 -28.74
C VAL B 368 26.89 -13.26 -29.24
N MET B 369 26.32 -14.04 -28.32
CA MET B 369 25.68 -15.32 -28.73
C MET B 369 24.15 -15.18 -28.59
N HIS B 370 23.41 -15.49 -29.66
CA HIS B 370 21.93 -15.48 -29.54
C HIS B 370 21.59 -16.24 -28.26
N SER B 371 21.15 -15.52 -27.22
CA SER B 371 20.89 -16.19 -25.92
C SER B 371 19.42 -16.02 -25.54
N PHE B 372 18.71 -17.14 -25.35
CA PHE B 372 17.29 -17.09 -24.93
C PHE B 372 17.08 -18.06 -23.77
N ASN B 373 15.85 -18.18 -23.27
CA ASN B 373 15.55 -19.12 -22.16
C ASN B 373 14.59 -20.20 -22.67
N CYS B 374 15.05 -21.46 -22.71
CA CYS B 374 14.18 -22.58 -23.15
C CYS B 374 13.93 -23.54 -21.98
N GLY B 375 12.66 -23.78 -21.64
CA GLY B 375 12.32 -24.71 -20.55
C GLY B 375 12.95 -24.31 -19.22
N GLY B 376 13.00 -23.01 -18.94
CA GLY B 376 13.53 -22.53 -17.64
C GLY B 376 15.05 -22.62 -17.59
N GLU B 377 15.69 -22.93 -18.72
CA GLU B 377 17.18 -22.96 -18.77
C GLU B 377 17.64 -22.01 -19.87
N PHE B 378 18.66 -21.19 -19.59
CA PHE B 378 19.10 -20.17 -20.59
C PHE B 378 20.18 -20.78 -21.51
N PHE B 379 19.97 -20.68 -22.83
CA PHE B 379 20.92 -21.30 -23.79
C PHE B 379 21.67 -20.22 -24.56
N TYR B 380 22.98 -20.40 -24.76
CA TYR B 380 23.79 -19.44 -25.58
C TYR B 380 24.16 -20.16 -26.87
N CYS B 381 23.63 -19.69 -28.00
CA CYS B 381 23.84 -20.38 -29.27
C CYS B 381 24.69 -19.55 -30.20
N ASN B 382 25.76 -20.15 -30.74
CA ASN B 382 26.65 -19.46 -31.69
C ASN B 382 25.79 -19.05 -32.89
N SER B 383 25.86 -17.78 -33.33
CA SER B 383 24.97 -17.33 -34.43
C SER B 383 25.78 -16.99 -35.68
N THR B 384 27.05 -17.38 -35.73
CA THR B 384 27.93 -17.01 -36.87
C THR B 384 27.33 -17.59 -38.16
N GLN B 385 26.80 -18.80 -38.11
CA GLN B 385 26.23 -19.46 -39.32
C GLN B 385 25.06 -18.65 -39.87
N LEU B 386 24.23 -18.09 -38.99
CA LEU B 386 23.00 -17.36 -39.45
C LEU B 386 23.39 -15.96 -39.93
N PHE B 387 24.58 -15.48 -39.57
CA PHE B 387 25.01 -14.11 -39.94
C PHE B 387 26.34 -14.18 -40.69
N ASN B 388 26.40 -15.01 -41.73
CA ASN B 388 27.64 -15.19 -42.53
C ASN B 388 27.20 -15.36 -43.98
N SER B 389 26.88 -14.24 -44.65
CA SER B 389 26.38 -14.30 -46.06
C SER B 389 26.38 -12.91 -46.69
N THR B 390 27.11 -12.72 -47.79
CA THR B 390 27.08 -11.42 -48.51
C THR B 390 26.05 -11.54 -49.65
N TRP B 391 24.87 -10.93 -49.48
CA TRP B 391 23.80 -11.08 -50.49
C TRP B 391 24.20 -10.44 -51.82
N ASN B 392 24.84 -9.27 -51.78
CA ASN B 392 25.30 -8.54 -53.01
C ASN B 392 24.18 -8.53 -54.07
N PHE B 393 23.25 -7.59 -53.96
CA PHE B 393 22.12 -7.50 -54.92
C PHE B 393 22.64 -7.55 -56.35
N ASN B 394 23.84 -7.02 -56.62
CA ASN B 394 24.30 -7.01 -58.03
C ASN B 394 24.26 -8.47 -58.43
N GLY B 395 24.56 -9.35 -57.46
CA GLY B 395 24.36 -10.78 -57.74
C GLY B 395 22.89 -11.08 -58.02
N THR B 396 22.60 -11.79 -59.10
CA THR B 396 21.18 -12.01 -59.48
C THR B 396 20.66 -13.33 -58.89
N TRP B 397 19.53 -13.29 -58.19
CA TRP B 397 18.91 -14.50 -57.62
C TRP B 397 17.42 -14.24 -57.32
N ASN B 398 16.65 -15.32 -57.17
CA ASN B 398 15.19 -15.22 -56.91
C ASN B 398 14.92 -15.80 -55.51
N LEU B 399 14.29 -16.98 -55.41
CA LEU B 399 13.98 -17.66 -54.14
C LEU B 399 14.69 -19.02 -54.11
N THR B 400 15.03 -19.52 -52.93
CA THR B 400 15.67 -20.85 -52.83
C THR B 400 14.64 -21.86 -52.29
N GLN B 401 14.38 -22.93 -53.04
CA GLN B 401 13.43 -23.98 -52.56
C GLN B 401 14.25 -25.17 -52.04
N SER B 402 13.62 -26.04 -51.25
CA SER B 402 14.34 -27.21 -50.68
C SER B 402 13.99 -28.50 -51.45
N ASN B 403 14.71 -28.78 -52.54
CA ASN B 403 14.47 -30.06 -53.26
C ASN B 403 14.88 -31.21 -52.34
N GLY B 404 16.02 -31.07 -51.65
CA GLY B 404 16.46 -32.10 -50.69
C GLY B 404 15.90 -31.84 -49.31
N THR B 405 14.61 -32.13 -49.10
CA THR B 405 13.96 -31.85 -47.80
C THR B 405 14.63 -32.65 -46.68
N GLU B 406 14.95 -33.92 -46.94
CA GLU B 406 15.53 -34.80 -45.88
C GLU B 406 17.02 -34.52 -45.74
N GLY B 407 17.43 -33.88 -44.64
CA GLY B 407 18.86 -33.64 -44.38
C GLY B 407 19.36 -32.36 -45.04
N ASN B 408 20.50 -31.84 -44.57
CA ASN B 408 21.11 -30.62 -45.19
C ASN B 408 20.16 -29.43 -45.05
N ASP B 409 19.17 -29.52 -44.15
CA ASP B 409 18.18 -28.43 -43.97
C ASP B 409 18.16 -28.00 -42.49
N THR B 410 19.20 -28.36 -41.73
CA THR B 410 19.19 -28.05 -40.28
C THR B 410 20.49 -27.33 -39.89
N ILE B 411 20.53 -26.01 -40.06
CA ILE B 411 21.72 -25.23 -39.60
C ILE B 411 21.86 -25.47 -38.09
N THR B 412 22.65 -26.48 -37.70
CA THR B 412 22.71 -26.82 -36.25
C THR B 412 23.48 -25.71 -35.53
N LEU B 413 22.79 -25.01 -34.62
CA LEU B 413 23.45 -23.91 -33.88
C LEU B 413 24.21 -24.50 -32.68
N PRO B 414 25.56 -24.44 -32.61
CA PRO B 414 26.28 -24.91 -31.44
C PRO B 414 25.77 -24.10 -30.24
N CYS B 415 24.93 -24.71 -29.39
CA CYS B 415 24.33 -23.97 -28.26
C CYS B 415 25.02 -24.35 -26.94
N ARG B 416 25.51 -23.36 -26.19
CA ARG B 416 26.12 -23.62 -24.86
C ARG B 416 25.07 -23.29 -23.80
N ILE B 417 25.29 -23.71 -22.55
CA ILE B 417 24.28 -23.48 -21.48
C ILE B 417 24.88 -22.62 -20.37
N LYS B 418 24.10 -21.67 -19.84
CA LYS B 418 24.57 -20.79 -18.74
C LYS B 418 23.50 -20.78 -17.64
N GLN B 419 23.90 -20.70 -16.37
CA GLN B 419 22.94 -20.75 -15.24
C GLN B 419 22.97 -19.41 -14.48
N ILE B 420 24.09 -18.70 -14.56
CA ILE B 420 24.25 -17.41 -13.83
C ILE B 420 24.02 -16.30 -14.85
N ILE B 421 22.82 -15.74 -14.87
CA ILE B 421 22.49 -14.65 -15.84
C ILE B 421 22.93 -13.33 -15.21
N ASN B 422 23.78 -12.58 -15.89
CA ASN B 422 24.14 -11.22 -15.37
C ASN B 422 22.93 -10.31 -15.59
N MET B 423 22.72 -9.34 -14.68
CA MET B 423 21.61 -8.37 -14.89
C MET B 423 21.96 -7.57 -16.15
N TRP B 424 20.95 -7.09 -16.87
CA TRP B 424 21.20 -6.40 -18.17
C TRP B 424 21.40 -4.90 -17.94
N GLN B 425 20.88 -4.39 -16.82
CA GLN B 425 20.96 -2.94 -16.55
C GLN B 425 22.04 -2.64 -15.50
N GLU B 426 22.16 -3.47 -14.46
CA GLU B 426 23.12 -3.14 -13.38
C GLU B 426 24.15 -4.26 -13.18
N VAL B 427 25.37 -3.89 -12.79
CA VAL B 427 26.45 -4.89 -12.55
C VAL B 427 25.97 -5.91 -11.52
N GLY B 428 25.27 -5.47 -10.47
CA GLY B 428 24.86 -6.41 -9.41
C GLY B 428 23.56 -7.14 -9.73
N LYS B 429 22.94 -7.74 -8.71
CA LYS B 429 21.65 -8.46 -8.89
C LYS B 429 21.80 -9.57 -9.92
N ALA B 430 22.84 -10.41 -9.79
CA ALA B 430 22.98 -11.58 -10.70
C ALA B 430 22.01 -12.67 -10.26
N MET B 431 21.62 -13.56 -11.19
CA MET B 431 20.61 -14.60 -10.84
C MET B 431 21.11 -15.99 -11.23
N TYR B 432 20.86 -16.99 -10.40
CA TYR B 432 21.26 -18.40 -10.68
C TYR B 432 20.03 -19.18 -11.10
N ALA B 433 20.17 -19.99 -12.15
CA ALA B 433 19.03 -20.84 -12.59
C ALA B 433 19.24 -22.26 -12.07
N PRO B 434 18.40 -22.76 -11.14
CA PRO B 434 18.51 -24.14 -10.65
C PRO B 434 18.38 -25.10 -11.84
N PRO B 435 19.31 -26.07 -12.03
CA PRO B 435 19.26 -26.96 -13.19
C PRO B 435 17.90 -27.65 -13.35
N ILE B 436 17.45 -27.84 -14.59
CA ILE B 436 16.17 -28.56 -14.83
C ILE B 436 16.50 -30.06 -14.99
N ARG B 437 15.59 -30.93 -14.57
CA ARG B 437 15.84 -32.40 -14.64
C ARG B 437 15.35 -32.94 -15.98
N GLY B 438 16.13 -33.82 -16.61
CA GLY B 438 15.75 -34.44 -17.90
C GLY B 438 16.12 -33.58 -19.09
N GLN B 439 15.57 -33.89 -20.27
CA GLN B 439 15.92 -33.12 -21.50
C GLN B 439 15.03 -31.87 -21.58
N ILE B 440 15.64 -30.72 -21.92
CA ILE B 440 14.88 -29.45 -22.01
C ILE B 440 14.63 -29.15 -23.49
N ARG B 441 13.41 -29.35 -23.98
CA ARG B 441 13.13 -29.19 -25.43
C ARG B 441 12.16 -28.03 -25.67
N CYS B 442 12.30 -27.33 -26.80
CA CYS B 442 11.41 -26.19 -27.16
C CYS B 442 11.39 -25.97 -28.66
N SER B 443 10.39 -25.21 -29.15
CA SER B 443 10.28 -24.91 -30.60
C SER B 443 9.70 -23.51 -30.75
N SER B 444 10.53 -22.48 -30.58
CA SER B 444 10.03 -21.08 -30.63
C SER B 444 9.72 -20.67 -32.07
N ASN B 445 9.13 -19.49 -32.25
CA ASN B 445 8.79 -18.98 -33.61
C ASN B 445 9.62 -17.72 -33.87
N ILE B 446 10.69 -17.82 -34.66
CA ILE B 446 11.49 -16.61 -35.01
C ILE B 446 10.54 -15.62 -35.70
N THR B 447 10.55 -14.35 -35.26
CA THR B 447 9.58 -13.36 -35.81
C THR B 447 10.25 -12.02 -36.08
N GLY B 448 11.59 -11.97 -36.08
CA GLY B 448 12.28 -10.72 -36.41
C GLY B 448 13.72 -10.69 -35.90
N LEU B 449 14.43 -9.57 -36.08
CA LEU B 449 15.85 -9.54 -35.70
C LEU B 449 16.25 -8.13 -35.21
N ILE B 450 17.23 -8.05 -34.30
CA ILE B 450 17.75 -6.71 -33.87
C ILE B 450 19.13 -6.57 -34.53
N LEU B 451 19.35 -5.49 -35.29
CA LEU B 451 20.64 -5.40 -36.03
C LEU B 451 21.41 -4.15 -35.66
N THR B 452 22.69 -4.06 -36.06
CA THR B 452 23.54 -2.87 -35.81
C THR B 452 24.32 -2.51 -37.08
N ARG B 453 24.08 -1.33 -37.64
CA ARG B 453 24.84 -0.87 -38.83
C ARG B 453 26.20 -0.36 -38.34
N ASP B 454 27.26 -0.56 -39.12
CA ASP B 454 28.61 -0.15 -38.71
C ASP B 454 29.13 0.92 -39.69
N GLY B 455 28.94 2.19 -39.35
CA GLY B 455 29.43 3.29 -40.22
C GLY B 455 30.93 3.18 -40.43
N GLY B 456 31.38 3.24 -41.69
CA GLY B 456 32.81 3.10 -41.99
C GLY B 456 33.08 3.04 -43.49
N ASN B 457 34.30 2.68 -43.87
CA ASN B 457 34.68 2.63 -45.31
C ASN B 457 33.84 1.58 -46.03
N ASN B 458 33.35 0.57 -45.29
CA ASN B 458 32.55 -0.51 -45.92
C ASN B 458 31.40 0.10 -46.73
N HIS B 459 30.72 1.10 -46.16
CA HIS B 459 29.58 1.76 -46.86
C HIS B 459 30.11 2.43 -48.12
N ASN B 460 31.24 3.15 -47.99
CA ASN B 460 31.87 3.76 -49.18
C ASN B 460 32.28 2.63 -50.12
N ASN B 461 32.55 1.44 -49.56
CA ASN B 461 32.95 0.27 -50.39
C ASN B 461 31.71 -0.41 -50.98
N ASP B 462 30.56 0.30 -51.05
CA ASP B 462 29.35 -0.23 -51.72
C ASP B 462 28.77 -1.41 -50.94
N THR B 463 28.94 -1.42 -49.61
CA THR B 463 28.47 -2.56 -48.77
C THR B 463 27.87 -2.07 -47.45
N GLU B 464 26.69 -2.58 -47.07
CA GLU B 464 26.07 -2.22 -45.76
C GLU B 464 26.36 -3.34 -44.78
N THR B 465 27.20 -3.10 -43.77
CA THR B 465 27.56 -4.22 -42.85
C THR B 465 26.61 -4.24 -41.66
N PHE B 466 25.70 -5.23 -41.61
CA PHE B 466 24.72 -5.31 -40.50
C PHE B 466 25.08 -6.47 -39.57
N ARG B 467 25.25 -6.20 -38.28
CA ARG B 467 25.65 -7.26 -37.33
C ARG B 467 24.56 -7.41 -36.26
N PRO B 468 24.21 -8.64 -35.82
CA PRO B 468 23.12 -8.85 -34.86
C PRO B 468 23.40 -8.14 -33.54
N GLY B 469 22.33 -7.75 -32.81
CA GLY B 469 22.51 -7.01 -31.55
C GLY B 469 21.45 -7.37 -30.53
N GLY B 470 21.59 -6.86 -29.30
CA GLY B 470 20.62 -7.14 -28.23
C GLY B 470 21.05 -6.50 -26.92
N GLY B 471 20.54 -7.01 -25.79
CA GLY B 471 20.96 -6.49 -24.47
C GLY B 471 20.09 -5.34 -24.00
N ASP B 472 19.19 -4.85 -24.85
CA ASP B 472 18.26 -3.76 -24.45
C ASP B 472 16.83 -4.30 -24.51
N MET B 473 16.28 -4.69 -23.36
CA MET B 473 14.92 -5.29 -23.35
C MET B 473 13.93 -4.33 -24.00
N ARG B 474 14.14 -3.02 -23.84
CA ARG B 474 13.12 -2.07 -24.36
C ARG B 474 12.77 -2.48 -25.80
N ASP B 475 13.76 -2.95 -26.56
CA ASP B 475 13.53 -3.32 -27.98
C ASP B 475 12.51 -4.46 -28.06
N ASN B 476 12.60 -5.46 -27.18
CA ASN B 476 11.69 -6.62 -27.22
C ASN B 476 10.25 -6.12 -27.09
N TRP B 477 10.00 -5.24 -26.12
CA TRP B 477 8.61 -4.74 -25.89
C TRP B 477 8.21 -3.85 -27.06
N ARG B 478 9.15 -3.07 -27.59
CA ARG B 478 8.85 -2.22 -28.78
C ARG B 478 8.38 -3.11 -29.93
N SER B 479 8.95 -4.30 -30.06
CA SER B 479 8.60 -5.22 -31.18
C SER B 479 7.15 -5.69 -31.04
N GLU B 480 6.53 -5.49 -29.87
CA GLU B 480 5.15 -6.01 -29.65
C GLU B 480 4.16 -4.87 -29.47
N LEU B 481 4.61 -3.73 -28.92
CA LEU B 481 3.71 -2.57 -28.69
C LEU B 481 3.81 -1.61 -29.88
N TYR B 482 4.55 -2.00 -30.92
CA TYR B 482 4.77 -1.11 -32.09
C TYR B 482 3.44 -0.53 -32.57
N LYS B 483 2.37 -1.31 -32.53
CA LYS B 483 1.07 -0.83 -33.08
C LYS B 483 0.14 -0.39 -31.95
N TYR B 484 0.68 0.28 -30.93
CA TYR B 484 -0.15 0.68 -29.75
C TYR B 484 0.21 2.09 -29.29
N LYS B 485 -0.80 2.86 -28.87
CA LYS B 485 -0.59 4.24 -28.37
C LYS B 485 -1.70 4.58 -27.37
N VAL B 486 -1.37 4.63 -26.08
CA VAL B 486 -2.38 4.92 -25.02
C VAL B 486 -2.76 6.40 -25.08
N VAL B 487 -4.06 6.69 -25.04
CA VAL B 487 -4.55 8.12 -25.06
C VAL B 487 -5.69 8.23 -24.04
N LYS B 488 -5.81 9.38 -23.39
CA LYS B 488 -6.91 9.60 -22.40
C LYS B 488 -8.15 10.12 -23.14
N ILE B 489 -9.33 9.59 -22.82
CA ILE B 489 -10.59 10.07 -23.45
C ILE B 489 -11.22 11.12 -22.54
N GLU B 490 -11.25 12.38 -22.99
CA GLU B 490 -11.92 13.45 -22.19
C GLU B 490 -13.33 13.64 -22.74
N PRO B 491 -14.38 13.11 -22.07
CA PRO B 491 -15.76 13.19 -22.58
C PRO B 491 -16.25 14.65 -22.56
N LEU B 492 -15.55 15.53 -21.84
CA LEU B 492 -15.99 16.94 -21.71
C LEU B 492 -15.79 17.67 -23.04
N GLY B 493 -16.74 18.51 -23.43
CA GLY B 493 -16.63 19.28 -24.69
C GLY B 493 -17.49 20.54 -24.66
N VAL B 494 -17.20 21.50 -25.54
CA VAL B 494 -18.03 22.74 -25.63
C VAL B 494 -18.34 22.96 -27.12
N ALA B 495 -19.45 23.65 -27.42
CA ALA B 495 -19.84 23.82 -28.84
C ALA B 495 -20.86 24.95 -28.98
N PRO B 496 -20.68 26.03 -29.79
CA PRO B 496 -21.76 27.01 -29.93
C PRO B 496 -23.01 26.44 -30.63
N THR B 497 -24.19 26.64 -30.05
CA THR B 497 -25.46 26.19 -30.69
C THR B 497 -26.51 27.31 -30.61
N LYS B 498 -27.53 27.26 -31.48
CA LYS B 498 -28.55 28.34 -31.50
C LYS B 498 -29.66 27.99 -30.50
N ALA B 499 -29.29 27.28 -29.42
CA ALA B 499 -30.29 26.93 -28.37
C ALA B 499 -29.86 27.56 -27.04
N LYS B 500 -30.80 28.15 -26.30
CA LYS B 500 -30.48 28.77 -24.99
C LYS B 500 -31.05 27.90 -23.87
N ARG B 501 -30.49 28.01 -22.66
CA ARG B 501 -31.06 27.25 -21.51
C ARG B 501 -32.42 27.89 -21.16
N ARG B 502 -33.51 27.18 -21.43
CA ARG B 502 -34.86 27.75 -21.20
C ARG B 502 -35.28 27.57 -19.74
N VAL B 503 -34.39 27.04 -18.90
CA VAL B 503 -34.71 26.92 -17.44
C VAL B 503 -34.89 28.33 -16.88
N VAL B 504 -34.19 29.32 -17.45
CA VAL B 504 -34.35 30.73 -17.01
C VAL B 504 -35.64 31.29 -17.62
N GLN B 505 -36.08 30.70 -18.74
CA GLN B 505 -37.30 31.21 -19.42
C GLN B 505 -38.55 30.61 -18.75
N ARG B 506 -38.73 30.89 -17.46
CA ARG B 506 -39.93 30.38 -16.72
C ARG B 506 -41.06 31.42 -16.82
N GLU B 507 -42.24 31.08 -16.30
CA GLU B 507 -43.42 32.00 -16.36
C GLU B 507 -44.28 31.81 -15.12
N LYS B 508 -45.35 32.60 -14.99
CA LYS B 508 -46.24 32.53 -13.79
C LYS B 508 -46.45 31.05 -13.43
N PHE C 518 -14.26 -1.49 -24.56
CA PHE C 518 -15.62 -1.64 -23.97
C PHE C 518 -16.60 -2.03 -25.09
N LEU C 519 -16.41 -3.20 -25.70
CA LEU C 519 -17.34 -3.68 -26.76
C LEU C 519 -17.56 -2.57 -27.81
N GLY C 520 -18.68 -1.86 -27.72
CA GLY C 520 -19.00 -0.81 -28.71
C GLY C 520 -18.47 0.55 -28.32
N PHE C 521 -17.43 0.58 -27.47
CA PHE C 521 -16.84 1.87 -27.04
C PHE C 521 -16.70 2.78 -28.27
N LEU C 522 -17.49 3.85 -28.31
CA LEU C 522 -17.47 4.78 -29.48
C LEU C 522 -17.58 3.94 -30.76
N GLY C 523 -18.57 3.05 -30.82
CA GLY C 523 -18.72 2.17 -31.99
C GLY C 523 -18.60 2.95 -33.29
N ALA C 524 -19.20 4.14 -33.35
CA ALA C 524 -19.04 5.01 -34.54
C ALA C 524 -17.95 6.04 -34.25
N ALA C 525 -16.97 6.17 -35.15
CA ALA C 525 -15.85 7.11 -34.93
C ALA C 525 -16.34 8.56 -35.05
N GLY C 526 -15.50 9.52 -34.65
CA GLY C 526 -15.90 10.93 -34.69
C GLY C 526 -15.97 11.45 -36.12
N SER C 527 -17.17 11.64 -36.65
CA SER C 527 -17.34 12.21 -38.01
C SER C 527 -17.62 13.71 -37.89
N THR C 528 -18.20 14.32 -38.92
CA THR C 528 -18.57 15.75 -38.81
C THR C 528 -19.41 15.90 -37.54
N MET C 529 -19.15 16.93 -36.73
CA MET C 529 -19.87 17.03 -35.42
C MET C 529 -21.37 16.78 -35.66
N GLY C 530 -21.93 17.27 -36.76
CA GLY C 530 -23.34 17.02 -37.08
C GLY C 530 -23.64 15.53 -37.22
N VAL C 531 -23.02 14.86 -38.19
CA VAL C 531 -23.23 13.40 -38.40
C VAL C 531 -22.95 12.68 -37.07
N ALA C 532 -21.88 13.08 -36.37
CA ALA C 532 -21.57 12.47 -35.06
C ALA C 532 -22.70 12.79 -34.07
N SER C 533 -23.26 14.01 -34.15
CA SER C 533 -24.34 14.42 -33.21
C SER C 533 -25.68 13.91 -33.73
N MET C 534 -25.68 12.81 -34.49
CA MET C 534 -26.97 12.21 -34.92
C MET C 534 -27.51 11.40 -33.74
N THR C 535 -28.33 10.38 -34.02
CA THR C 535 -28.78 9.49 -32.91
C THR C 535 -27.53 8.85 -32.30
N LEU C 536 -26.44 8.81 -33.08
CA LEU C 536 -25.18 8.16 -32.60
C LEU C 536 -24.79 8.76 -31.25
N THR C 537 -24.61 10.07 -31.15
CA THR C 537 -24.10 10.64 -29.87
C THR C 537 -25.01 10.20 -28.72
N VAL C 538 -26.32 10.40 -28.85
CA VAL C 538 -27.24 10.07 -27.72
C VAL C 538 -27.07 8.59 -27.35
N GLN C 539 -26.96 7.72 -28.35
CA GLN C 539 -26.88 6.25 -28.07
C GLN C 539 -25.44 5.89 -27.66
N ALA C 540 -24.48 6.08 -28.56
CA ALA C 540 -23.08 5.66 -28.26
C ALA C 540 -22.68 6.14 -26.87
N ARG C 541 -23.02 7.38 -26.51
CA ARG C 541 -22.57 7.93 -25.21
C ARG C 541 -23.16 7.09 -24.06
N GLN C 542 -24.47 6.88 -24.07
CA GLN C 542 -25.12 6.03 -23.03
C GLN C 542 -24.53 4.62 -23.12
N LEU C 543 -24.38 4.09 -24.34
CA LEU C 543 -23.82 2.73 -24.52
C LEU C 543 -22.43 2.68 -23.89
N LEU C 544 -21.59 3.69 -24.19
CA LEU C 544 -20.23 3.74 -23.62
C LEU C 544 -20.33 3.78 -22.09
N SER C 545 -21.06 4.75 -21.55
CA SER C 545 -21.24 4.86 -20.09
C SER C 545 -21.77 3.52 -19.56
N GLY C 546 -22.71 2.90 -20.28
CA GLY C 546 -23.28 1.61 -19.85
C GLY C 546 -22.23 0.52 -19.84
N ILE C 547 -21.53 0.32 -20.95
CA ILE C 547 -20.52 -0.78 -21.04
C ILE C 547 -19.34 -0.44 -20.12
N VAL C 548 -19.02 0.84 -19.95
CA VAL C 548 -17.95 1.22 -18.99
C VAL C 548 -18.38 0.69 -17.61
N GLN C 549 -19.62 0.94 -17.23
CA GLN C 549 -20.15 0.42 -15.93
C GLN C 549 -20.09 -1.11 -15.97
N GLN C 550 -20.46 -1.72 -17.09
CA GLN C 550 -20.47 -3.20 -17.21
C GLN C 550 -19.06 -3.75 -16.97
N GLN C 551 -18.07 -3.32 -17.76
CA GLN C 551 -16.72 -3.94 -17.61
C GLN C 551 -16.22 -3.68 -16.19
N ASN C 552 -16.54 -2.53 -15.61
CA ASN C 552 -16.15 -2.25 -14.20
C ASN C 552 -16.78 -3.31 -13.29
N ASN C 553 -18.06 -3.63 -13.54
CA ASN C 553 -18.76 -4.65 -12.73
C ASN C 553 -18.09 -6.01 -12.92
N LEU C 554 -17.59 -6.28 -14.13
CA LEU C 554 -16.89 -7.57 -14.40
C LEU C 554 -15.66 -7.67 -13.51
N LEU C 555 -14.87 -6.59 -13.42
CA LEU C 555 -13.62 -6.60 -12.62
C LEU C 555 -13.97 -6.89 -11.15
N ARG C 556 -15.10 -6.35 -10.68
CA ARG C 556 -15.51 -6.56 -9.26
C ARG C 556 -15.93 -8.01 -9.08
N ALA C 557 -16.61 -8.60 -10.07
CA ALA C 557 -16.95 -10.03 -9.99
C ALA C 557 -15.65 -10.83 -9.85
N ILE C 558 -14.57 -10.35 -10.48
CA ILE C 558 -13.25 -11.05 -10.40
C ILE C 558 -12.70 -10.90 -8.99
N GLU C 559 -12.59 -9.66 -8.51
CA GLU C 559 -12.02 -9.41 -7.16
C GLU C 559 -12.85 -10.17 -6.12
N ALA C 560 -14.17 -10.21 -6.30
CA ALA C 560 -15.06 -10.90 -5.34
C ALA C 560 -14.75 -12.40 -5.33
N GLN C 561 -13.99 -12.89 -6.32
CA GLN C 561 -13.70 -14.35 -6.40
C GLN C 561 -12.23 -14.61 -6.11
N GLN C 562 -11.31 -14.14 -6.96
CA GLN C 562 -9.88 -14.47 -6.78
C GLN C 562 -9.38 -13.93 -5.43
N HIS C 563 -9.77 -12.72 -5.06
CA HIS C 563 -9.36 -12.12 -3.75
C HIS C 563 -7.87 -12.36 -3.52
N LEU C 564 -7.05 -12.12 -4.55
CA LEU C 564 -5.59 -12.35 -4.44
C LEU C 564 -4.87 -11.01 -4.61
N LEU C 565 -5.53 -10.04 -5.26
CA LEU C 565 -4.93 -8.70 -5.48
C LEU C 565 -4.35 -8.19 -4.15
N LYS C 566 -3.03 -8.30 -3.96
CA LYS C 566 -2.41 -7.90 -2.67
C LYS C 566 -1.05 -7.22 -2.91
N LEU C 567 -1.04 -5.89 -3.01
CA LEU C 567 0.22 -5.12 -3.14
C LEU C 567 1.23 -5.86 -4.05
N THR C 568 0.77 -6.46 -5.14
CA THR C 568 1.70 -7.09 -6.12
C THR C 568 2.02 -6.05 -7.20
N VAL C 569 3.13 -6.20 -7.93
CA VAL C 569 3.40 -5.25 -9.05
C VAL C 569 2.07 -4.98 -9.77
N TRP C 570 1.30 -6.03 -10.08
CA TRP C 570 -0.01 -5.86 -10.75
C TRP C 570 -1.08 -5.40 -9.76
N GLY C 571 -1.02 -5.91 -8.53
CA GLY C 571 -2.00 -5.51 -7.50
C GLY C 571 -1.97 -4.02 -7.27
N ILE C 572 -0.78 -3.44 -7.15
CA ILE C 572 -0.66 -1.97 -6.99
C ILE C 572 -1.20 -1.30 -8.26
N LYS C 573 -0.87 -1.86 -9.42
CA LYS C 573 -1.33 -1.28 -10.72
C LYS C 573 -2.87 -1.21 -10.72
N GLN C 574 -3.54 -2.33 -10.46
CA GLN C 574 -5.02 -2.34 -10.54
C GLN C 574 -5.60 -1.39 -9.49
N LEU C 575 -5.02 -1.37 -8.28
CA LEU C 575 -5.56 -0.53 -7.19
C LEU C 575 -5.51 0.94 -7.64
N GLN C 576 -4.34 1.38 -8.12
CA GLN C 576 -4.18 2.79 -8.55
C GLN C 576 -5.12 3.05 -9.73
N ALA C 577 -5.22 2.10 -10.65
CA ALA C 577 -6.10 2.25 -11.84
C ALA C 577 -7.54 2.46 -11.36
N ARG C 578 -7.99 1.63 -10.41
CA ARG C 578 -9.38 1.74 -9.89
C ARG C 578 -9.58 3.16 -9.34
N VAL C 579 -8.64 3.63 -8.51
CA VAL C 579 -8.76 4.99 -7.91
C VAL C 579 -8.80 6.02 -9.04
N LEU C 580 -7.91 5.90 -10.03
CA LEU C 580 -7.85 6.88 -11.14
C LEU C 580 -9.23 6.95 -11.82
N THR C 581 -9.74 5.81 -12.28
CA THR C 581 -11.05 5.79 -12.97
C THR C 581 -12.07 6.52 -12.10
N VAL C 582 -12.08 6.23 -10.79
CA VAL C 582 -13.09 6.86 -9.89
C VAL C 582 -12.93 8.38 -9.92
N GLU C 583 -11.72 8.89 -9.65
CA GLU C 583 -11.55 10.37 -9.59
C GLU C 583 -11.74 10.94 -11.00
N ARG C 584 -11.42 10.18 -12.04
CA ARG C 584 -11.63 10.64 -13.44
C ARG C 584 -13.14 10.82 -13.67
N TYR C 585 -13.95 9.83 -13.29
CA TYR C 585 -15.41 9.95 -13.41
C TYR C 585 -15.90 11.10 -12.54
N LEU C 586 -15.44 11.13 -11.29
CA LEU C 586 -15.90 12.16 -10.32
C LEU C 586 -15.66 13.56 -10.90
N ARG C 587 -14.45 13.82 -11.40
CA ARG C 587 -14.10 15.17 -11.90
C ARG C 587 -15.14 15.61 -12.95
N ASP C 588 -15.47 14.71 -13.87
CA ASP C 588 -16.44 15.04 -14.96
C ASP C 588 -17.80 15.36 -14.33
N GLN C 589 -18.30 14.49 -13.45
CA GLN C 589 -19.64 14.70 -12.84
C GLN C 589 -19.62 15.99 -12.03
N GLN C 590 -18.59 16.18 -11.20
CA GLN C 590 -18.46 17.40 -10.37
C GLN C 590 -18.71 18.61 -11.28
N LEU C 591 -17.98 18.68 -12.40
CA LEU C 591 -18.14 19.82 -13.35
C LEU C 591 -19.62 19.95 -13.74
N LEU C 592 -20.23 18.87 -14.23
CA LEU C 592 -21.65 18.90 -14.61
C LEU C 592 -22.45 19.54 -13.48
N GLY C 593 -22.17 19.13 -12.24
CA GLY C 593 -22.86 19.71 -11.06
C GLY C 593 -22.64 21.21 -10.98
N ILE C 594 -21.38 21.64 -11.00
CA ILE C 594 -21.07 23.10 -10.87
C ILE C 594 -22.06 23.85 -11.75
N TRP C 595 -22.14 23.46 -13.03
CA TRP C 595 -22.99 24.25 -13.96
C TRP C 595 -24.38 23.63 -14.09
N GLY C 596 -24.92 23.08 -12.99
CA GLY C 596 -26.30 22.55 -13.00
C GLY C 596 -26.62 21.73 -14.23
N CYS C 597 -25.81 20.73 -14.54
CA CYS C 597 -26.08 19.84 -15.70
C CYS C 597 -25.87 18.39 -15.28
N SER C 598 -26.03 18.10 -13.99
CA SER C 598 -25.72 16.72 -13.50
C SER C 598 -26.76 15.72 -14.01
N GLY C 599 -27.83 16.20 -14.66
CA GLY C 599 -28.90 15.28 -15.09
C GLY C 599 -28.75 14.85 -16.54
N LYS C 600 -28.98 15.77 -17.49
CA LYS C 600 -28.96 15.38 -18.93
C LYS C 600 -27.53 15.44 -19.48
N LEU C 601 -27.16 14.45 -20.30
CA LEU C 601 -25.80 14.41 -20.91
C LEU C 601 -25.55 15.69 -21.73
N ILE C 602 -26.50 16.06 -22.58
CA ILE C 602 -26.34 17.29 -23.41
C ILE C 602 -27.20 18.40 -22.80
N CYS C 603 -26.55 19.42 -22.20
CA CYS C 603 -27.30 20.52 -21.55
C CYS C 603 -26.94 21.85 -22.20
N THR C 604 -27.93 22.68 -22.54
CA THR C 604 -27.67 24.00 -23.14
C THR C 604 -27.30 25.00 -22.04
N THR C 605 -26.66 26.11 -22.40
CA THR C 605 -26.32 27.16 -21.40
C THR C 605 -26.92 28.49 -21.86
N ALA C 606 -26.78 29.54 -21.04
CA ALA C 606 -27.27 30.87 -21.45
C ALA C 606 -26.08 31.75 -21.82
N VAL C 607 -24.89 31.15 -21.93
CA VAL C 607 -23.65 31.92 -22.25
C VAL C 607 -23.56 32.12 -23.76
N PRO C 608 -23.62 33.37 -24.28
CA PRO C 608 -23.47 33.61 -25.71
C PRO C 608 -22.02 33.35 -26.16
N TRP C 609 -21.82 33.08 -27.45
CA TRP C 609 -20.46 32.80 -27.98
C TRP C 609 -19.77 34.11 -28.37
N ASN C 610 -19.00 34.70 -27.45
CA ASN C 610 -18.23 35.93 -27.81
C ASN C 610 -17.47 35.61 -29.10
N ALA C 611 -17.66 36.42 -30.14
CA ALA C 611 -17.02 36.15 -31.45
C ALA C 611 -15.54 35.78 -31.23
N SER C 612 -14.93 36.34 -30.18
CA SER C 612 -13.49 36.07 -29.91
C SER C 612 -13.26 34.55 -29.89
N TRP C 613 -14.23 33.80 -29.37
CA TRP C 613 -14.10 32.32 -29.27
C TRP C 613 -14.07 31.68 -30.67
N SER C 614 -14.80 32.25 -31.64
CA SER C 614 -14.79 31.72 -33.03
C SER C 614 -15.65 32.58 -33.96
N ASN C 615 -15.24 32.71 -35.23
CA ASN C 615 -16.05 33.47 -36.22
C ASN C 615 -16.78 32.48 -37.13
N LYS C 616 -16.51 31.18 -36.97
CA LYS C 616 -17.12 30.15 -37.85
C LYS C 616 -18.64 30.12 -37.67
N THR C 617 -19.38 29.84 -38.75
CA THR C 617 -20.85 29.71 -38.66
C THR C 617 -21.21 28.30 -38.20
N LEU C 618 -22.46 28.09 -37.76
CA LEU C 618 -22.86 26.77 -37.22
C LEU C 618 -22.49 25.67 -38.21
N ASP C 619 -22.71 25.90 -39.51
CA ASP C 619 -22.40 24.88 -40.54
C ASP C 619 -20.90 24.56 -40.50
N MET C 620 -20.05 25.59 -40.45
CA MET C 620 -18.60 25.35 -40.34
C MET C 620 -18.31 24.58 -39.04
N ILE C 621 -18.96 25.00 -37.94
CA ILE C 621 -18.73 24.36 -36.61
C ILE C 621 -19.14 22.89 -36.67
N TRP C 622 -20.20 22.56 -37.42
CA TRP C 622 -20.71 21.17 -37.38
C TRP C 622 -20.47 20.44 -38.70
N ASN C 623 -21.14 20.87 -39.78
CA ASN C 623 -21.05 20.13 -41.08
C ASN C 623 -19.64 20.25 -41.66
N ASN C 624 -18.60 20.27 -40.81
CA ASN C 624 -17.20 20.30 -41.34
C ASN C 624 -16.20 20.03 -40.19
N MET C 625 -16.30 20.78 -39.08
CA MET C 625 -15.36 20.65 -37.93
C MET C 625 -15.61 19.32 -37.21
N THR C 626 -14.55 18.63 -36.82
CA THR C 626 -14.69 17.37 -36.05
C THR C 626 -14.32 17.63 -34.60
N TRP C 627 -15.11 17.11 -33.65
CA TRP C 627 -14.86 17.35 -32.20
C TRP C 627 -13.36 17.39 -31.91
N MET C 628 -12.57 16.54 -32.57
CA MET C 628 -11.12 16.45 -32.25
C MET C 628 -10.40 17.76 -32.61
N GLU C 629 -10.63 18.29 -33.82
CA GLU C 629 -9.89 19.50 -34.25
C GLU C 629 -10.57 20.74 -33.66
N TRP C 630 -11.88 20.65 -33.40
CA TRP C 630 -12.62 21.79 -32.80
C TRP C 630 -12.00 22.17 -31.46
N GLU C 631 -11.86 21.21 -30.55
CA GLU C 631 -11.34 21.53 -29.19
C GLU C 631 -9.96 22.19 -29.33
N ARG C 632 -9.24 21.88 -30.42
CA ARG C 632 -7.87 22.43 -30.60
C ARG C 632 -7.95 23.95 -30.77
N GLU C 633 -8.87 24.43 -31.62
CA GLU C 633 -8.97 25.89 -31.89
C GLU C 633 -9.66 26.58 -30.71
N ILE C 634 -10.03 25.79 -29.68
CA ILE C 634 -10.71 26.35 -28.47
C ILE C 634 -9.86 26.06 -27.23
N ASP C 635 -8.63 25.53 -27.40
CA ASP C 635 -7.84 25.12 -26.22
C ASP C 635 -7.59 26.31 -25.29
N ASN C 636 -7.35 27.50 -25.86
CA ASN C 636 -7.11 28.73 -25.07
C ASN C 636 -8.42 29.12 -24.37
N TYR C 637 -9.56 28.97 -25.06
CA TYR C 637 -10.89 29.32 -24.52
C TYR C 637 -11.38 28.30 -23.49
N THR C 638 -11.11 27.01 -23.68
CA THR C 638 -11.64 25.94 -22.77
C THR C 638 -11.78 26.43 -21.33
N GLY C 639 -10.66 26.61 -20.61
CA GLY C 639 -10.78 26.98 -19.18
C GLY C 639 -11.60 28.25 -19.01
N LEU C 640 -11.53 29.20 -19.94
CA LEU C 640 -12.39 30.41 -19.84
C LEU C 640 -13.87 30.05 -20.00
N ILE C 641 -14.22 29.39 -21.11
CA ILE C 641 -15.65 29.08 -21.38
C ILE C 641 -16.24 28.37 -20.16
N TYR C 642 -15.62 27.27 -19.75
CA TYR C 642 -16.15 26.49 -18.60
C TYR C 642 -16.46 27.45 -17.45
N THR C 643 -15.59 28.42 -17.19
CA THR C 643 -15.82 29.31 -16.02
C THR C 643 -17.09 30.13 -16.26
N LEU C 644 -17.34 30.52 -17.51
CA LEU C 644 -18.55 31.32 -17.85
C LEU C 644 -19.79 30.43 -17.69
N ILE C 645 -19.68 29.16 -18.05
CA ILE C 645 -20.87 28.25 -17.98
C ILE C 645 -21.36 28.21 -16.53
N GLU C 646 -20.50 27.81 -15.59
CA GLU C 646 -20.92 27.70 -14.17
C GLU C 646 -21.26 29.09 -13.61
N GLU C 647 -20.51 30.11 -14.03
CA GLU C 647 -20.76 31.49 -13.53
C GLU C 647 -22.19 31.89 -13.89
N SER C 648 -22.58 31.72 -15.15
CA SER C 648 -23.96 32.06 -15.58
C SER C 648 -24.95 31.19 -14.82
N GLN C 649 -24.64 29.89 -14.69
CA GLN C 649 -25.54 28.96 -13.97
C GLN C 649 -25.83 29.54 -12.58
N ASN C 650 -24.78 29.98 -11.88
CA ASN C 650 -24.96 30.50 -10.50
C ASN C 650 -25.71 31.82 -10.53
N GLN C 651 -25.36 32.72 -11.45
CA GLN C 651 -26.00 34.05 -11.50
C GLN C 651 -27.53 33.90 -11.48
N GLN C 652 -28.07 33.13 -12.43
CA GLN C 652 -29.54 32.94 -12.50
C GLN C 652 -29.99 32.06 -11.33
N GLU C 653 -29.17 31.08 -10.92
CA GLU C 653 -29.59 30.14 -9.85
C GLU C 653 -30.08 30.92 -8.63
N LYS C 654 -29.20 31.77 -8.07
CA LYS C 654 -29.57 32.53 -6.85
C LYS C 654 -30.87 33.31 -7.13
N ASN C 655 -30.88 34.10 -8.20
CA ASN C 655 -32.09 34.89 -8.57
C ASN C 655 -33.29 33.95 -8.60
N GLU C 656 -33.17 32.81 -9.29
CA GLU C 656 -34.32 31.86 -9.39
C GLU C 656 -34.71 31.42 -7.98
N GLN C 657 -33.73 31.13 -7.12
CA GLN C 657 -34.02 30.68 -5.74
C GLN C 657 -34.93 31.71 -5.06
N GLU C 658 -34.64 33.00 -5.25
CA GLU C 658 -35.47 34.07 -4.64
C GLU C 658 -36.73 34.28 -5.49
N LEU C 659 -36.60 34.12 -6.80
CA LEU C 659 -37.74 34.32 -7.74
C LEU C 659 -38.93 33.45 -7.29
N LEU C 660 -38.67 32.18 -6.99
CA LEU C 660 -39.77 31.25 -6.58
C LEU C 660 -39.70 31.02 -5.08
N GLU C 661 -38.92 31.82 -4.35
CA GLU C 661 -38.75 31.63 -2.88
C GLU C 661 -40.10 31.29 -2.24
N LEU C 662 -41.01 32.26 -2.20
CA LEU C 662 -42.37 31.99 -1.65
C LEU C 662 -43.31 31.67 -2.81
N ASP C 663 -44.04 32.69 -3.31
CA ASP C 663 -45.03 32.45 -4.40
C ASP C 663 -46.08 31.46 -3.89
N LYS C 664 -46.25 31.38 -2.56
CA LYS C 664 -47.26 30.46 -1.97
C LYS C 664 -48.64 30.88 -2.50
N TRP C 665 -48.87 32.18 -2.64
CA TRP C 665 -50.14 32.67 -3.21
C TRP C 665 -50.38 31.99 -4.57
N ALA C 666 -49.36 31.99 -5.44
CA ALA C 666 -49.54 31.41 -6.79
C ALA C 666 -49.84 29.91 -6.65
N SER C 667 -49.13 29.22 -5.75
CA SER C 667 -49.35 27.77 -5.53
C SER C 667 -50.82 27.52 -5.18
N LEU C 668 -51.38 28.34 -4.29
CA LEU C 668 -52.82 28.20 -3.94
C LEU C 668 -53.64 28.22 -5.23
N TRP C 669 -53.53 29.29 -6.03
CA TRP C 669 -54.28 29.38 -7.30
C TRP C 669 -53.87 28.22 -8.23
N ASN C 670 -52.65 27.72 -8.08
CA ASN C 670 -52.15 26.63 -8.97
C ASN C 670 -52.99 25.37 -8.76
N TRP C 671 -53.55 25.17 -7.56
CA TRP C 671 -54.44 24.00 -7.34
C TRP C 671 -55.85 24.48 -6.97
N PHE C 672 -56.04 25.80 -6.84
CA PHE C 672 -57.40 26.34 -6.58
C PHE C 672 -58.06 26.61 -7.93
N ASP C 673 -57.41 27.42 -8.78
CA ASP C 673 -57.94 27.69 -10.14
C ASP C 673 -57.32 26.70 -11.12
N ILE C 674 -55.98 26.67 -11.21
CA ILE C 674 -55.29 25.79 -12.19
C ILE C 674 -55.53 24.32 -11.78
N THR C 675 -55.79 24.06 -10.50
CA THR C 675 -56.05 22.68 -10.02
C THR C 675 -54.93 21.74 -10.48
N ASN C 676 -53.69 22.02 -10.07
CA ASN C 676 -52.53 21.16 -10.45
C ASN C 676 -52.97 19.70 -10.48
N TRP C 677 -53.65 19.24 -9.44
CA TRP C 677 -54.12 17.83 -9.37
C TRP C 677 -55.65 17.78 -9.29
N LEU C 678 -56.33 18.20 -10.35
CA LEU C 678 -57.82 18.13 -10.38
C LEU C 678 -58.26 16.66 -10.29
N TRP C 679 -59.42 16.40 -9.70
CA TRP C 679 -59.95 15.03 -9.62
C TRP C 679 -61.16 14.90 -10.54
N TYR C 680 -61.36 15.92 -11.40
CA TYR C 680 -62.54 15.93 -12.31
C TYR C 680 -62.16 15.30 -13.64
N ILE C 681 -61.84 14.00 -13.62
CA ILE C 681 -61.42 13.29 -14.87
C ILE C 681 -62.60 12.43 -15.36
N LYS C 682 -63.38 12.95 -16.30
CA LYS C 682 -64.53 12.20 -16.86
C LYS C 682 -64.55 12.38 -18.39
N ILE C 683 -65.65 12.00 -19.04
CA ILE C 683 -65.77 12.20 -20.53
C ILE C 683 -66.87 13.21 -20.80
N PHE C 684 -66.86 13.83 -21.99
CA PHE C 684 -67.91 14.82 -22.36
C PHE C 684 -68.24 15.69 -21.15
N LYS D 33 -51.85 -2.51 -17.25
CA LYS D 33 -50.45 -2.53 -17.70
C LYS D 33 -49.54 -1.89 -16.68
N LEU D 34 -48.36 -2.49 -16.51
CA LEU D 34 -47.43 -2.00 -15.48
C LEU D 34 -46.13 -1.53 -16.13
N TRP D 35 -45.31 -0.80 -15.40
CA TRP D 35 -44.00 -0.36 -15.94
C TRP D 35 -42.93 -0.59 -14.88
N VAL D 36 -41.74 -1.04 -15.31
CA VAL D 36 -40.62 -1.27 -14.36
C VAL D 36 -40.43 0.00 -13.53
N THR D 37 -40.31 -0.15 -12.20
CA THR D 37 -40.05 1.03 -11.33
C THR D 37 -38.75 0.79 -10.57
N VAL D 38 -37.71 1.58 -10.87
CA VAL D 38 -36.38 1.37 -10.22
C VAL D 38 -36.48 1.79 -8.76
N TYR D 39 -36.37 0.84 -7.83
CA TYR D 39 -36.43 1.15 -6.38
C TYR D 39 -35.01 1.12 -5.82
N TYR D 40 -34.51 2.27 -5.36
CA TYR D 40 -33.13 2.34 -4.82
C TYR D 40 -33.19 2.28 -3.29
N GLY D 41 -32.53 1.29 -2.69
CA GLY D 41 -32.55 1.14 -1.23
C GLY D 41 -33.36 -0.08 -0.80
N VAL D 42 -33.69 -0.95 -1.76
CA VAL D 42 -34.48 -2.18 -1.45
C VAL D 42 -33.71 -3.01 -0.41
N PRO D 43 -34.39 -3.57 0.62
CA PRO D 43 -33.72 -4.37 1.64
C PRO D 43 -33.40 -5.79 1.14
N VAL D 44 -32.55 -5.91 0.13
CA VAL D 44 -32.21 -7.25 -0.44
C VAL D 44 -30.70 -7.48 -0.26
N TRP D 45 -30.32 -8.65 0.28
CA TRP D 45 -28.89 -8.99 0.46
C TRP D 45 -28.57 -10.29 -0.26
N LYS D 46 -27.31 -10.50 -0.65
CA LYS D 46 -26.89 -11.75 -1.33
C LYS D 46 -25.55 -12.21 -0.76
N GLU D 47 -25.37 -13.53 -0.59
CA GLU D 47 -24.09 -14.06 -0.08
C GLU D 47 -22.92 -13.55 -0.92
N ALA D 48 -21.86 -13.05 -0.28
CA ALA D 48 -20.70 -12.54 -1.00
C ALA D 48 -19.46 -12.75 -0.16
N THR D 49 -18.32 -12.67 -0.82
CA THR D 49 -17.02 -12.77 -0.18
C THR D 49 -16.29 -11.46 -0.39
N THR D 50 -15.84 -10.85 0.70
CA THR D 50 -15.15 -9.57 0.59
C THR D 50 -14.12 -9.47 1.70
N THR D 51 -13.19 -8.55 1.50
CA THR D 51 -12.19 -8.29 2.51
C THR D 51 -12.82 -7.62 3.71
N LEU D 52 -12.33 -7.95 4.92
CA LEU D 52 -12.88 -7.34 6.16
C LEU D 52 -11.76 -6.63 6.91
N PHE D 53 -12.10 -5.71 7.82
CA PHE D 53 -11.08 -4.95 8.59
C PHE D 53 -11.36 -5.08 10.11
N CYS D 54 -10.30 -5.00 10.93
CA CYS D 54 -10.47 -5.18 12.40
C CYS D 54 -10.76 -3.83 13.06
N ALA D 55 -11.61 -3.84 14.09
CA ALA D 55 -11.89 -2.61 14.86
C ALA D 55 -11.75 -2.94 16.35
N SER D 56 -10.52 -2.89 16.87
CA SER D 56 -10.28 -3.18 18.30
C SER D 56 -10.80 -2.03 19.17
N ASP D 57 -11.03 -2.29 20.45
CA ASP D 57 -11.50 -1.23 21.38
C ASP D 57 -10.41 -0.16 21.51
N ALA D 58 -10.81 1.08 21.82
CA ALA D 58 -9.84 2.18 21.99
C ALA D 58 -8.89 1.85 23.15
N LYS D 59 -9.40 1.21 24.20
CA LYS D 59 -8.57 0.89 25.39
C LYS D 59 -7.34 0.10 24.96
N ALA D 60 -7.47 -0.75 23.94
CA ALA D 60 -6.34 -1.59 23.46
C ALA D 60 -5.19 -0.70 22.96
N TYR D 61 -5.50 0.32 22.17
CA TYR D 61 -4.44 1.26 21.72
C TYR D 61 -3.96 2.07 22.93
N ASP D 62 -4.88 2.37 23.86
CA ASP D 62 -4.52 3.19 25.05
C ASP D 62 -3.45 2.46 25.89
N THR D 63 -3.33 1.15 25.73
CA THR D 63 -2.27 0.39 26.45
C THR D 63 -0.90 0.93 26.03
N GLU D 64 -0.79 1.46 24.80
CA GLU D 64 0.49 2.04 24.30
C GLU D 64 1.57 0.95 24.22
N VAL D 65 1.17 -0.31 24.09
CA VAL D 65 2.16 -1.42 23.91
C VAL D 65 1.79 -2.19 22.64
N HIS D 66 2.77 -2.39 21.75
CA HIS D 66 2.49 -3.09 20.46
C HIS D 66 2.03 -4.52 20.76
N ASN D 67 0.89 -4.91 20.17
CA ASN D 67 0.39 -6.30 20.33
C ASN D 67 0.65 -7.05 19.02
N VAL D 68 0.99 -8.33 19.11
CA VAL D 68 1.30 -9.15 17.90
C VAL D 68 0.15 -9.00 16.89
N TRP D 69 -1.07 -8.79 17.39
CA TRP D 69 -2.26 -8.66 16.51
C TRP D 69 -2.31 -7.27 15.89
N ALA D 70 -1.34 -6.41 16.21
CA ALA D 70 -1.34 -5.02 15.71
C ALA D 70 -2.75 -4.42 15.87
N THR D 71 -3.29 -4.49 17.08
CA THR D 71 -4.64 -3.92 17.36
C THR D 71 -4.61 -2.40 17.13
N HIS D 72 -3.43 -1.80 17.24
CA HIS D 72 -3.28 -0.34 17.02
C HIS D 72 -3.83 0.02 15.64
N ALA D 73 -3.49 -0.77 14.61
CA ALA D 73 -3.96 -0.49 13.24
C ALA D 73 -5.49 -0.57 13.18
N CYS D 74 -6.08 -1.48 13.96
CA CYS D 74 -7.55 -1.66 13.93
C CYS D 74 -8.25 -0.33 14.23
N VAL D 75 -9.31 -0.01 13.47
CA VAL D 75 -10.02 1.29 13.64
C VAL D 75 -10.71 1.30 15.02
N PRO D 76 -10.94 2.49 15.62
CA PRO D 76 -11.65 2.56 16.91
C PRO D 76 -13.01 1.86 16.85
N THR D 77 -13.30 1.01 17.83
CA THR D 77 -14.61 0.31 17.88
C THR D 77 -15.72 1.33 18.14
N ASP D 78 -16.80 1.29 17.36
CA ASP D 78 -17.95 2.19 17.63
C ASP D 78 -18.48 1.89 19.04
N PRO D 79 -18.55 2.88 19.95
CA PRO D 79 -19.05 2.68 21.32
C PRO D 79 -20.12 1.59 21.47
N ASN D 80 -21.27 1.78 20.83
CA ASN D 80 -22.34 0.75 20.88
C ASN D 80 -22.52 0.15 19.48
N PRO D 81 -22.36 -1.19 19.32
CA PRO D 81 -22.60 -1.83 18.03
C PRO D 81 -24.12 -1.83 17.76
N GLN D 82 -24.52 -1.76 16.49
CA GLN D 82 -25.96 -1.70 16.13
C GLN D 82 -26.43 -3.10 15.72
N GLU D 83 -27.22 -3.76 16.58
CA GLU D 83 -27.72 -5.13 16.28
C GLU D 83 -29.17 -5.05 15.78
N VAL D 84 -29.36 -4.60 14.53
CA VAL D 84 -30.74 -4.55 13.94
C VAL D 84 -31.28 -5.98 13.83
N VAL D 85 -32.47 -6.23 14.37
CA VAL D 85 -33.09 -7.59 14.31
C VAL D 85 -33.91 -7.70 13.03
N LEU D 86 -33.63 -8.73 12.21
CA LEU D 86 -34.38 -8.92 10.94
C LEU D 86 -35.63 -9.77 11.23
N GLU D 87 -36.76 -9.12 11.53
CA GLU D 87 -37.99 -9.84 11.90
C GLU D 87 -38.62 -10.47 10.65
N ASN D 88 -39.40 -11.54 10.83
CA ASN D 88 -40.07 -12.22 9.69
C ASN D 88 -39.01 -12.65 8.67
N VAL D 89 -37.82 -13.03 9.12
CA VAL D 89 -36.73 -13.38 8.16
C VAL D 89 -36.02 -14.67 8.60
N THR D 90 -35.71 -15.55 7.64
CA THR D 90 -34.93 -16.78 7.94
C THR D 90 -33.79 -16.89 6.93
N GLU D 91 -32.57 -17.17 7.41
CA GLU D 91 -31.40 -17.21 6.50
C GLU D 91 -30.63 -18.51 6.73
N ASN D 92 -30.13 -19.13 5.64
CA ASN D 92 -29.34 -20.38 5.79
C ASN D 92 -27.87 -20.02 5.99
N PHE D 93 -27.29 -20.43 7.12
CA PHE D 93 -25.86 -20.14 7.41
C PHE D 93 -25.03 -21.40 7.09
N ASN D 94 -23.74 -21.21 6.79
CA ASN D 94 -22.84 -22.37 6.53
C ASN D 94 -21.54 -22.16 7.32
N MET D 95 -21.54 -22.55 8.60
CA MET D 95 -20.34 -22.36 9.46
C MET D 95 -19.13 -22.97 8.76
N TRP D 96 -19.31 -24.08 8.05
CA TRP D 96 -18.18 -24.78 7.40
C TRP D 96 -17.83 -24.14 6.05
N LYS D 97 -18.77 -23.39 5.47
CA LYS D 97 -18.53 -22.78 4.13
C LYS D 97 -18.57 -21.25 4.25
N ASN D 98 -18.01 -20.71 5.33
CA ASN D 98 -17.97 -19.24 5.56
C ASN D 98 -16.61 -18.70 5.11
N ASN D 99 -16.58 -17.88 4.05
CA ASN D 99 -15.31 -17.30 3.63
C ASN D 99 -14.54 -16.73 4.81
N MET D 100 -15.26 -16.06 5.73
CA MET D 100 -14.58 -15.32 6.79
C MET D 100 -13.60 -16.18 7.55
N VAL D 101 -13.94 -17.47 7.73
CA VAL D 101 -13.03 -18.36 8.42
C VAL D 101 -11.69 -18.40 7.69
N GLU D 102 -11.72 -18.63 6.38
CA GLU D 102 -10.48 -18.69 5.63
C GLU D 102 -9.78 -17.35 5.62
N GLN D 103 -10.57 -16.28 5.50
CA GLN D 103 -9.98 -14.91 5.53
C GLN D 103 -9.24 -14.71 6.86
N MET D 104 -9.95 -14.84 7.98
CA MET D 104 -9.33 -14.61 9.31
C MET D 104 -8.11 -15.52 9.46
N HIS D 105 -8.21 -16.76 8.97
CA HIS D 105 -7.06 -17.70 9.06
C HIS D 105 -5.83 -17.02 8.47
N GLU D 106 -5.96 -16.51 7.24
CA GLU D 106 -4.83 -15.82 6.57
C GLU D 106 -4.45 -14.57 7.36
N ASP D 107 -5.45 -13.82 7.83
CA ASP D 107 -5.16 -12.55 8.56
C ASP D 107 -4.31 -12.84 9.78
N ILE D 108 -4.69 -13.82 10.60
CA ILE D 108 -3.94 -14.10 11.87
C ILE D 108 -2.52 -14.53 11.52
N ILE D 109 -2.35 -15.45 10.56
CA ILE D 109 -0.98 -15.95 10.26
C ILE D 109 -0.14 -14.82 9.66
N SER D 110 -0.75 -13.98 8.82
CA SER D 110 -0.03 -12.81 8.25
C SER D 110 0.35 -11.85 9.37
N LEU D 111 -0.57 -11.61 10.31
CA LEU D 111 -0.28 -10.73 11.46
C LEU D 111 1.01 -11.22 12.14
N TRP D 112 1.08 -12.52 12.43
CA TRP D 112 2.29 -13.08 13.09
C TRP D 112 3.50 -12.88 12.18
N ASP D 113 3.35 -13.17 10.90
CA ASP D 113 4.46 -13.02 9.93
C ASP D 113 5.08 -11.62 10.09
N GLU D 114 4.29 -10.56 9.89
CA GLU D 114 4.85 -9.18 9.94
C GLU D 114 5.34 -8.88 11.36
N SER D 115 4.72 -9.49 12.38
CA SER D 115 5.09 -9.19 13.77
C SER D 115 6.53 -9.62 14.04
N LEU D 116 6.91 -10.81 13.57
CA LEU D 116 8.27 -11.34 13.86
C LEU D 116 9.16 -11.17 12.62
N LYS D 117 8.65 -10.51 11.58
CA LYS D 117 9.48 -10.25 10.37
C LYS D 117 10.75 -9.49 10.76
N PRO D 118 10.69 -8.35 11.48
CA PRO D 118 11.88 -7.57 11.80
C PRO D 118 12.41 -7.88 13.22
N CYS D 119 12.66 -9.15 13.51
CA CYS D 119 13.21 -9.53 14.84
C CYS D 119 14.51 -10.33 14.65
N VAL D 120 15.32 -10.47 15.70
CA VAL D 120 16.58 -11.26 15.62
C VAL D 120 16.25 -12.63 15.03
N LYS D 121 17.06 -13.11 14.08
CA LYS D 121 16.75 -14.39 13.39
C LYS D 121 17.35 -15.58 14.14
N LEU D 122 18.12 -15.33 15.20
CA LEU D 122 18.76 -16.42 15.98
C LEU D 122 19.40 -17.43 15.03
N THR D 123 19.73 -16.98 13.81
CA THR D 123 20.36 -17.88 12.80
C THR D 123 21.75 -18.32 13.30
N PRO D 124 22.69 -17.40 13.62
CA PRO D 124 24.04 -17.81 14.00
C PRO D 124 24.02 -18.56 15.34
N LEU D 125 22.98 -18.31 16.16
CA LEU D 125 22.91 -18.93 17.51
C LEU D 125 23.18 -20.44 17.43
N CYS D 126 22.59 -21.14 16.46
CA CYS D 126 22.75 -22.62 16.43
C CYS D 126 24.21 -23.01 16.16
N VAL D 127 24.75 -23.90 17.01
CA VAL D 127 26.17 -24.36 16.91
C VAL D 127 26.19 -25.72 17.63
N THR D 128 27.22 -26.02 18.40
CA THR D 128 27.20 -27.27 19.21
C THR D 128 26.87 -26.89 20.66
N LEU D 129 25.82 -27.48 21.25
CA LEU D 129 25.40 -27.06 22.62
C LEU D 129 25.80 -28.11 23.65
N ASN D 130 26.91 -27.89 24.36
CA ASN D 130 27.35 -28.81 25.45
C ASN D 130 26.46 -28.51 26.67
N CYS D 131 25.77 -29.51 27.22
CA CYS D 131 24.79 -29.20 28.30
C CYS D 131 25.03 -29.97 29.61
N THR D 132 24.48 -29.46 30.72
CA THR D 132 24.54 -30.12 32.05
C THR D 132 23.12 -30.51 32.47
N ASP D 133 22.99 -31.45 33.40
CA ASP D 133 21.64 -31.94 33.81
C ASP D 133 20.80 -30.78 34.35
N LEU D 134 21.37 -29.97 35.25
CA LEU D 134 20.58 -28.89 35.89
C LEU D 134 21.45 -27.65 36.09
N ARG D 135 20.84 -26.48 36.23
CA ARG D 135 21.61 -25.24 36.51
C ARG D 135 22.22 -25.36 37.91
N ASN D 136 21.61 -26.16 38.77
CA ASN D 136 22.16 -26.40 40.12
C ASN D 136 23.11 -27.60 40.05
N VAL D 137 24.41 -27.40 40.33
CA VAL D 137 25.39 -28.51 40.22
C VAL D 137 24.91 -29.67 41.09
N THR D 138 24.46 -29.39 42.31
CA THR D 138 23.90 -30.45 43.18
C THR D 138 22.51 -29.99 43.63
N ASN D 139 22.09 -30.34 44.85
CA ASN D 139 20.80 -29.83 45.37
C ASN D 139 21.02 -28.39 45.86
N ILE D 140 21.55 -27.52 44.99
CA ILE D 140 21.81 -26.11 45.37
C ILE D 140 20.48 -25.47 45.80
N ASN D 141 19.43 -25.70 45.01
CA ASN D 141 18.09 -25.15 45.34
C ASN D 141 17.15 -26.30 45.69
N ASN D 142 16.87 -27.19 44.73
CA ASN D 142 15.92 -28.32 44.97
C ASN D 142 16.17 -29.41 43.93
N SER D 143 17.43 -29.74 43.65
CA SER D 143 17.72 -30.74 42.59
C SER D 143 16.82 -31.96 42.74
N SER D 144 16.63 -32.43 43.98
CA SER D 144 15.78 -33.62 44.24
C SER D 144 14.36 -33.36 43.75
N GLU D 145 13.73 -32.28 44.21
CA GLU D 145 12.34 -31.94 43.81
C GLU D 145 12.34 -31.45 42.36
N GLY D 146 13.30 -30.58 42.01
CA GLY D 146 13.38 -30.05 40.63
C GLY D 146 13.38 -31.16 39.59
N MET D 147 12.60 -30.98 38.52
CA MET D 147 12.56 -31.99 37.42
C MET D 147 13.94 -32.06 36.76
N ARG D 148 14.80 -32.99 37.21
CA ARG D 148 16.18 -33.08 36.69
C ARG D 148 16.14 -33.36 35.18
N GLY D 149 16.93 -32.62 34.40
CA GLY D 149 16.99 -32.84 32.94
C GLY D 149 16.27 -31.73 32.18
N GLU D 150 15.21 -31.17 32.76
CA GLU D 150 14.42 -30.14 32.02
C GLU D 150 15.32 -28.93 31.74
N ILE D 151 15.99 -28.41 32.77
CA ILE D 151 16.86 -27.21 32.61
C ILE D 151 17.87 -27.46 31.48
N LYS D 152 18.56 -28.60 31.52
CA LYS D 152 19.60 -28.90 30.50
C LYS D 152 20.44 -27.64 30.25
N ASN D 153 21.20 -27.18 31.26
CA ASN D 153 22.06 -25.97 31.14
C ASN D 153 23.07 -26.17 30.01
N CYS D 154 22.78 -25.67 28.81
CA CYS D 154 23.70 -25.85 27.64
C CYS D 154 24.61 -24.63 27.50
N SER D 155 25.91 -24.85 27.30
CA SER D 155 26.87 -23.74 27.08
C SER D 155 27.37 -23.80 25.63
N PHE D 156 27.68 -22.66 25.03
CA PHE D 156 28.08 -22.63 23.60
C PHE D 156 29.01 -21.44 23.33
N ASN D 157 29.91 -21.58 22.36
CA ASN D 157 30.81 -20.46 21.98
C ASN D 157 30.17 -19.70 20.81
N ILE D 158 29.58 -18.53 21.08
CA ILE D 158 28.88 -17.79 19.99
C ILE D 158 29.70 -16.54 19.64
N THR D 159 29.56 -16.06 18.40
CA THR D 159 30.31 -14.85 17.95
C THR D 159 29.40 -13.61 18.11
N THR D 160 29.93 -12.55 18.70
CA THR D 160 29.11 -11.33 18.94
C THR D 160 29.11 -10.47 17.67
N SER D 161 28.79 -9.18 17.80
CA SER D 161 28.88 -8.28 16.62
C SER D 161 30.32 -8.29 16.12
N ILE D 162 31.28 -8.25 17.05
CA ILE D 162 32.72 -8.29 16.66
C ILE D 162 32.98 -9.64 16.00
N ARG D 163 33.28 -9.65 14.70
CA ARG D 163 33.46 -10.91 13.95
C ARG D 163 34.68 -11.68 14.49
N ASP D 164 35.75 -10.97 14.86
CA ASP D 164 36.99 -11.65 15.31
C ASP D 164 36.88 -12.07 16.77
N LYS D 165 35.72 -11.88 17.40
CA LYS D 165 35.60 -12.20 18.85
C LYS D 165 34.58 -13.32 19.07
N VAL D 166 35.01 -14.42 19.69
CA VAL D 166 34.10 -15.55 20.01
C VAL D 166 33.97 -15.63 21.53
N LYS D 167 32.75 -15.84 22.05
CA LYS D 167 32.53 -15.84 23.52
C LYS D 167 31.77 -17.09 23.94
N LYS D 168 32.20 -17.75 25.02
CA LYS D 168 31.42 -18.90 25.55
C LYS D 168 30.24 -18.33 26.35
N ASP D 169 29.01 -18.76 26.02
CA ASP D 169 27.81 -18.26 26.74
C ASP D 169 26.94 -19.45 27.15
N TYR D 170 26.20 -19.33 28.25
CA TYR D 170 25.36 -20.44 28.74
C TYR D 170 23.89 -20.04 28.64
N ALA D 171 22.98 -21.02 28.56
CA ALA D 171 21.54 -20.74 28.47
C ALA D 171 20.75 -21.96 28.96
N LEU D 172 19.47 -21.77 29.27
CA LEU D 172 18.63 -22.90 29.79
C LEU D 172 17.57 -23.26 28.74
N PHE D 173 17.52 -24.53 28.32
CA PHE D 173 16.52 -24.96 27.32
C PHE D 173 15.73 -26.15 27.88
N TYR D 174 14.42 -26.01 27.99
CA TYR D 174 13.58 -27.15 28.45
C TYR D 174 13.84 -28.31 27.51
N ARG D 175 13.76 -29.55 28.03
CA ARG D 175 13.99 -30.75 27.19
C ARG D 175 13.27 -30.56 25.85
N LEU D 176 12.17 -29.80 25.84
CA LEU D 176 11.36 -29.63 24.60
C LEU D 176 12.07 -28.68 23.62
N ASP D 177 13.25 -28.19 23.96
CA ASP D 177 13.96 -27.21 23.10
C ASP D 177 15.40 -27.67 22.83
N VAL D 178 15.75 -28.89 23.22
CA VAL D 178 17.13 -29.39 22.90
C VAL D 178 17.06 -30.83 22.39
N VAL D 179 17.87 -31.14 21.37
CA VAL D 179 17.91 -32.52 20.80
C VAL D 179 19.31 -33.09 21.00
N PRO D 180 19.48 -34.26 21.65
CA PRO D 180 20.80 -34.87 21.82
C PRO D 180 21.48 -35.14 20.48
N ILE D 181 22.78 -34.85 20.37
CA ILE D 181 23.51 -35.04 19.08
C ILE D 181 24.81 -35.82 19.33
N ASP D 182 25.46 -36.29 18.27
CA ASP D 182 26.76 -37.01 18.38
C ASP D 182 26.64 -38.13 19.42
N ASN D 183 25.43 -38.45 19.85
CA ASN D 183 25.22 -39.51 20.87
C ASN D 183 25.95 -39.13 22.16
N ASP D 184 26.73 -38.05 22.12
CA ASP D 184 27.43 -37.58 23.35
C ASP D 184 26.38 -37.24 24.41
N ASN D 185 26.58 -37.70 25.65
CA ASN D 185 25.58 -37.47 26.73
C ASN D 185 25.36 -35.97 26.95
N THR D 186 26.40 -35.14 26.75
CA THR D 186 26.27 -33.70 27.06
C THR D 186 26.07 -32.88 25.78
N SER D 187 26.24 -33.49 24.61
CA SER D 187 26.15 -32.71 23.33
C SER D 187 24.70 -32.64 22.85
N TYR D 188 24.17 -31.42 22.70
CA TYR D 188 22.76 -31.25 22.24
C TYR D 188 22.71 -30.13 21.20
N ARG D 189 21.50 -29.79 20.73
CA ARG D 189 21.33 -28.69 19.74
C ARG D 189 19.90 -28.16 19.82
N LEU D 190 19.64 -26.95 19.29
CA LEU D 190 18.26 -26.41 19.28
C LEU D 190 17.32 -27.41 18.61
N ILE D 191 16.09 -27.53 19.08
CA ILE D 191 15.15 -28.56 18.55
C ILE D 191 14.93 -28.36 17.04
N ASN D 192 14.36 -27.22 16.63
CA ASN D 192 14.02 -27.04 15.19
C ASN D 192 15.22 -26.43 14.45
N CYS D 193 16.44 -26.72 14.92
CA CYS D 193 17.67 -26.25 14.22
C CYS D 193 17.90 -27.13 12.98
N ASN D 194 18.95 -26.86 12.18
CA ASN D 194 19.19 -27.60 10.91
C ASN D 194 18.00 -27.40 9.97
N THR D 195 16.77 -27.51 10.49
CA THR D 195 15.60 -27.50 9.60
C THR D 195 15.28 -26.07 9.13
N SER D 196 14.77 -25.21 10.01
CA SER D 196 14.33 -23.86 9.58
C SER D 196 14.82 -22.77 10.53
N THR D 197 14.65 -21.51 10.14
CA THR D 197 15.05 -20.37 11.01
C THR D 197 14.18 -20.36 12.26
N ILE D 198 14.70 -19.84 13.37
CA ILE D 198 13.91 -19.76 14.64
C ILE D 198 13.99 -18.32 15.16
N THR D 199 13.49 -17.35 14.37
CA THR D 199 13.58 -15.93 14.75
C THR D 199 13.02 -15.74 16.16
N GLN D 200 13.74 -15.02 17.03
CA GLN D 200 13.20 -14.74 18.38
C GLN D 200 12.05 -13.73 18.23
N ALA D 201 11.01 -13.86 19.04
CA ALA D 201 9.91 -12.87 19.01
C ALA D 201 10.44 -11.53 19.52
N CYS D 202 10.16 -10.45 18.81
CA CYS D 202 10.56 -9.11 19.31
C CYS D 202 10.01 -8.98 20.74
N PRO D 203 10.86 -8.73 21.77
CA PRO D 203 10.42 -8.73 23.17
C PRO D 203 9.30 -7.72 23.48
N LYS D 204 9.42 -6.48 22.98
CA LYS D 204 8.42 -5.43 23.30
C LYS D 204 7.03 -5.89 22.88
N VAL D 205 6.91 -6.48 21.68
CA VAL D 205 5.60 -6.96 21.17
C VAL D 205 5.06 -8.02 22.15
N SER D 206 3.93 -7.72 22.80
CA SER D 206 3.34 -8.66 23.78
C SER D 206 2.38 -9.60 23.05
N PHE D 207 1.93 -10.67 23.71
CA PHE D 207 1.03 -11.66 23.06
C PHE D 207 -0.25 -11.81 23.88
N GLU D 208 -0.86 -10.69 24.26
CA GLU D 208 -2.14 -10.73 25.02
C GLU D 208 -3.30 -10.58 24.03
N PRO D 209 -4.03 -11.66 23.67
CA PRO D 209 -5.09 -11.56 22.66
C PRO D 209 -6.09 -10.48 23.04
N ILE D 210 -6.22 -9.44 22.20
CA ILE D 210 -7.20 -8.35 22.45
C ILE D 210 -8.41 -8.56 21.55
N PRO D 211 -9.66 -8.54 22.07
CA PRO D 211 -10.83 -8.82 21.24
C PRO D 211 -10.85 -7.91 20.01
N ILE D 212 -10.94 -8.51 18.81
CA ILE D 212 -11.00 -7.70 17.56
C ILE D 212 -12.44 -7.74 17.04
N HIS D 213 -12.85 -6.71 16.30
CA HIS D 213 -14.26 -6.65 15.81
C HIS D 213 -14.24 -6.55 14.29
N TYR D 214 -14.09 -7.69 13.61
CA TYR D 214 -14.12 -7.70 12.13
C TYR D 214 -15.36 -6.92 11.67
N CYS D 215 -15.16 -5.87 10.89
CA CYS D 215 -16.30 -5.03 10.44
C CYS D 215 -16.44 -5.13 8.92
N THR D 216 -17.67 -5.19 8.42
CA THR D 216 -17.91 -5.26 6.96
C THR D 216 -17.81 -3.87 6.35
N PRO D 217 -17.25 -3.72 5.13
CA PRO D 217 -17.22 -2.42 4.47
C PRO D 217 -18.65 -1.97 4.15
N ALA D 218 -18.88 -0.66 4.01
CA ALA D 218 -20.23 -0.16 3.66
C ALA D 218 -20.76 -0.92 2.45
N GLY D 219 -22.09 -1.10 2.36
CA GLY D 219 -22.62 -1.91 1.30
C GLY D 219 -22.50 -3.39 1.56
N PHE D 220 -21.96 -3.78 2.71
CA PHE D 220 -21.86 -5.16 3.12
C PHE D 220 -22.32 -5.26 4.56
N ALA D 221 -22.71 -6.47 4.97
CA ALA D 221 -23.25 -6.64 6.31
C ALA D 221 -22.95 -8.05 6.80
N ILE D 222 -23.04 -8.20 8.11
CA ILE D 222 -22.84 -9.48 8.78
C ILE D 222 -24.15 -9.86 9.44
N LEU D 223 -24.59 -11.09 9.20
CA LEU D 223 -25.83 -11.60 9.75
C LEU D 223 -25.54 -12.49 10.94
N LYS D 224 -26.26 -12.27 12.04
CA LYS D 224 -25.96 -13.06 13.27
C LYS D 224 -27.13 -13.96 13.63
N CYS D 225 -26.93 -15.28 13.60
CA CYS D 225 -27.99 -16.24 13.99
C CYS D 225 -28.32 -16.05 15.48
N LYS D 226 -29.39 -15.31 15.77
CA LYS D 226 -29.77 -15.04 17.19
C LYS D 226 -30.42 -16.30 17.78
N ASP D 227 -30.69 -17.31 16.96
CA ASP D 227 -31.29 -18.57 17.46
C ASP D 227 -30.36 -19.17 18.53
N LYS D 228 -30.94 -19.75 19.59
CA LYS D 228 -30.11 -20.27 20.72
C LYS D 228 -29.18 -21.38 20.23
N LYS D 229 -29.72 -22.57 19.99
CA LYS D 229 -28.89 -23.73 19.57
C LYS D 229 -28.82 -23.80 18.04
N PHE D 230 -27.68 -23.40 17.46
CA PHE D 230 -27.52 -23.47 15.99
C PHE D 230 -26.46 -24.52 15.66
N ASN D 231 -26.83 -25.43 14.74
CA ASN D 231 -25.92 -26.53 14.29
C ASN D 231 -24.82 -25.96 13.38
N GLY D 232 -24.78 -24.64 13.21
CA GLY D 232 -23.76 -23.99 12.36
C GLY D 232 -24.21 -23.95 10.91
N THR D 233 -25.12 -24.86 10.53
CA THR D 233 -25.62 -24.90 9.14
C THR D 233 -27.16 -24.98 9.16
N GLY D 234 -27.80 -24.63 8.04
CA GLY D 234 -29.27 -24.71 7.95
C GLY D 234 -29.93 -23.36 8.18
N PRO D 235 -31.28 -23.27 8.12
CA PRO D 235 -31.97 -21.99 8.27
C PRO D 235 -31.90 -21.46 9.71
N CYS D 236 -32.22 -20.18 9.90
CA CYS D 236 -32.14 -19.57 11.25
C CYS D 236 -33.52 -19.05 11.68
N LYS D 237 -33.99 -19.47 12.85
CA LYS D 237 -35.29 -18.95 13.35
C LYS D 237 -35.17 -17.44 13.53
N ASN D 238 -34.21 -17.01 14.35
CA ASN D 238 -34.01 -15.56 14.61
C ASN D 238 -32.72 -15.09 13.94
N VAL D 239 -32.78 -14.02 13.16
CA VAL D 239 -31.56 -13.50 12.46
C VAL D 239 -31.44 -12.00 12.67
N SER D 240 -30.24 -11.52 12.99
CA SER D 240 -30.00 -10.07 13.17
C SER D 240 -28.84 -9.64 12.27
N THR D 241 -28.48 -8.36 12.28
CA THR D 241 -27.34 -7.92 11.48
C THR D 241 -26.47 -6.99 12.31
N VAL D 242 -25.18 -7.05 12.05
CA VAL D 242 -24.20 -6.16 12.66
C VAL D 242 -23.22 -5.75 11.59
N GLN D 243 -22.86 -4.47 11.60
CA GLN D 243 -21.81 -3.99 10.67
C GLN D 243 -20.46 -4.46 11.22
N CYS D 244 -20.42 -4.93 12.49
CA CYS D 244 -19.18 -5.30 13.13
C CYS D 244 -19.41 -6.56 13.96
N THR D 245 -18.48 -7.51 13.86
CA THR D 245 -18.55 -8.70 14.68
C THR D 245 -18.38 -8.32 16.14
N HIS D 246 -18.91 -9.17 17.02
CA HIS D 246 -18.60 -9.02 18.43
C HIS D 246 -17.10 -9.24 18.63
N GLY D 247 -16.58 -8.66 19.70
CA GLY D 247 -15.17 -8.80 19.97
C GLY D 247 -14.73 -10.24 20.07
N ILE D 248 -13.76 -10.62 19.25
CA ILE D 248 -13.25 -12.03 19.26
C ILE D 248 -11.76 -12.01 19.60
N ARG D 249 -11.39 -12.58 20.74
CA ARG D 249 -9.95 -12.66 21.11
C ARG D 249 -9.30 -13.73 20.23
N PRO D 250 -8.25 -13.38 19.44
CA PRO D 250 -7.62 -14.35 18.54
C PRO D 250 -6.73 -15.32 19.32
N VAL D 251 -7.32 -16.03 20.29
CA VAL D 251 -6.54 -16.99 21.13
C VAL D 251 -6.33 -18.28 20.34
N VAL D 252 -5.09 -18.77 20.28
CA VAL D 252 -4.83 -20.07 19.60
C VAL D 252 -4.59 -21.12 20.68
N SER D 253 -5.39 -22.18 20.71
CA SER D 253 -5.25 -23.24 21.75
C SER D 253 -5.59 -24.59 21.13
N THR D 254 -5.16 -25.68 21.78
CA THR D 254 -5.40 -27.04 21.23
C THR D 254 -6.24 -27.85 22.22
N GLN D 255 -7.04 -28.80 21.70
CA GLN D 255 -7.86 -29.68 22.57
C GLN D 255 -8.79 -28.84 23.46
N LEU D 256 -8.79 -27.51 23.29
CA LEU D 256 -9.60 -26.66 24.18
C LEU D 256 -9.86 -25.34 23.47
N LEU D 257 -10.86 -24.57 23.90
CA LEU D 257 -11.07 -23.22 23.35
C LEU D 257 -11.04 -22.29 24.56
N LEU D 258 -10.02 -21.44 24.69
CA LEU D 258 -9.90 -20.63 25.94
C LEU D 258 -10.50 -19.23 25.75
N ASN D 259 -11.15 -18.69 26.78
CA ASN D 259 -11.68 -17.30 26.69
C ASN D 259 -12.62 -17.20 25.46
N GLY D 260 -13.25 -18.30 25.03
CA GLY D 260 -14.19 -18.19 23.89
C GLY D 260 -15.56 -17.75 24.36
N SER D 261 -16.46 -17.54 23.40
CA SER D 261 -17.87 -17.18 23.70
C SER D 261 -18.58 -18.38 24.33
N LEU D 262 -19.75 -18.15 24.95
CA LEU D 262 -20.48 -19.25 25.63
C LEU D 262 -21.80 -19.53 24.90
N ALA D 263 -22.22 -20.80 24.87
CA ALA D 263 -23.50 -21.17 24.27
C ALA D 263 -24.63 -20.65 25.16
N GLU D 264 -25.86 -21.09 24.86
CA GLU D 264 -27.03 -20.57 25.61
C GLU D 264 -27.81 -21.69 26.29
N GLU D 265 -27.57 -21.91 27.59
CA GLU D 265 -28.35 -22.92 28.36
C GLU D 265 -28.38 -24.28 27.64
N GLU D 266 -27.29 -24.66 26.97
CA GLU D 266 -27.21 -25.98 26.31
C GLU D 266 -25.87 -26.11 25.59
N VAL D 267 -25.05 -27.08 25.99
CA VAL D 267 -23.78 -27.30 25.22
C VAL D 267 -24.18 -27.71 23.81
N VAL D 268 -23.56 -27.10 22.79
CA VAL D 268 -23.93 -27.38 21.37
C VAL D 268 -22.79 -28.14 20.69
N ILE D 269 -23.11 -29.11 19.84
CA ILE D 269 -22.07 -29.92 19.14
C ILE D 269 -22.24 -29.77 17.62
N ARG D 270 -21.22 -29.28 16.91
CA ARG D 270 -21.32 -29.04 15.45
C ARG D 270 -20.24 -29.78 14.69
N SER D 271 -20.58 -30.42 13.57
CA SER D 271 -19.58 -31.08 12.70
C SER D 271 -20.18 -31.19 11.30
N SER D 272 -19.40 -30.97 10.25
CA SER D 272 -20.00 -30.98 8.89
C SER D 272 -20.63 -32.35 8.71
N ASN D 273 -19.94 -33.43 9.11
CA ASN D 273 -20.43 -34.82 8.91
C ASN D 273 -20.22 -35.61 10.21
N PHE D 274 -21.25 -35.74 11.07
CA PHE D 274 -21.06 -36.41 12.38
C PHE D 274 -20.85 -37.89 12.10
N THR D 275 -21.45 -38.35 11.00
CA THR D 275 -21.34 -39.79 10.64
C THR D 275 -19.99 -40.03 9.95
N ASP D 276 -19.16 -38.98 9.84
CA ASP D 276 -17.79 -39.18 9.31
C ASP D 276 -16.84 -39.30 10.50
N ASN D 277 -15.55 -39.56 10.26
CA ASN D 277 -14.56 -39.74 11.36
C ASN D 277 -13.53 -38.62 11.33
N ALA D 278 -12.88 -38.44 10.18
CA ALA D 278 -11.76 -37.47 10.12
C ALA D 278 -12.27 -36.07 10.47
N LYS D 279 -13.53 -35.77 10.15
CA LYS D 279 -14.11 -34.43 10.45
C LYS D 279 -13.91 -34.12 11.94
N ASN D 280 -13.23 -33.02 12.26
CA ASN D 280 -13.10 -32.64 13.70
C ASN D 280 -14.47 -32.20 14.22
N ILE D 281 -14.79 -32.56 15.47
CA ILE D 281 -16.11 -32.22 16.10
C ILE D 281 -15.93 -30.97 16.97
N ILE D 282 -16.64 -29.88 16.64
CA ILE D 282 -16.58 -28.61 17.43
C ILE D 282 -17.58 -28.72 18.58
N VAL D 283 -17.21 -28.32 19.80
CA VAL D 283 -18.20 -28.29 20.91
C VAL D 283 -18.13 -26.90 21.56
N GLN D 284 -19.28 -26.22 21.66
CA GLN D 284 -19.30 -24.91 22.36
C GLN D 284 -19.98 -25.12 23.71
N LEU D 285 -19.33 -24.73 24.80
CA LEU D 285 -19.89 -25.00 26.14
C LEU D 285 -20.91 -23.93 26.53
N LYS D 286 -21.81 -24.25 27.46
CA LYS D 286 -22.79 -23.25 27.95
C LYS D 286 -22.29 -22.66 29.26
N GLU D 287 -21.38 -23.39 29.94
CA GLU D 287 -20.84 -22.92 31.25
C GLU D 287 -19.32 -22.83 31.17
N SER D 288 -18.74 -21.69 31.57
CA SER D 288 -17.26 -21.50 31.52
C SER D 288 -16.61 -22.24 32.68
N VAL D 289 -15.52 -22.97 32.42
CA VAL D 289 -14.76 -23.67 33.49
C VAL D 289 -13.43 -22.95 33.70
N GLU D 290 -13.22 -22.37 34.88
CA GLU D 290 -11.98 -21.58 35.14
C GLU D 290 -10.76 -22.51 35.16
N ILE D 291 -9.67 -22.10 34.51
CA ILE D 291 -8.41 -22.90 34.49
C ILE D 291 -7.26 -22.02 34.97
N ASN D 292 -6.71 -22.30 36.15
CA ASN D 292 -5.65 -21.42 36.69
C ASN D 292 -4.29 -22.03 36.32
N CYS D 293 -3.50 -21.28 35.57
CA CYS D 293 -2.24 -21.84 35.11
C CYS D 293 -1.11 -20.88 35.44
N THR D 294 0.07 -21.41 35.74
CA THR D 294 1.17 -20.52 36.17
C THR D 294 2.55 -21.17 36.00
N ARG D 295 3.59 -20.37 35.85
CA ARG D 295 4.98 -20.91 35.77
C ARG D 295 5.64 -20.62 37.12
N PRO D 296 5.57 -21.52 38.11
CA PRO D 296 6.10 -21.25 39.45
C PRO D 296 7.63 -21.22 39.48
N ASN D 297 8.26 -20.45 38.59
CA ASN D 297 9.75 -20.35 38.62
C ASN D 297 10.16 -18.90 38.39
N ASN D 298 10.86 -18.26 39.35
CA ASN D 298 11.36 -16.86 39.20
C ASN D 298 12.54 -16.88 38.22
N ASN D 299 12.45 -16.19 37.08
CA ASN D 299 13.51 -16.28 36.03
C ASN D 299 14.16 -14.91 35.82
N THR D 300 15.42 -14.90 35.38
CA THR D 300 16.12 -13.62 35.08
C THR D 300 16.41 -13.60 33.57
N ARG D 301 16.61 -12.42 32.99
CA ARG D 301 16.82 -12.32 31.52
C ARG D 301 18.28 -11.96 31.24
N LYS D 302 18.91 -12.67 30.29
CA LYS D 302 20.32 -12.39 29.93
C LYS D 302 20.38 -12.02 28.44
N SER D 303 20.78 -10.79 28.12
CA SER D 303 20.75 -10.37 26.70
C SER D 303 22.03 -10.81 25.98
N ILE D 304 22.14 -12.09 25.63
CA ILE D 304 23.33 -12.59 24.88
C ILE D 304 23.33 -11.92 23.50
N HIS D 305 24.29 -11.03 23.25
CA HIS D 305 24.26 -10.29 21.96
C HIS D 305 24.85 -11.14 20.84
N ILE D 306 24.02 -11.50 19.87
CA ILE D 306 24.50 -12.32 18.72
C ILE D 306 24.31 -11.52 17.43
N GLY D 307 25.33 -10.74 17.03
CA GLY D 307 25.23 -9.90 15.82
C GLY D 307 24.93 -8.46 16.18
N PRO D 308 25.42 -7.47 15.40
CA PRO D 308 25.22 -6.06 15.74
C PRO D 308 23.74 -5.67 15.78
N GLY D 309 23.31 -5.05 16.87
CA GLY D 309 21.90 -4.64 17.01
C GLY D 309 20.97 -5.84 17.12
N ARG D 310 21.54 -7.04 17.30
CA ARG D 310 20.72 -8.28 17.42
C ARG D 310 21.01 -8.93 18.79
N ALA D 311 20.08 -8.82 19.73
CA ALA D 311 20.32 -9.35 21.09
C ALA D 311 19.43 -10.56 21.36
N PHE D 312 20.02 -11.72 21.66
CA PHE D 312 19.24 -12.93 21.99
C PHE D 312 18.97 -12.95 23.50
N TYR D 313 17.69 -12.96 23.89
CA TYR D 313 17.32 -12.96 25.33
C TYR D 313 17.16 -14.40 25.80
N THR D 314 17.73 -14.72 26.97
CA THR D 314 17.66 -16.11 27.48
C THR D 314 17.56 -16.09 29.01
N THR D 315 17.08 -17.18 29.61
CA THR D 315 16.94 -17.26 31.08
C THR D 315 18.34 -17.30 31.71
N GLY D 316 18.69 -16.31 32.52
CA GLY D 316 19.98 -16.32 33.22
C GLY D 316 20.02 -17.46 34.23
N ASP D 317 18.95 -17.59 35.02
CA ASP D 317 18.99 -18.44 36.25
C ASP D 317 17.62 -18.39 36.94
N ILE D 318 17.20 -19.50 37.54
CA ILE D 318 15.91 -19.51 38.29
C ILE D 318 16.21 -19.08 39.74
N ILE D 319 15.47 -18.08 40.23
CA ILE D 319 15.68 -17.59 41.62
C ILE D 319 14.78 -18.37 42.57
N GLY D 320 15.34 -19.33 43.30
CA GLY D 320 14.54 -20.14 44.25
C GLY D 320 14.36 -21.57 43.75
N ASP D 321 13.54 -22.36 44.45
CA ASP D 321 13.32 -23.78 44.06
C ASP D 321 12.60 -23.82 42.70
N ILE D 322 12.82 -24.90 41.94
CA ILE D 322 12.19 -25.04 40.59
C ILE D 322 10.92 -25.87 40.73
N ARG D 323 9.77 -25.34 40.31
CA ARG D 323 8.48 -26.08 40.36
C ARG D 323 7.91 -26.17 38.94
N GLN D 324 7.52 -27.38 38.51
CA GLN D 324 7.01 -27.56 37.13
C GLN D 324 5.68 -26.80 36.97
N ALA D 325 5.42 -26.26 35.77
CA ALA D 325 4.18 -25.56 35.54
C ALA D 325 3.00 -26.51 35.63
N HIS D 326 1.87 -25.99 36.09
CA HIS D 326 0.69 -26.81 36.29
C HIS D 326 -0.55 -25.97 36.02
N CYS D 327 -1.70 -26.62 36.08
CA CYS D 327 -2.99 -25.95 35.94
C CYS D 327 -3.98 -26.60 36.88
N ASN D 328 -4.82 -25.74 37.47
CA ASN D 328 -5.81 -26.21 38.47
C ASN D 328 -7.19 -26.30 37.83
N ILE D 329 -7.91 -27.40 38.07
CA ILE D 329 -9.21 -27.64 37.45
C ILE D 329 -10.12 -28.31 38.46
N SER D 330 -11.33 -27.76 38.61
CA SER D 330 -12.33 -28.34 39.55
C SER D 330 -12.83 -29.68 39.01
N ARG D 331 -12.45 -30.78 39.66
CA ARG D 331 -12.96 -32.11 39.23
C ARG D 331 -14.46 -32.04 39.04
N THR D 332 -15.19 -31.61 40.07
CA THR D 332 -16.68 -31.59 39.99
C THR D 332 -17.13 -30.75 38.79
N LYS D 333 -16.54 -29.57 38.59
CA LYS D 333 -16.98 -28.69 37.49
C LYS D 333 -16.77 -29.41 36.16
N TRP D 334 -15.56 -29.92 35.93
CA TRP D 334 -15.26 -30.66 34.68
C TRP D 334 -16.15 -31.89 34.60
N ASN D 335 -16.38 -32.54 35.74
CA ASN D 335 -17.32 -33.68 35.75
C ASN D 335 -18.63 -33.27 35.10
N ASN D 336 -19.38 -32.40 35.78
CA ASN D 336 -20.69 -31.92 35.26
C ASN D 336 -20.51 -31.50 33.80
N THR D 337 -19.38 -30.89 33.46
CA THR D 337 -19.21 -30.35 32.08
C THR D 337 -19.20 -31.52 31.09
N LEU D 338 -18.34 -32.52 31.34
CA LEU D 338 -18.32 -33.73 30.46
C LEU D 338 -19.72 -34.35 30.44
N ASN D 339 -20.33 -34.52 31.61
CA ASN D 339 -21.70 -35.09 31.69
C ASN D 339 -22.58 -34.46 30.62
N GLN D 340 -22.64 -33.12 30.60
CA GLN D 340 -23.52 -32.40 29.64
C GLN D 340 -23.13 -32.80 28.22
N ILE D 341 -21.83 -32.80 27.93
CA ILE D 341 -21.35 -33.13 26.55
C ILE D 341 -21.72 -34.57 26.22
N ALA D 342 -21.44 -35.51 27.13
CA ALA D 342 -21.74 -36.93 26.88
C ALA D 342 -23.19 -37.07 26.43
N THR D 343 -24.13 -36.51 27.19
CA THR D 343 -25.58 -36.59 26.84
C THR D 343 -25.77 -36.07 25.41
N LYS D 344 -25.33 -34.84 25.15
CA LYS D 344 -25.45 -34.26 23.79
C LYS D 344 -24.94 -35.26 22.75
N LEU D 345 -23.88 -36.01 23.08
CA LEU D 345 -23.28 -36.94 22.08
C LEU D 345 -24.17 -38.17 21.89
N LYS D 346 -24.83 -38.61 22.98
CA LYS D 346 -25.78 -39.74 22.85
C LYS D 346 -26.97 -39.25 22.02
N GLU D 347 -27.43 -38.01 22.27
CA GLU D 347 -28.51 -37.43 21.45
C GLU D 347 -28.06 -37.43 19.99
N GLN D 348 -26.78 -37.16 19.74
CA GLN D 348 -26.25 -37.11 18.36
C GLN D 348 -26.15 -38.51 17.76
N PHE D 349 -25.73 -39.50 18.55
CA PHE D 349 -25.50 -40.85 17.99
C PHE D 349 -26.38 -41.90 18.68
N GLY D 350 -27.70 -41.70 18.72
CA GLY D 350 -28.59 -42.72 19.31
C GLY D 350 -28.60 -42.67 20.83
N ASN D 351 -29.78 -42.54 21.43
CA ASN D 351 -29.90 -42.42 22.92
C ASN D 351 -28.95 -43.41 23.62
N ASN D 352 -29.19 -44.72 23.48
CA ASN D 352 -28.37 -45.72 24.21
C ASN D 352 -26.93 -45.67 23.71
N LYS D 353 -26.02 -45.07 24.48
CA LYS D 353 -24.59 -44.99 24.08
C LYS D 353 -23.70 -44.83 25.31
N THR D 354 -22.65 -45.64 25.43
CA THR D 354 -21.70 -45.50 26.55
C THR D 354 -20.55 -44.58 26.10
N ILE D 355 -20.81 -43.26 26.03
CA ILE D 355 -19.77 -42.30 25.55
C ILE D 355 -18.53 -42.45 26.43
N VAL D 356 -17.40 -42.81 25.83
CA VAL D 356 -16.13 -43.01 26.61
C VAL D 356 -15.13 -41.93 26.18
N PHE D 357 -14.46 -41.29 27.15
CA PHE D 357 -13.43 -40.27 26.82
C PHE D 357 -12.04 -40.92 26.82
N ASN D 358 -11.17 -40.51 25.88
CA ASN D 358 -9.82 -41.12 25.75
C ASN D 358 -8.83 -40.02 25.34
N GLN D 359 -7.53 -40.23 25.58
CA GLN D 359 -6.51 -39.19 25.30
C GLN D 359 -5.98 -39.35 23.88
N SER D 360 -5.57 -38.26 23.24
CA SER D 360 -5.06 -38.30 21.84
C SER D 360 -4.12 -39.50 21.66
N SER D 361 -4.31 -40.26 20.58
CA SER D 361 -3.50 -41.49 20.36
C SER D 361 -2.02 -41.11 20.13
N GLY D 362 -1.75 -40.23 19.16
CA GLY D 362 -0.36 -39.87 18.85
C GLY D 362 -0.28 -38.83 17.74
N GLY D 363 0.92 -38.32 17.46
CA GLY D 363 1.09 -37.27 16.43
C GLY D 363 1.90 -36.10 16.94
N ASP D 364 1.70 -34.91 16.37
CA ASP D 364 2.45 -33.70 16.79
C ASP D 364 2.12 -33.35 18.24
N PRO D 365 3.11 -33.02 19.10
CA PRO D 365 2.82 -32.60 20.46
C PRO D 365 1.70 -31.56 20.46
N GLU D 366 1.60 -30.79 19.37
CA GLU D 366 0.56 -29.77 19.29
C GLU D 366 -0.82 -30.36 19.50
N ILE D 367 -1.09 -31.52 18.90
CA ILE D 367 -2.45 -32.06 18.95
C ILE D 367 -2.51 -33.25 19.89
N VAL D 368 -1.36 -33.82 20.22
CA VAL D 368 -1.33 -34.92 21.23
C VAL D 368 -1.62 -34.32 22.61
N MET D 369 -0.85 -33.32 23.04
CA MET D 369 -1.01 -32.74 24.40
C MET D 369 -1.71 -31.38 24.30
N HIS D 370 -2.62 -31.09 25.22
CA HIS D 370 -3.26 -29.73 25.23
C HIS D 370 -2.17 -28.68 25.39
N SER D 371 -2.07 -27.76 24.41
CA SER D 371 -1.06 -26.68 24.50
C SER D 371 -1.76 -25.33 24.32
N PHE D 372 -1.16 -24.26 24.85
CA PHE D 372 -1.72 -22.89 24.71
C PHE D 372 -0.61 -21.90 25.01
N ASN D 373 -0.91 -20.60 25.03
CA ASN D 373 0.10 -19.57 25.41
C ASN D 373 -0.33 -18.91 26.72
N CYS D 374 0.63 -18.62 27.60
CA CYS D 374 0.32 -18.01 28.91
C CYS D 374 1.32 -16.90 29.23
N GLY D 375 0.86 -15.65 29.21
CA GLY D 375 1.75 -14.51 29.53
C GLY D 375 3.04 -14.55 28.73
N GLY D 376 2.94 -14.74 27.42
CA GLY D 376 4.13 -14.79 26.55
C GLY D 376 4.99 -16.01 26.87
N GLU D 377 4.35 -17.16 27.06
CA GLU D 377 5.10 -18.42 27.35
C GLU D 377 4.23 -19.61 26.96
N PHE D 378 4.70 -20.46 26.04
CA PHE D 378 3.87 -21.60 25.57
C PHE D 378 3.83 -22.69 26.64
N PHE D 379 2.67 -23.32 26.82
CA PHE D 379 2.53 -24.35 27.88
C PHE D 379 2.03 -25.66 27.26
N TYR D 380 2.77 -26.76 27.38
CA TYR D 380 2.24 -28.06 26.88
C TYR D 380 1.76 -28.85 28.10
N CYS D 381 0.44 -28.88 28.33
CA CYS D 381 -0.08 -29.54 29.56
C CYS D 381 -0.62 -30.93 29.24
N ASN D 382 -0.27 -31.94 30.06
CA ASN D 382 -0.75 -33.34 29.89
C ASN D 382 -2.16 -33.46 30.46
N SER D 383 -3.18 -33.08 29.68
CA SER D 383 -4.59 -33.18 30.13
C SER D 383 -5.02 -34.65 30.18
N THR D 384 -4.10 -35.53 30.62
CA THR D 384 -4.42 -36.98 30.70
C THR D 384 -5.66 -37.20 31.57
N GLN D 385 -5.73 -36.51 32.72
CA GLN D 385 -6.86 -36.69 33.66
C GLN D 385 -8.16 -36.24 33.00
N LEU D 386 -8.12 -35.15 32.22
CA LEU D 386 -9.35 -34.60 31.61
C LEU D 386 -9.98 -35.63 30.66
N PHE D 387 -9.19 -36.58 30.15
CA PHE D 387 -9.71 -37.56 29.17
C PHE D 387 -9.63 -38.98 29.71
N ASN D 388 -9.13 -39.16 30.95
CA ASN D 388 -9.10 -40.51 31.58
C ASN D 388 -10.47 -40.74 32.20
N SER D 389 -11.52 -40.88 31.39
CA SER D 389 -12.89 -41.03 31.93
C SER D 389 -13.80 -41.78 30.95
N THR D 390 -13.96 -43.09 31.13
CA THR D 390 -14.88 -43.90 30.29
C THR D 390 -16.23 -43.99 31.00
N TRP D 391 -17.30 -43.53 30.36
CA TRP D 391 -18.62 -43.51 31.04
C TRP D 391 -19.61 -44.44 30.32
N ASN D 392 -20.51 -45.07 31.08
CA ASN D 392 -21.51 -45.99 30.47
C ASN D 392 -22.79 -45.20 30.17
N PHE D 393 -23.96 -45.82 30.37
CA PHE D 393 -25.25 -45.13 30.06
C PHE D 393 -26.16 -45.16 31.28
N ASN D 394 -25.72 -45.80 32.37
CA ASN D 394 -26.61 -45.94 33.55
C ASN D 394 -26.00 -45.32 34.80
N GLY D 395 -26.81 -44.59 35.59
CA GLY D 395 -26.37 -44.01 36.87
C GLY D 395 -25.44 -42.82 36.66
N THR D 396 -25.00 -42.59 35.43
CA THR D 396 -24.10 -41.44 35.11
C THR D 396 -24.91 -40.14 35.20
N TRP D 397 -26.24 -40.24 35.21
CA TRP D 397 -27.10 -39.04 35.21
C TRP D 397 -26.85 -38.19 36.47
N ASN D 398 -26.73 -38.83 37.64
CA ASN D 398 -26.56 -38.06 38.90
C ASN D 398 -25.44 -37.03 38.73
N LEU D 399 -25.72 -35.76 39.06
CA LEU D 399 -24.69 -34.69 38.94
C LEU D 399 -24.10 -34.41 40.32
N THR D 400 -23.12 -35.19 40.74
CA THR D 400 -22.53 -35.05 42.10
C THR D 400 -22.03 -33.61 42.29
N GLN D 401 -22.25 -33.04 43.48
CA GLN D 401 -21.82 -31.65 43.77
C GLN D 401 -20.44 -31.66 44.42
N SER D 402 -20.10 -30.61 45.16
CA SER D 402 -18.79 -30.55 45.87
C SER D 402 -19.02 -30.59 47.39
N ASN D 403 -19.71 -31.62 47.88
CA ASN D 403 -20.00 -31.73 49.34
C ASN D 403 -18.68 -31.64 50.11
N GLY D 404 -17.72 -32.51 49.79
CA GLY D 404 -16.40 -32.48 50.45
C GLY D 404 -15.39 -31.74 49.59
N THR D 405 -15.05 -30.51 49.95
CA THR D 405 -14.11 -29.69 49.13
C THR D 405 -12.80 -30.45 48.95
N GLU D 406 -12.11 -30.76 50.05
CA GLU D 406 -10.78 -31.42 49.96
C GLU D 406 -9.87 -30.56 49.09
N GLY D 407 -9.83 -29.25 49.35
CA GLY D 407 -9.04 -28.34 48.50
C GLY D 407 -9.54 -28.36 47.07
N ASN D 408 -10.84 -28.63 46.89
CA ASN D 408 -11.45 -28.70 45.53
C ASN D 408 -10.85 -29.88 44.76
N ASP D 409 -10.09 -30.75 45.43
CA ASP D 409 -9.40 -31.84 44.71
C ASP D 409 -8.99 -31.30 43.34
N THR D 410 -8.58 -30.03 43.28
CA THR D 410 -8.30 -29.42 41.95
C THR D 410 -7.42 -30.33 41.10
N ILE D 411 -7.84 -30.61 39.87
CA ILE D 411 -7.02 -31.43 38.94
C ILE D 411 -5.74 -30.64 38.62
N THR D 412 -4.57 -31.22 38.90
CA THR D 412 -3.29 -30.55 38.58
C THR D 412 -2.75 -31.12 37.27
N LEU D 413 -2.66 -30.30 36.22
CA LEU D 413 -2.21 -30.78 34.89
C LEU D 413 -0.70 -30.62 34.76
N PRO D 414 0.06 -31.72 34.54
CA PRO D 414 1.51 -31.63 34.32
C PRO D 414 1.80 -30.72 33.10
N CYS D 415 2.39 -29.54 33.31
CA CYS D 415 2.62 -28.60 32.19
C CYS D 415 4.12 -28.35 31.99
N ARG D 416 4.56 -28.23 30.73
CA ARG D 416 5.98 -27.95 30.41
C ARG D 416 6.02 -26.78 29.43
N ILE D 417 7.22 -26.42 28.94
CA ILE D 417 7.33 -25.22 28.05
C ILE D 417 8.19 -25.54 26.82
N LYS D 418 7.62 -25.40 25.61
CA LYS D 418 8.38 -25.59 24.35
C LYS D 418 8.69 -24.20 23.80
N GLN D 419 9.87 -23.64 24.09
CA GLN D 419 10.19 -22.24 23.68
C GLN D 419 10.02 -22.11 22.17
N ILE D 420 10.74 -22.92 21.39
CA ILE D 420 10.59 -22.90 19.91
C ILE D 420 9.19 -23.43 19.56
N ILE D 421 8.50 -22.75 18.65
CA ILE D 421 7.15 -23.21 18.20
C ILE D 421 7.17 -23.25 16.66
N ASN D 422 6.88 -24.40 16.07
CA ASN D 422 6.92 -24.55 14.59
C ASN D 422 5.63 -23.97 14.01
N MET D 423 5.68 -23.43 12.79
CA MET D 423 4.43 -22.97 12.14
C MET D 423 3.47 -24.17 12.10
N TRP D 424 2.21 -23.97 12.50
CA TRP D 424 1.26 -25.11 12.60
C TRP D 424 1.23 -25.92 11.30
N GLN D 425 1.21 -25.25 10.15
CA GLN D 425 1.07 -25.99 8.86
C GLN D 425 2.40 -25.99 8.10
N GLU D 426 3.10 -24.86 8.07
CA GLU D 426 4.36 -24.76 7.28
C GLU D 426 5.49 -25.53 7.99
N VAL D 427 6.18 -26.42 7.26
CA VAL D 427 7.33 -27.17 7.84
C VAL D 427 8.38 -26.16 8.30
N GLY D 428 8.74 -25.20 7.44
CA GLY D 428 9.77 -24.21 7.80
C GLY D 428 9.21 -23.08 8.64
N LYS D 429 9.95 -21.97 8.77
CA LYS D 429 9.47 -20.78 9.51
C LYS D 429 9.15 -21.12 10.98
N ALA D 430 10.12 -21.59 11.75
CA ALA D 430 9.89 -21.81 13.19
C ALA D 430 10.16 -20.50 13.93
N MET D 431 9.85 -20.42 15.23
CA MET D 431 10.00 -19.12 15.95
C MET D 431 10.37 -19.37 17.41
N TYR D 432 11.19 -18.49 18.00
CA TYR D 432 11.59 -18.62 19.42
C TYR D 432 10.83 -17.60 20.26
N ALA D 433 10.54 -17.93 21.51
CA ALA D 433 9.86 -16.97 22.42
C ALA D 433 10.84 -16.53 23.51
N PRO D 434 11.20 -15.24 23.60
CA PRO D 434 12.16 -14.77 24.61
C PRO D 434 11.60 -14.96 26.01
N PRO D 435 12.42 -15.40 27.00
CA PRO D 435 11.95 -15.65 28.37
C PRO D 435 11.35 -14.39 29.02
N ILE D 436 10.37 -14.56 29.90
CA ILE D 436 9.76 -13.40 30.61
C ILE D 436 10.37 -13.34 32.02
N ARG D 437 10.71 -12.14 32.50
CA ARG D 437 11.39 -12.00 33.81
C ARG D 437 10.37 -12.17 34.95
N GLY D 438 10.45 -13.28 35.70
CA GLY D 438 9.57 -13.46 36.87
C GLY D 438 8.54 -14.55 36.67
N GLN D 439 7.82 -14.93 37.74
CA GLN D 439 6.82 -16.03 37.63
C GLN D 439 5.63 -15.56 36.80
N ILE D 440 5.21 -16.37 35.83
CA ILE D 440 4.09 -16.00 34.92
C ILE D 440 2.79 -16.61 35.49
N ARG D 441 1.69 -15.85 35.44
CA ARG D 441 0.40 -16.34 35.97
C ARG D 441 -0.69 -16.18 34.91
N CYS D 442 -1.70 -17.05 34.91
CA CYS D 442 -2.80 -17.01 33.92
C CYS D 442 -4.07 -17.60 34.54
N SER D 443 -5.24 -17.18 34.03
CA SER D 443 -6.54 -17.72 34.51
C SER D 443 -7.60 -17.61 33.41
N SER D 444 -7.43 -18.38 32.34
CA SER D 444 -8.40 -18.33 31.21
C SER D 444 -9.66 -19.12 31.59
N ASN D 445 -10.69 -19.07 30.75
CA ASN D 445 -11.92 -19.85 31.02
C ASN D 445 -12.10 -20.89 29.90
N ILE D 446 -12.22 -22.16 30.27
CA ILE D 446 -12.50 -23.20 29.23
C ILE D 446 -13.86 -22.85 28.65
N THR D 447 -13.99 -22.84 27.31
CA THR D 447 -15.27 -22.41 26.69
C THR D 447 -15.61 -23.34 25.53
N GLY D 448 -14.76 -24.34 25.26
CA GLY D 448 -15.03 -25.20 24.08
C GLY D 448 -14.11 -26.41 24.01
N LEU D 449 -14.53 -27.44 23.26
CA LEU D 449 -13.70 -28.67 23.12
C LEU D 449 -13.62 -29.07 21.64
N ILE D 450 -12.45 -29.56 21.20
CA ILE D 450 -12.32 -30.08 19.81
C ILE D 450 -12.20 -31.59 19.94
N LEU D 451 -12.96 -32.37 19.15
CA LEU D 451 -12.97 -33.85 19.35
C LEU D 451 -12.83 -34.58 18.01
N THR D 452 -12.42 -35.85 18.06
CA THR D 452 -12.26 -36.65 16.82
C THR D 452 -12.87 -38.05 17.07
N ARG D 453 -14.08 -38.28 16.56
CA ARG D 453 -14.71 -39.62 16.71
C ARG D 453 -13.86 -40.64 15.94
N ASP D 454 -13.39 -41.68 16.62
CA ASP D 454 -12.61 -42.74 15.95
C ASP D 454 -13.58 -43.78 15.37
N GLY D 455 -13.30 -44.28 14.16
CA GLY D 455 -14.20 -45.24 13.51
C GLY D 455 -14.53 -46.42 14.41
N GLY D 456 -15.81 -46.80 14.47
CA GLY D 456 -16.23 -47.94 15.30
C GLY D 456 -15.98 -49.26 14.60
N ASN D 457 -14.72 -49.54 14.24
CA ASN D 457 -14.36 -50.80 13.53
C ASN D 457 -14.78 -51.99 14.39
N ASN D 458 -14.51 -51.92 15.70
CA ASN D 458 -14.86 -53.03 16.63
C ASN D 458 -14.83 -52.51 18.06
N HIS D 459 -15.32 -53.29 19.03
CA HIS D 459 -15.30 -52.91 20.46
C HIS D 459 -15.97 -51.54 20.65
N ASN D 460 -16.77 -51.11 19.67
CA ASN D 460 -17.43 -49.77 19.75
C ASN D 460 -18.94 -49.94 19.55
N ASN D 461 -19.50 -51.04 20.08
CA ASN D 461 -20.96 -51.26 19.97
C ASN D 461 -21.69 -50.02 20.50
N ASP D 462 -21.35 -49.59 21.71
CA ASP D 462 -21.96 -48.36 22.28
C ASP D 462 -20.84 -47.46 22.84
N THR D 463 -19.59 -47.91 22.74
CA THR D 463 -18.45 -47.14 23.32
C THR D 463 -18.05 -46.04 22.35
N GLU D 464 -18.95 -45.09 22.07
CA GLU D 464 -18.59 -43.95 21.19
C GLU D 464 -17.38 -43.24 21.79
N THR D 465 -16.28 -43.16 21.03
CA THR D 465 -15.04 -42.54 21.55
C THR D 465 -14.78 -41.21 20.82
N PHE D 466 -14.42 -40.17 21.56
CA PHE D 466 -14.15 -38.83 20.97
C PHE D 466 -12.79 -38.34 21.47
N ARG D 467 -11.73 -38.66 20.73
CA ARG D 467 -10.36 -38.25 21.13
C ARG D 467 -10.23 -36.72 21.00
N PRO D 468 -9.47 -35.96 21.82
CA PRO D 468 -9.33 -34.52 21.60
C PRO D 468 -8.71 -34.25 20.24
N GLY D 469 -9.12 -33.13 19.64
CA GLY D 469 -8.61 -32.72 18.35
C GLY D 469 -7.88 -31.40 18.40
N GLY D 470 -7.77 -30.76 17.24
CA GLY D 470 -7.13 -29.47 17.15
C GLY D 470 -6.24 -29.35 15.95
N GLY D 471 -5.13 -28.62 16.09
CA GLY D 471 -4.14 -28.58 15.04
C GLY D 471 -4.51 -27.74 13.83
N ASP D 472 -5.54 -26.91 13.97
CA ASP D 472 -6.01 -26.14 12.80
C ASP D 472 -6.61 -24.83 13.29
N MET D 473 -5.95 -23.71 12.97
CA MET D 473 -6.48 -22.37 13.39
C MET D 473 -7.92 -22.26 12.92
N ARG D 474 -8.21 -22.80 11.73
CA ARG D 474 -9.58 -22.68 11.15
C ARG D 474 -10.62 -23.27 12.12
N ASP D 475 -10.31 -24.38 12.79
CA ASP D 475 -11.32 -25.04 13.63
C ASP D 475 -11.71 -24.04 14.73
N ASN D 476 -10.73 -23.34 15.29
CA ASN D 476 -10.99 -22.33 16.34
C ASN D 476 -11.83 -21.20 15.76
N TRP D 477 -11.51 -20.76 14.54
CA TRP D 477 -12.27 -19.64 13.92
C TRP D 477 -13.72 -20.06 13.66
N ARG D 478 -13.93 -21.31 13.23
CA ARG D 478 -15.30 -21.80 12.92
C ARG D 478 -16.14 -21.76 14.19
N SER D 479 -15.53 -22.10 15.33
CA SER D 479 -16.29 -22.15 16.60
C SER D 479 -16.84 -20.75 16.94
N GLU D 480 -16.08 -19.69 16.67
CA GLU D 480 -16.53 -18.33 17.05
C GLU D 480 -17.29 -17.63 15.91
N LEU D 481 -17.12 -18.08 14.67
CA LEU D 481 -17.74 -17.36 13.51
C LEU D 481 -19.00 -18.09 13.01
N TYR D 482 -19.43 -19.15 13.69
CA TYR D 482 -20.57 -19.95 13.19
C TYR D 482 -21.82 -19.08 13.03
N LYS D 483 -22.00 -18.09 13.90
CA LYS D 483 -23.23 -17.31 13.89
C LYS D 483 -23.18 -16.16 12.91
N TYR D 484 -22.04 -15.92 12.28
CA TYR D 484 -21.87 -14.78 11.40
C TYR D 484 -21.77 -15.24 9.95
N LYS D 485 -22.29 -14.41 9.05
CA LYS D 485 -22.10 -14.59 7.62
C LYS D 485 -22.15 -13.22 6.97
N VAL D 486 -21.31 -13.05 5.92
CA VAL D 486 -21.20 -11.71 5.28
C VAL D 486 -21.98 -11.70 3.96
N VAL D 487 -22.84 -10.71 3.77
CA VAL D 487 -23.66 -10.63 2.54
C VAL D 487 -23.51 -9.24 1.90
N LYS D 488 -23.25 -9.17 0.60
CA LYS D 488 -23.22 -7.84 -0.08
C LYS D 488 -24.66 -7.31 -0.09
N ILE D 489 -24.83 -6.00 0.13
CA ILE D 489 -26.20 -5.41 0.06
C ILE D 489 -26.37 -4.77 -1.32
N GLU D 490 -27.33 -5.25 -2.10
CA GLU D 490 -27.58 -4.64 -3.44
C GLU D 490 -28.71 -3.62 -3.32
N PRO D 491 -28.43 -2.29 -3.36
CA PRO D 491 -29.49 -1.30 -3.16
C PRO D 491 -30.35 -1.17 -4.41
N LEU D 492 -29.93 -1.78 -5.51
CA LEU D 492 -30.68 -1.61 -6.78
C LEU D 492 -31.85 -2.59 -6.78
N GLY D 493 -33.03 -2.14 -7.19
CA GLY D 493 -34.22 -3.02 -7.19
C GLY D 493 -35.21 -2.64 -8.28
N VAL D 494 -35.91 -3.62 -8.84
CA VAL D 494 -36.92 -3.35 -9.90
C VAL D 494 -38.29 -3.82 -9.39
N ALA D 495 -39.37 -3.31 -9.96
CA ALA D 495 -40.74 -3.68 -9.52
C ALA D 495 -41.75 -3.23 -10.57
N PRO D 496 -42.87 -3.96 -10.78
CA PRO D 496 -43.90 -3.54 -11.73
C PRO D 496 -44.91 -2.59 -11.08
N THR D 497 -45.31 -1.52 -11.78
CA THR D 497 -46.24 -0.51 -11.20
C THR D 497 -47.07 0.14 -12.32
N LYS D 498 -48.35 0.45 -12.04
CA LYS D 498 -49.24 1.04 -13.07
C LYS D 498 -48.70 2.40 -13.51
N ALA D 499 -47.74 2.97 -12.77
CA ALA D 499 -47.21 4.31 -13.09
C ALA D 499 -46.38 4.25 -14.38
N LYS D 500 -46.39 5.31 -15.18
CA LYS D 500 -45.58 5.35 -16.43
C LYS D 500 -44.70 6.62 -16.42
N ARG D 501 -43.55 6.57 -17.11
CA ARG D 501 -42.66 7.76 -17.22
C ARG D 501 -43.50 9.02 -17.34
N ARG D 502 -44.34 9.11 -18.37
CA ARG D 502 -45.15 10.34 -18.62
C ARG D 502 -44.18 11.54 -18.67
N VAL D 503 -43.02 11.36 -19.29
CA VAL D 503 -42.04 12.48 -19.42
C VAL D 503 -42.12 13.00 -20.85
N VAL D 504 -42.84 14.11 -21.06
CA VAL D 504 -42.99 14.70 -22.42
C VAL D 504 -42.30 16.07 -22.44
N GLN D 505 -41.53 16.38 -21.40
CA GLN D 505 -40.82 17.68 -21.31
C GLN D 505 -41.82 18.81 -21.57
N GLU E 32 -45.02 33.15 9.72
CA GLU E 32 -44.23 32.77 10.93
C GLU E 32 -43.91 31.28 10.88
N LYS E 33 -43.80 30.71 9.67
CA LYS E 33 -43.55 29.25 9.53
C LYS E 33 -42.18 29.05 8.87
N LEU E 34 -41.27 28.37 9.57
CA LEU E 34 -39.89 28.17 9.02
C LEU E 34 -39.71 26.69 8.65
N TRP E 35 -39.10 26.43 7.48
CA TRP E 35 -38.89 25.04 7.02
C TRP E 35 -37.41 24.84 6.71
N VAL E 36 -36.82 23.72 7.11
CA VAL E 36 -35.36 23.52 6.94
C VAL E 36 -34.97 23.76 5.47
N THR E 37 -33.85 24.43 5.24
CA THR E 37 -33.36 24.64 3.85
C THR E 37 -31.89 24.25 3.79
N VAL E 38 -31.60 23.08 3.21
CA VAL E 38 -30.19 22.57 3.17
C VAL E 38 -29.36 23.50 2.30
N TYR E 39 -28.26 24.04 2.85
CA TYR E 39 -27.35 24.91 2.05
C TYR E 39 -26.04 24.16 1.84
N TYR E 40 -25.61 24.02 0.58
CA TYR E 40 -24.33 23.33 0.28
C TYR E 40 -23.24 24.39 0.06
N GLY E 41 -22.22 24.39 0.93
CA GLY E 41 -21.12 25.37 0.80
C GLY E 41 -21.05 26.27 2.02
N VAL E 42 -21.79 25.96 3.08
CA VAL E 42 -21.82 26.83 4.30
C VAL E 42 -20.38 26.97 4.82
N PRO E 43 -19.96 28.17 5.29
CA PRO E 43 -18.60 28.38 5.76
C PRO E 43 -18.40 27.85 7.18
N VAL E 44 -18.66 26.55 7.38
CA VAL E 44 -18.51 25.93 8.73
C VAL E 44 -17.42 24.86 8.65
N TRP E 45 -16.59 24.73 9.68
CA TRP E 45 -15.48 23.75 9.64
C TRP E 45 -15.36 23.05 11.00
N LYS E 46 -14.48 22.06 11.10
CA LYS E 46 -14.28 21.33 12.38
C LYS E 46 -12.82 20.89 12.50
N GLU E 47 -12.27 20.94 13.72
CA GLU E 47 -10.86 20.52 13.95
C GLU E 47 -10.73 19.04 13.61
N ALA E 48 -9.78 18.68 12.74
CA ALA E 48 -9.65 17.27 12.31
C ALA E 48 -8.19 16.95 11.96
N THR E 49 -7.82 15.67 12.04
CA THR E 49 -6.43 15.23 11.68
C THR E 49 -6.50 14.48 10.35
N THR E 50 -5.47 14.59 9.51
CA THR E 50 -5.55 13.95 8.17
C THR E 50 -4.18 13.62 7.60
N THR E 51 -4.15 12.89 6.48
CA THR E 51 -2.89 12.54 5.79
C THR E 51 -2.51 13.67 4.83
N LEU E 52 -1.51 14.47 5.21
CA LEU E 52 -1.07 15.60 4.36
C LEU E 52 -0.22 15.05 3.21
N PHE E 53 -0.12 15.79 2.11
CA PHE E 53 0.75 15.35 0.98
C PHE E 53 1.81 16.42 0.70
N CYS E 54 3.04 15.99 0.45
CA CYS E 54 4.16 16.94 0.18
C CYS E 54 3.95 17.65 -1.15
N ALA E 55 4.34 18.93 -1.24
CA ALA E 55 4.26 19.65 -2.53
C ALA E 55 5.49 20.56 -2.66
N SER E 56 6.51 20.14 -3.40
CA SER E 56 7.76 20.94 -3.48
C SER E 56 7.93 21.50 -4.89
N ASP E 57 8.80 22.51 -5.04
CA ASP E 57 9.01 23.15 -6.38
C ASP E 57 9.44 22.07 -7.37
N ALA E 58 8.88 22.10 -8.58
CA ALA E 58 9.18 21.05 -9.59
C ALA E 58 10.64 21.08 -10.04
N LYS E 59 11.33 22.21 -9.83
CA LYS E 59 12.72 22.34 -10.32
C LYS E 59 13.55 21.12 -9.91
N ALA E 60 13.37 20.65 -8.66
CA ALA E 60 14.14 19.49 -8.16
C ALA E 60 13.87 18.28 -9.06
N TYR E 61 12.62 18.05 -9.43
CA TYR E 61 12.25 16.90 -10.29
C TYR E 61 12.96 17.05 -11.64
N ASP E 62 12.95 18.26 -12.19
CA ASP E 62 13.57 18.51 -13.52
C ASP E 62 15.07 18.25 -13.45
N THR E 63 15.72 18.70 -12.38
CA THR E 63 17.18 18.47 -12.19
C THR E 63 17.43 16.96 -12.14
N GLU E 64 16.39 16.18 -11.83
CA GLU E 64 16.52 14.70 -11.81
C GLU E 64 17.66 14.28 -10.88
N VAL E 65 18.03 15.13 -9.92
CA VAL E 65 19.06 14.72 -8.92
C VAL E 65 18.49 13.55 -8.11
N HIS E 66 17.27 13.71 -7.60
CA HIS E 66 16.60 12.63 -6.81
C HIS E 66 17.59 12.03 -5.82
N ASN E 67 18.42 12.89 -5.21
CA ASN E 67 19.40 12.42 -4.20
C ASN E 67 18.91 12.87 -2.82
N VAL E 68 18.03 13.88 -2.79
CA VAL E 68 17.45 14.35 -1.51
C VAL E 68 16.68 13.19 -0.87
N TRP E 69 16.72 13.08 0.46
CA TRP E 69 16.05 11.93 1.14
C TRP E 69 14.53 12.12 1.08
N ALA E 70 14.07 13.12 0.32
CA ALA E 70 12.61 13.34 0.14
C ALA E 70 12.39 14.13 -1.15
N THR E 71 11.16 14.59 -1.41
CA THR E 71 10.87 15.47 -2.58
C THR E 71 10.93 14.69 -3.92
N HIS E 72 11.53 13.50 -3.93
CA HIS E 72 11.69 12.76 -5.21
C HIS E 72 10.32 12.60 -5.89
N ALA E 73 9.32 12.10 -5.16
CA ALA E 73 7.98 11.88 -5.75
C ALA E 73 7.03 12.98 -5.24
N CYS E 74 7.54 13.89 -4.41
CA CYS E 74 6.72 15.00 -3.89
C CYS E 74 6.10 15.77 -5.06
N VAL E 75 4.80 16.08 -4.99
CA VAL E 75 4.10 16.75 -6.13
C VAL E 75 4.59 18.20 -6.26
N PRO E 76 4.34 18.91 -7.38
CA PRO E 76 4.73 20.31 -7.52
C PRO E 76 3.88 21.25 -6.66
N THR E 77 4.32 22.49 -6.48
CA THR E 77 3.59 23.45 -5.61
C THR E 77 2.83 24.47 -6.47
N ASP E 78 1.55 24.70 -6.17
CA ASP E 78 0.76 25.72 -6.90
C ASP E 78 1.63 26.98 -7.06
N PRO E 79 1.99 27.40 -8.29
CA PRO E 79 2.89 28.55 -8.46
C PRO E 79 2.54 29.70 -7.52
N ASN E 80 1.26 30.09 -7.49
CA ASN E 80 0.81 31.17 -6.57
C ASN E 80 0.14 30.53 -5.34
N PRO E 81 0.68 30.70 -4.11
CA PRO E 81 0.04 30.14 -2.93
C PRO E 81 -1.37 30.72 -2.81
N GLN E 82 -2.37 29.88 -2.51
CA GLN E 82 -3.77 30.35 -2.40
C GLN E 82 -4.14 30.49 -0.92
N GLU E 83 -4.27 31.73 -0.44
CA GLU E 83 -4.61 31.97 0.99
C GLU E 83 -5.76 32.96 1.09
N VAL E 84 -6.55 32.88 2.16
CA VAL E 84 -7.66 33.86 2.37
C VAL E 84 -7.54 34.41 3.79
N VAL E 85 -7.95 35.66 4.01
CA VAL E 85 -7.92 36.26 5.37
C VAL E 85 -9.31 36.06 6.00
N LEU E 86 -9.44 35.10 6.92
CA LEU E 86 -10.74 34.86 7.60
C LEU E 86 -10.93 35.95 8.66
N GLU E 87 -11.39 37.12 8.23
CA GLU E 87 -11.61 38.25 9.18
C GLU E 87 -12.78 37.88 10.10
N ASN E 88 -12.80 38.44 11.32
CA ASN E 88 -13.91 38.19 12.27
C ASN E 88 -13.84 36.75 12.78
N VAL E 89 -12.66 36.12 12.70
CA VAL E 89 -12.50 34.70 13.14
C VAL E 89 -11.42 34.64 14.23
N THR E 90 -11.73 34.01 15.37
CA THR E 90 -10.74 33.87 16.47
C THR E 90 -10.58 32.39 16.83
N GLU E 91 -10.11 31.57 15.88
CA GLU E 91 -9.93 30.11 16.13
C GLU E 91 -8.91 29.93 17.25
N ASN E 92 -9.08 28.89 18.07
CA ASN E 92 -8.08 28.60 19.14
C ASN E 92 -6.94 27.77 18.53
N PHE E 93 -5.69 28.14 18.82
CA PHE E 93 -4.52 27.43 18.26
C PHE E 93 -3.68 26.83 19.39
N ASN E 94 -3.29 25.56 19.26
CA ASN E 94 -2.42 24.93 20.29
C ASN E 94 -1.24 24.23 19.59
N MET E 95 -0.02 24.68 19.86
CA MET E 95 1.19 24.08 19.24
C MET E 95 1.38 22.65 19.76
N TRP E 96 1.24 22.46 21.07
CA TRP E 96 1.52 21.12 21.67
C TRP E 96 0.45 20.11 21.25
N LYS E 97 -0.68 20.59 20.72
CA LYS E 97 -1.76 19.68 20.26
C LYS E 97 -1.91 19.78 18.74
N ASN E 98 -0.84 20.14 18.05
CA ASN E 98 -0.87 20.23 16.56
C ASN E 98 -0.48 18.87 15.98
N ASN E 99 -1.48 18.06 15.61
CA ASN E 99 -1.19 16.73 14.99
C ASN E 99 -0.11 16.90 13.92
N MET E 100 -0.18 17.99 13.15
CA MET E 100 0.79 18.20 12.05
C MET E 100 2.20 17.86 12.54
N VAL E 101 2.58 18.35 13.73
CA VAL E 101 3.94 18.11 14.26
C VAL E 101 4.18 16.60 14.34
N GLU E 102 3.25 15.88 14.96
CA GLU E 102 3.41 14.41 15.12
C GLU E 102 3.55 13.77 13.73
N GLN E 103 2.70 14.17 12.79
CA GLN E 103 2.74 13.59 11.42
C GLN E 103 4.12 13.89 10.82
N MET E 104 4.47 15.18 10.75
CA MET E 104 5.77 15.59 10.15
C MET E 104 6.91 14.77 10.76
N HIS E 105 6.86 14.52 12.06
CA HIS E 105 7.96 13.77 12.72
C HIS E 105 8.05 12.38 12.07
N GLU E 106 6.94 11.64 12.10
CA GLU E 106 6.95 10.27 11.53
C GLU E 106 7.40 10.34 10.06
N ASP E 107 6.96 11.37 9.34
CA ASP E 107 7.30 11.50 7.90
C ASP E 107 8.83 11.58 7.75
N ILE E 108 9.46 12.61 8.29
CA ILE E 108 10.93 12.78 8.09
C ILE E 108 11.64 11.52 8.61
N ILE E 109 11.19 10.97 9.73
CA ILE E 109 11.77 9.70 10.24
C ILE E 109 11.66 8.65 9.13
N SER E 110 10.45 8.43 8.61
CA SER E 110 10.26 7.38 7.58
C SER E 110 11.08 7.74 6.33
N LEU E 111 11.05 9.00 5.91
CA LEU E 111 11.85 9.43 4.73
C LEU E 111 13.30 9.01 4.95
N TRP E 112 13.86 9.34 6.12
CA TRP E 112 15.27 9.00 6.41
C TRP E 112 15.46 7.48 6.37
N ASP E 113 14.60 6.75 7.06
CA ASP E 113 14.74 5.27 7.12
C ASP E 113 14.67 4.71 5.69
N GLU E 114 13.73 5.22 4.89
CA GLU E 114 13.56 4.74 3.49
C GLU E 114 14.84 5.01 2.70
N SER E 115 15.44 6.19 2.88
CA SER E 115 16.63 6.57 2.09
C SER E 115 17.79 5.61 2.38
N LEU E 116 18.01 5.25 3.65
CA LEU E 116 19.17 4.39 4.00
C LEU E 116 18.74 2.92 4.05
N LYS E 117 17.47 2.64 3.72
CA LYS E 117 16.98 1.23 3.69
C LYS E 117 17.83 0.40 2.72
N PRO E 118 18.04 0.81 1.44
CA PRO E 118 18.77 -0.01 0.49
C PRO E 118 20.26 0.38 0.38
N CYS E 119 20.92 0.67 1.51
CA CYS E 119 22.34 1.11 1.47
C CYS E 119 23.20 0.16 2.31
N VAL E 120 24.50 0.07 2.01
CA VAL E 120 25.41 -0.90 2.69
C VAL E 120 25.39 -0.71 4.21
N LYS E 121 25.56 -1.80 4.98
CA LYS E 121 25.66 -1.67 6.45
C LYS E 121 27.11 -1.94 6.87
N LEU E 122 27.55 -1.37 8.00
CA LEU E 122 28.95 -1.55 8.46
C LEU E 122 29.02 -2.73 9.44
N THR E 123 28.02 -3.60 9.41
CA THR E 123 28.02 -4.80 10.30
C THR E 123 29.29 -5.63 10.05
N PRO E 124 29.78 -5.87 8.80
CA PRO E 124 31.04 -6.60 8.63
C PRO E 124 32.26 -5.82 9.15
N LEU E 125 32.18 -4.49 9.18
CA LEU E 125 33.34 -3.66 9.59
C LEU E 125 33.54 -3.75 11.11
N CYS E 126 32.72 -4.56 11.78
CA CYS E 126 32.81 -4.65 13.27
C CYS E 126 33.97 -5.55 13.68
N VAL E 127 35.19 -5.03 13.58
CA VAL E 127 36.40 -5.79 13.98
C VAL E 127 37.28 -4.89 14.85
N THR E 128 38.25 -5.46 15.56
CA THR E 128 39.20 -4.62 16.34
C THR E 128 39.94 -3.69 15.36
N LEU E 129 39.97 -2.39 15.65
CA LEU E 129 40.60 -1.41 14.72
C LEU E 129 41.95 -0.95 15.28
N ASN E 130 43.03 -1.23 14.54
CA ASN E 130 44.39 -0.78 14.96
C ASN E 130 44.48 0.72 14.66
N CYS E 131 43.91 1.56 15.52
CA CYS E 131 43.87 3.02 15.23
C CYS E 131 45.23 3.67 15.52
N THR E 132 46.19 3.52 14.61
CA THR E 132 47.51 4.19 14.78
C THR E 132 47.31 5.69 14.55
N ASP E 133 47.91 6.52 15.39
CA ASP E 133 47.80 8.00 15.21
C ASP E 133 48.16 8.34 13.76
N LEU E 134 47.36 9.20 13.11
CA LEU E 134 47.60 9.55 11.69
C LEU E 134 49.00 10.17 11.54
N ARG E 135 49.66 9.95 10.40
CA ARG E 135 51.01 10.52 10.15
C ARG E 135 50.94 12.03 10.37
N ASN E 136 49.88 12.68 9.89
CA ASN E 136 49.71 14.14 10.10
C ASN E 136 49.61 14.42 11.60
N VAL E 137 48.89 13.58 12.33
CA VAL E 137 48.77 13.73 13.82
C VAL E 137 50.17 13.64 14.43
N THR E 138 50.95 12.63 14.01
CA THR E 138 52.33 12.46 14.53
C THR E 138 53.17 13.67 14.11
N ASN E 139 53.00 14.14 12.87
CA ASN E 139 53.82 15.25 12.32
C ASN E 139 54.28 16.19 13.43
N ILE E 140 55.60 16.34 13.59
CA ILE E 140 56.15 17.28 14.62
C ILE E 140 55.82 18.72 14.19
N ASN E 141 55.53 18.94 12.91
CA ASN E 141 55.17 20.29 12.42
C ASN E 141 53.99 20.82 13.26
N ASN E 142 52.96 20.00 13.45
CA ASN E 142 51.83 20.41 14.32
C ASN E 142 52.17 20.02 15.77
N SER E 143 53.13 20.71 16.37
CA SER E 143 53.57 20.38 17.75
C SER E 143 52.43 20.66 18.75
N SER E 144 51.58 19.67 19.01
CA SER E 144 50.47 19.83 19.98
C SER E 144 49.68 21.11 19.68
N GLU E 145 49.56 21.47 18.40
CA GLU E 145 48.79 22.69 18.00
C GLU E 145 47.30 22.41 18.26
N GLY E 146 46.87 21.18 18.03
CA GLY E 146 45.46 20.80 18.23
C GLY E 146 45.09 19.61 17.35
N MET E 147 43.93 18.98 17.59
CA MET E 147 43.46 17.84 16.76
C MET E 147 44.46 16.69 16.81
N ARG E 148 44.95 16.35 18.01
CA ARG E 148 45.94 15.25 18.16
C ARG E 148 45.17 13.94 18.34
N GLY E 149 45.06 13.13 17.28
CA GLY E 149 44.28 11.88 17.36
C GLY E 149 42.86 12.10 16.89
N GLU E 150 42.51 13.36 16.56
CA GLU E 150 41.15 13.67 16.06
C GLU E 150 40.88 12.79 14.83
N ILE E 151 41.86 12.69 13.92
CA ILE E 151 41.70 11.78 12.76
C ILE E 151 42.66 10.61 12.97
N LYS E 152 42.12 9.40 13.20
CA LYS E 152 42.99 8.23 13.51
C LYS E 152 43.14 7.34 12.28
N ASN E 153 44.37 6.93 11.97
CA ASN E 153 44.59 5.98 10.85
C ASN E 153 44.40 4.57 11.40
N CYS E 154 43.18 4.02 11.29
CA CYS E 154 42.88 2.68 11.87
C CYS E 154 42.97 1.61 10.77
N SER E 155 43.66 0.50 11.04
CA SER E 155 43.74 -0.61 10.06
C SER E 155 42.95 -1.81 10.61
N PHE E 156 42.42 -2.66 9.74
CA PHE E 156 41.57 -3.79 10.21
C PHE E 156 41.55 -4.93 9.20
N ASN E 157 41.16 -6.13 9.64
CA ASN E 157 41.02 -7.28 8.69
C ASN E 157 39.54 -7.40 8.32
N ILE E 158 39.23 -7.46 7.02
CA ILE E 158 37.81 -7.46 6.59
C ILE E 158 37.56 -8.69 5.71
N THR E 159 36.31 -9.15 5.63
CA THR E 159 35.95 -10.29 4.75
C THR E 159 34.89 -9.81 3.75
N THR E 160 35.29 -9.56 2.51
CA THR E 160 34.34 -9.02 1.49
C THR E 160 33.57 -10.16 0.84
N SER E 161 33.24 -10.03 -0.44
CA SER E 161 32.46 -11.07 -1.15
C SER E 161 33.16 -12.43 -1.03
N ILE E 162 34.49 -12.43 -1.11
CA ILE E 162 35.27 -13.69 -0.94
C ILE E 162 35.17 -14.13 0.52
N ARG E 163 34.43 -15.22 0.78
CA ARG E 163 34.23 -15.69 2.17
C ARG E 163 35.37 -16.67 2.54
N ASP E 164 36.25 -16.97 1.59
CA ASP E 164 37.37 -17.92 1.85
C ASP E 164 38.66 -17.14 2.13
N LYS E 165 38.68 -15.84 1.80
CA LYS E 165 39.94 -15.05 1.96
C LYS E 165 39.66 -13.79 2.78
N VAL E 166 40.52 -13.48 3.75
CA VAL E 166 40.39 -12.24 4.56
C VAL E 166 41.23 -11.14 3.89
N LYS E 167 41.07 -9.88 4.31
CA LYS E 167 41.80 -8.76 3.66
C LYS E 167 42.11 -7.69 4.71
N LYS E 168 43.39 -7.28 4.81
CA LYS E 168 43.75 -6.18 5.75
C LYS E 168 43.57 -4.83 5.06
N ASP E 169 42.71 -3.97 5.61
CA ASP E 169 42.43 -2.65 4.98
C ASP E 169 42.62 -1.53 6.01
N TYR E 170 42.91 -0.32 5.54
CA TYR E 170 43.07 0.84 6.46
C TYR E 170 42.00 1.87 6.10
N ALA E 171 41.47 2.57 7.12
CA ALA E 171 40.46 3.63 6.86
C ALA E 171 40.76 4.83 7.76
N LEU E 172 40.98 6.01 7.16
CA LEU E 172 41.29 7.22 7.96
C LEU E 172 40.04 7.62 8.75
N PHE E 173 39.74 6.91 9.84
CA PHE E 173 38.52 7.18 10.63
C PHE E 173 38.72 8.41 11.51
N TYR E 174 37.64 8.87 12.16
CA TYR E 174 37.75 10.01 13.10
C TYR E 174 37.83 9.49 14.53
N ARG E 175 38.22 10.35 15.47
CA ARG E 175 38.38 9.93 16.89
C ARG E 175 37.00 9.61 17.49
N LEU E 176 35.99 10.43 17.18
CA LEU E 176 34.65 10.23 17.79
C LEU E 176 34.08 8.87 17.37
N ASP E 177 34.29 8.47 16.11
CA ASP E 177 33.70 7.20 15.60
C ASP E 177 34.35 5.99 16.28
N VAL E 178 35.59 6.12 16.75
CA VAL E 178 36.30 4.93 17.33
C VAL E 178 36.27 5.02 18.86
N VAL E 179 36.36 3.87 19.54
CA VAL E 179 36.29 3.84 21.03
C VAL E 179 37.33 2.86 21.58
N PRO E 180 38.22 3.26 22.51
CA PRO E 180 39.27 2.38 23.01
C PRO E 180 38.62 1.12 23.59
N ILE E 181 39.14 -0.06 23.26
CA ILE E 181 38.49 -1.32 23.70
C ILE E 181 39.41 -2.10 24.67
N ASP E 182 40.66 -2.36 24.26
CA ASP E 182 41.57 -3.17 25.11
C ASP E 182 42.45 -2.28 25.96
N ASN E 183 42.10 -0.98 26.05
CA ASN E 183 42.95 -0.02 26.80
C ASN E 183 44.34 -0.04 26.17
N ASP E 184 44.48 -0.70 25.02
CA ASP E 184 45.80 -0.77 24.31
C ASP E 184 46.07 0.56 23.60
N ASN E 185 47.32 0.81 23.22
CA ASN E 185 47.70 2.10 22.59
C ASN E 185 46.82 2.40 21.37
N THR E 186 46.73 1.45 20.44
CA THR E 186 45.99 1.75 19.18
C THR E 186 44.76 0.85 19.06
N SER E 187 44.26 0.31 20.18
CA SER E 187 43.13 -0.65 20.12
C SER E 187 41.80 0.10 20.25
N TYR E 188 41.11 0.33 19.12
CA TYR E 188 39.81 1.05 19.13
C TYR E 188 38.80 0.26 18.32
N ARG E 189 37.52 0.66 18.39
CA ARG E 189 36.45 -0.03 17.61
C ARG E 189 35.36 0.98 17.25
N LEU E 190 34.66 0.74 16.13
CA LEU E 190 33.56 1.64 15.68
C LEU E 190 32.54 1.76 16.82
N ILE E 191 32.20 3.00 17.19
CA ILE E 191 31.20 3.23 18.28
C ILE E 191 29.89 2.55 17.87
N ASN E 192 29.22 1.88 18.82
CA ASN E 192 27.90 1.25 18.54
C ASN E 192 28.05 0.02 17.64
N CYS E 193 29.25 -0.55 17.60
CA CYS E 193 29.50 -1.70 16.71
C CYS E 193 28.53 -2.82 17.05
N ASN E 194 28.24 -3.00 18.35
CA ASN E 194 27.36 -4.11 18.77
C ASN E 194 26.01 -3.55 19.25
N THR E 195 26.04 -2.40 19.92
CA THR E 195 24.79 -1.81 20.47
C THR E 195 23.80 -1.58 19.33
N SER E 196 24.29 -1.20 18.14
CA SER E 196 23.37 -0.88 17.03
C SER E 196 23.89 -1.43 15.70
N THR E 197 23.08 -1.35 14.65
CA THR E 197 23.51 -1.79 13.29
C THR E 197 23.90 -0.55 12.48
N ILE E 198 25.20 -0.32 12.29
CA ILE E 198 25.67 0.88 11.56
C ILE E 198 25.39 0.70 10.07
N THR E 199 24.46 1.48 9.52
CA THR E 199 24.14 1.40 8.06
C THR E 199 24.71 2.63 7.35
N GLN E 200 25.54 2.41 6.32
CA GLN E 200 26.17 3.54 5.59
C GLN E 200 25.15 4.13 4.62
N ALA E 201 24.85 5.44 4.75
CA ALA E 201 23.93 6.09 3.79
C ALA E 201 24.61 6.11 2.41
N CYS E 202 23.85 5.75 1.36
CA CYS E 202 24.43 5.69 0.00
C CYS E 202 25.11 7.02 -0.32
N PRO E 203 26.39 7.04 -0.73
CA PRO E 203 27.11 8.29 -0.98
C PRO E 203 26.39 9.18 -2.00
N LYS E 204 25.75 8.56 -2.99
CA LYS E 204 25.08 9.34 -4.07
C LYS E 204 24.00 10.25 -3.46
N VAL E 205 23.27 9.76 -2.44
CA VAL E 205 22.15 10.55 -1.87
C VAL E 205 22.69 11.85 -1.26
N SER E 206 21.93 12.94 -1.37
CA SER E 206 22.37 14.27 -0.85
C SER E 206 21.50 14.67 0.34
N PHE E 207 22.12 15.05 1.46
CA PHE E 207 21.35 15.48 2.65
C PHE E 207 21.17 17.00 2.60
N GLU E 208 20.42 17.48 1.61
CA GLU E 208 20.18 18.94 1.46
C GLU E 208 18.69 19.24 1.66
N PRO E 209 18.28 19.76 2.84
CA PRO E 209 16.88 20.12 3.07
C PRO E 209 16.41 21.17 2.06
N ILE E 210 15.38 20.86 1.27
CA ILE E 210 14.82 21.84 0.30
C ILE E 210 13.39 22.18 0.72
N PRO E 211 12.94 23.44 0.61
CA PRO E 211 11.61 23.84 1.08
C PRO E 211 10.55 22.76 0.82
N ILE E 212 10.03 22.15 1.88
CA ILE E 212 8.93 21.15 1.73
C ILE E 212 7.61 21.82 2.14
N HIS E 213 6.58 21.71 1.30
CA HIS E 213 5.26 22.33 1.62
C HIS E 213 4.23 21.22 1.91
N TYR E 214 3.89 21.02 3.19
CA TYR E 214 2.84 20.03 3.55
C TYR E 214 1.49 20.59 3.13
N CYS E 215 0.70 19.81 2.38
CA CYS E 215 -0.61 20.30 1.88
C CYS E 215 -1.73 19.38 2.38
N THR E 216 -2.90 19.95 2.64
CA THR E 216 -4.05 19.14 3.13
C THR E 216 -4.85 18.62 1.94
N PRO E 217 -5.36 17.37 1.98
CA PRO E 217 -6.23 16.87 0.91
C PRO E 217 -7.47 17.76 0.89
N ALA E 218 -8.18 17.83 -0.25
CA ALA E 218 -9.32 18.74 -0.29
C ALA E 218 -10.32 18.39 0.81
N GLY E 219 -11.15 19.38 1.14
CA GLY E 219 -11.98 19.26 2.31
C GLY E 219 -11.26 19.48 3.61
N PHE E 220 -9.97 19.79 3.56
CA PHE E 220 -9.17 20.06 4.74
C PHE E 220 -8.41 21.35 4.51
N ALA E 221 -8.05 22.01 5.61
CA ALA E 221 -7.36 23.28 5.50
C ALA E 221 -6.36 23.42 6.64
N ILE E 222 -5.33 24.22 6.39
CA ILE E 222 -4.36 24.57 7.41
C ILE E 222 -4.65 26.00 7.86
N LEU E 223 -4.80 26.19 9.16
CA LEU E 223 -5.04 27.50 9.72
C LEU E 223 -3.72 28.10 10.18
N LYS E 224 -3.43 29.31 9.70
CA LYS E 224 -2.11 29.93 10.02
C LYS E 224 -2.28 31.02 11.07
N CYS E 225 -1.83 30.79 12.31
CA CYS E 225 -1.88 31.86 13.34
C CYS E 225 -1.15 33.10 12.80
N LYS E 226 -1.86 34.07 12.25
CA LYS E 226 -1.22 35.26 11.62
C LYS E 226 -0.78 36.26 12.71
N ASP E 227 -1.05 35.96 13.98
CA ASP E 227 -0.72 36.91 15.08
C ASP E 227 0.76 37.30 14.98
N LYS E 228 1.07 38.59 15.16
CA LYS E 228 2.48 39.05 15.13
C LYS E 228 3.25 38.36 16.26
N LYS E 229 2.61 38.19 17.42
CA LYS E 229 3.25 37.47 18.56
C LYS E 229 2.24 36.50 19.17
N PHE E 230 2.55 35.20 19.16
CA PHE E 230 1.60 34.18 19.68
C PHE E 230 2.26 33.38 20.80
N ASN E 231 1.50 33.02 21.84
CA ASN E 231 2.06 32.27 22.99
C ASN E 231 2.23 30.79 22.61
N GLY E 232 1.91 30.44 21.36
CA GLY E 232 2.00 29.03 20.92
C GLY E 232 0.77 28.26 21.37
N THR E 233 0.08 28.76 22.38
CA THR E 233 -1.14 28.10 22.91
C THR E 233 -2.11 29.20 23.34
N GLY E 234 -3.42 28.99 23.14
CA GLY E 234 -4.39 30.05 23.46
C GLY E 234 -5.00 30.61 22.19
N PRO E 235 -6.00 31.51 22.26
CA PRO E 235 -6.67 32.00 21.06
C PRO E 235 -5.75 32.89 20.23
N CYS E 236 -5.65 32.60 18.92
CA CYS E 236 -4.84 33.46 18.02
C CYS E 236 -5.80 34.39 17.27
N LYS E 237 -5.65 35.71 17.45
CA LYS E 237 -6.59 36.68 16.83
C LYS E 237 -6.27 36.81 15.34
N ASN E 238 -5.27 37.62 14.99
CA ASN E 238 -4.86 37.74 13.57
C ASN E 238 -4.68 36.32 13.04
N VAL E 239 -5.47 35.93 12.03
CA VAL E 239 -5.44 34.51 11.60
C VAL E 239 -5.77 34.39 10.11
N SER E 240 -4.98 33.63 9.37
CA SER E 240 -5.26 33.33 7.98
C SER E 240 -5.19 31.83 7.80
N THR E 241 -5.30 31.38 6.56
CA THR E 241 -5.25 29.96 6.27
C THR E 241 -4.55 29.72 4.95
N VAL E 242 -4.05 28.49 4.79
CA VAL E 242 -3.35 28.06 3.60
C VAL E 242 -3.70 26.60 3.34
N GLN E 243 -3.78 26.25 2.07
CA GLN E 243 -3.91 24.84 1.70
C GLN E 243 -2.58 24.11 1.73
N CYS E 244 -1.48 24.84 1.82
CA CYS E 244 -0.16 24.25 1.87
C CYS E 244 0.71 25.04 2.83
N THR E 245 1.48 24.33 3.65
CA THR E 245 2.41 25.00 4.53
C THR E 245 3.47 25.71 3.71
N HIS E 246 4.09 26.71 4.33
CA HIS E 246 5.24 27.34 3.71
C HIS E 246 6.40 26.35 3.65
N GLY E 247 7.37 26.66 2.79
CA GLY E 247 8.51 25.74 2.61
C GLY E 247 9.19 25.42 3.93
N ILE E 248 8.69 24.42 4.65
CA ILE E 248 9.33 24.00 5.93
C ILE E 248 10.52 23.10 5.60
N ARG E 249 11.71 23.69 5.47
CA ARG E 249 12.92 22.88 5.23
C ARG E 249 13.09 21.89 6.38
N PRO E 250 13.19 20.56 6.14
CA PRO E 250 13.29 19.60 7.23
C PRO E 250 14.70 19.63 7.83
N VAL E 251 15.27 20.83 7.98
CA VAL E 251 16.62 20.96 8.61
C VAL E 251 16.53 20.45 10.05
N VAL E 252 17.31 19.42 10.38
CA VAL E 252 17.34 18.93 11.79
C VAL E 252 18.61 19.47 12.45
N SER E 253 18.46 20.31 13.47
CA SER E 253 19.64 20.92 14.13
C SER E 253 19.42 20.96 15.65
N THR E 254 20.47 20.67 16.42
CA THR E 254 20.35 20.67 17.90
C THR E 254 20.66 22.08 18.43
N GLN E 255 20.08 22.44 19.58
CA GLN E 255 20.31 23.77 20.21
C GLN E 255 19.84 24.88 19.25
N LEU E 256 20.75 25.40 18.42
CA LEU E 256 20.40 26.51 17.50
C LEU E 256 19.48 25.99 16.38
N LEU E 257 18.58 26.85 15.88
CA LEU E 257 17.72 26.45 14.73
C LEU E 257 18.20 27.21 13.50
N LEU E 258 18.81 26.52 12.53
CA LEU E 258 19.41 27.19 11.35
C LEU E 258 18.44 27.13 10.16
N ASN E 259 18.52 28.08 9.22
CA ASN E 259 17.65 28.06 8.01
C ASN E 259 16.21 27.76 8.40
N GLY E 260 15.57 28.57 9.26
CA GLY E 260 14.15 28.34 9.60
C GLY E 260 13.33 29.61 9.42
N SER E 261 12.17 29.67 10.05
CA SER E 261 11.30 30.88 9.96
C SER E 261 11.69 31.89 11.04
N LEU E 262 12.01 33.12 10.64
CA LEU E 262 12.42 34.17 11.60
C LEU E 262 11.19 34.67 12.37
N ALA E 263 11.37 35.03 13.64
CA ALA E 263 10.24 35.61 14.42
C ALA E 263 9.96 37.01 13.88
N GLU E 264 8.80 37.58 14.21
CA GLU E 264 8.43 38.89 13.60
C GLU E 264 8.61 40.02 14.61
N GLU E 265 9.64 40.87 14.46
CA GLU E 265 9.79 42.08 15.31
C GLU E 265 10.20 41.70 16.74
N GLU E 266 9.53 40.73 17.35
CA GLU E 266 9.83 40.40 18.77
C GLU E 266 10.26 38.94 18.91
N VAL E 267 11.40 38.69 19.56
CA VAL E 267 11.83 37.29 19.82
C VAL E 267 10.75 36.63 20.68
N VAL E 268 10.32 35.42 20.33
CA VAL E 268 9.20 34.78 21.08
C VAL E 268 9.67 33.47 21.71
N ILE E 269 9.43 33.29 23.02
CA ILE E 269 9.82 32.05 23.75
C ILE E 269 8.56 31.23 24.02
N ARG E 270 8.56 29.94 23.65
CA ARG E 270 7.33 29.12 23.80
C ARG E 270 7.63 27.87 24.63
N SER E 271 6.78 27.56 25.61
CA SER E 271 6.96 26.34 26.45
C SER E 271 5.59 25.83 26.92
N SER E 272 5.46 24.51 27.07
CA SER E 272 4.17 23.93 27.53
C SER E 272 3.86 24.43 28.94
N ASN E 273 4.80 24.30 29.87
CA ASN E 273 4.62 24.78 31.28
C ASN E 273 5.87 25.57 31.66
N PHE E 274 5.91 26.88 31.35
CA PHE E 274 7.11 27.70 31.63
C PHE E 274 7.59 27.42 33.05
N THR E 275 6.66 27.20 33.97
CA THR E 275 7.02 26.95 35.39
C THR E 275 7.77 25.62 35.50
N ASP E 276 7.45 24.66 34.64
CA ASP E 276 8.12 23.33 34.68
C ASP E 276 9.52 23.45 34.07
N ASN E 277 10.48 22.65 34.56
CA ASN E 277 11.85 22.66 34.01
C ASN E 277 12.00 21.53 32.99
N ALA E 278 11.29 20.41 33.20
CA ALA E 278 11.41 19.24 32.31
C ALA E 278 11.12 19.67 30.87
N LYS E 279 10.09 20.50 30.68
CA LYS E 279 9.69 20.95 29.32
C LYS E 279 10.78 21.84 28.72
N ASN E 280 11.11 21.65 27.44
CA ASN E 280 12.12 22.50 26.76
C ASN E 280 11.52 23.88 26.50
N ILE E 281 12.38 24.88 26.29
CA ILE E 281 11.90 26.28 26.05
C ILE E 281 12.31 26.68 24.63
N ILE E 282 11.33 26.89 23.75
CA ILE E 282 11.65 27.19 22.31
C ILE E 282 11.76 28.71 22.12
N VAL E 283 12.96 29.21 21.87
CA VAL E 283 13.17 30.66 21.62
C VAL E 283 13.29 30.90 20.11
N GLN E 284 12.42 31.75 19.56
CA GLN E 284 12.46 32.06 18.10
C GLN E 284 13.07 33.45 17.90
N LEU E 285 14.22 33.52 17.21
CA LEU E 285 14.92 34.83 17.02
C LEU E 285 14.19 35.64 15.95
N LYS E 286 14.17 36.97 16.09
CA LYS E 286 13.50 37.86 15.11
C LYS E 286 14.46 38.20 13.97
N GLU E 287 15.77 38.12 14.21
CA GLU E 287 16.76 38.51 13.18
C GLU E 287 17.64 37.30 12.84
N SER E 288 18.12 37.22 11.59
CA SER E 288 18.90 36.03 11.15
C SER E 288 20.37 36.20 11.54
N VAL E 289 20.89 35.34 12.41
CA VAL E 289 22.33 35.40 12.77
C VAL E 289 23.11 34.53 11.77
N GLU E 290 23.39 35.08 10.59
CA GLU E 290 24.09 34.29 9.54
C GLU E 290 25.32 33.61 10.15
N ILE E 291 25.44 32.30 9.94
CA ILE E 291 26.60 31.54 10.50
C ILE E 291 27.41 30.95 9.34
N ASN E 292 28.71 31.25 9.28
CA ASN E 292 29.57 30.77 8.17
C ASN E 292 30.33 29.52 8.62
N CYS E 293 29.80 28.33 8.34
CA CYS E 293 30.45 27.09 8.74
C CYS E 293 31.13 26.46 7.53
N THR E 294 32.31 25.91 7.75
CA THR E 294 33.08 25.33 6.65
C THR E 294 33.90 24.18 7.19
N ARG E 295 34.34 23.31 6.28
CA ARG E 295 35.26 22.22 6.68
C ARG E 295 36.53 22.50 5.90
N PRO E 296 37.47 23.32 6.41
CA PRO E 296 38.62 23.74 5.61
C PRO E 296 39.71 22.67 5.50
N ASN E 297 39.33 21.48 5.03
CA ASN E 297 40.32 20.40 4.77
C ASN E 297 40.04 19.88 3.37
N ASN E 298 41.03 19.87 2.47
CA ASN E 298 40.82 19.24 1.14
C ASN E 298 40.91 17.74 1.38
N ASN E 299 39.85 16.97 1.14
CA ASN E 299 39.88 15.52 1.49
C ASN E 299 39.69 14.65 0.25
N THR E 300 40.23 13.42 0.28
CA THR E 300 40.06 12.46 -0.84
C THR E 300 39.25 11.26 -0.33
N ARG E 301 38.16 10.93 -1.02
CA ARG E 301 37.28 9.82 -0.56
C ARG E 301 37.83 8.48 -1.02
N LYS E 302 38.01 7.53 -0.10
CA LYS E 302 38.49 6.17 -0.46
C LYS E 302 37.32 5.20 -0.34
N SER E 303 37.32 4.12 -1.12
CA SER E 303 36.20 3.14 -1.10
C SER E 303 36.76 1.71 -1.07
N ILE E 304 36.45 0.96 -0.01
CA ILE E 304 36.94 -0.45 0.10
C ILE E 304 35.75 -1.39 -0.07
N HIS E 305 35.85 -2.33 -1.03
CA HIS E 305 34.71 -3.25 -1.32
C HIS E 305 34.53 -4.19 -0.13
N ILE E 306 33.34 -4.16 0.47
CA ILE E 306 33.04 -5.05 1.64
C ILE E 306 31.69 -5.74 1.40
N GLY E 307 31.71 -7.00 0.96
CA GLY E 307 30.45 -7.70 0.64
C GLY E 307 30.17 -7.68 -0.86
N PRO E 308 29.50 -8.69 -1.46
CA PRO E 308 29.32 -8.72 -2.92
C PRO E 308 28.54 -7.50 -3.44
N GLY E 309 29.20 -6.68 -4.26
CA GLY E 309 28.55 -5.48 -4.82
C GLY E 309 28.31 -4.42 -3.75
N ARG E 310 28.96 -4.57 -2.59
CA ARG E 310 28.77 -3.60 -1.47
C ARG E 310 30.12 -2.93 -1.18
N ALA E 311 30.19 -1.61 -1.30
CA ALA E 311 31.48 -0.91 -1.11
C ALA E 311 31.39 0.03 0.09
N PHE E 312 32.35 -0.07 1.02
CA PHE E 312 32.37 0.86 2.18
C PHE E 312 33.21 2.09 1.80
N TYR E 313 32.63 3.28 1.90
CA TYR E 313 33.36 4.53 1.53
C TYR E 313 33.97 5.14 2.78
N THR E 314 35.27 5.46 2.72
CA THR E 314 35.96 6.10 3.87
C THR E 314 36.81 7.27 3.35
N THR E 315 37.77 7.74 4.15
CA THR E 315 38.66 8.84 3.71
C THR E 315 40.02 8.25 3.30
N GLY E 316 40.64 8.82 2.26
CA GLY E 316 41.97 8.35 1.84
C GLY E 316 43.07 9.16 2.49
N ASP E 317 43.28 10.40 2.03
CA ASP E 317 44.36 11.26 2.59
C ASP E 317 43.81 12.67 2.84
N ILE E 318 44.31 13.35 3.89
CA ILE E 318 43.90 14.77 4.13
C ILE E 318 44.93 15.66 3.45
N ILE E 319 44.58 16.24 2.30
CA ILE E 319 45.56 17.07 1.53
C ILE E 319 45.75 18.41 2.24
N GLY E 320 46.97 18.67 2.72
CA GLY E 320 47.28 19.95 3.38
C GLY E 320 47.24 19.84 4.89
N ASP E 321 47.73 20.87 5.60
CA ASP E 321 47.71 20.88 7.09
C ASP E 321 46.29 20.58 7.58
N ILE E 322 46.14 19.74 8.60
CA ILE E 322 44.80 19.47 9.18
C ILE E 322 44.36 20.70 9.98
N ARG E 323 43.28 21.36 9.54
CA ARG E 323 42.78 22.58 10.21
C ARG E 323 41.43 22.23 10.87
N GLN E 324 41.04 22.94 11.93
CA GLN E 324 39.82 22.56 12.67
C GLN E 324 38.58 23.18 12.02
N ALA E 325 37.55 22.36 11.79
CA ALA E 325 36.28 22.91 11.25
C ALA E 325 35.76 23.95 12.26
N HIS E 326 35.32 25.10 11.77
CA HIS E 326 34.86 26.19 12.68
C HIS E 326 33.67 26.92 12.07
N CYS E 327 32.99 27.73 12.87
CA CYS E 327 31.84 28.53 12.37
C CYS E 327 32.03 29.99 12.81
N ASN E 328 31.78 30.94 11.91
CA ASN E 328 32.03 32.37 12.24
C ASN E 328 30.74 33.06 12.67
N ILE E 329 30.69 33.56 13.91
CA ILE E 329 29.49 34.28 14.42
C ILE E 329 29.93 35.66 14.93
N SER E 330 29.32 36.73 14.43
CA SER E 330 29.65 38.10 14.91
C SER E 330 29.27 38.24 16.38
N ARG E 331 30.26 38.47 17.25
CA ARG E 331 29.98 38.57 18.71
C ARG E 331 28.89 39.62 18.94
N THR E 332 29.16 40.87 18.52
CA THR E 332 28.18 41.96 18.71
C THR E 332 26.79 41.51 18.26
N LYS E 333 26.67 41.03 17.02
CA LYS E 333 25.33 40.65 16.47
C LYS E 333 24.67 39.66 17.44
N TRP E 334 25.44 38.68 17.91
CA TRP E 334 24.89 37.67 18.85
C TRP E 334 24.67 38.30 20.22
N ASN E 335 25.66 39.04 20.71
CA ASN E 335 25.54 39.64 22.06
C ASN E 335 24.16 40.29 22.16
N ASN E 336 23.82 41.11 21.16
CA ASN E 336 22.50 41.80 21.10
C ASN E 336 21.41 40.73 21.02
N THR E 337 21.58 39.75 20.14
CA THR E 337 20.60 38.62 20.07
C THR E 337 20.30 38.17 21.49
N LEU E 338 21.33 37.88 22.28
CA LEU E 338 21.10 37.36 23.66
C LEU E 338 20.39 38.44 24.48
N ASN E 339 20.85 39.68 24.38
CA ASN E 339 20.19 40.79 25.12
C ASN E 339 18.68 40.71 24.88
N GLN E 340 18.28 40.54 23.63
CA GLN E 340 16.83 40.43 23.30
C GLN E 340 16.23 39.23 24.05
N ILE E 341 16.75 38.03 23.79
CA ILE E 341 16.13 36.81 24.41
C ILE E 341 16.14 36.96 25.94
N ALA E 342 17.18 37.62 26.50
CA ALA E 342 17.27 37.75 27.97
C ALA E 342 16.12 38.62 28.48
N THR E 343 15.86 39.74 27.80
CA THR E 343 14.74 40.63 28.21
C THR E 343 13.44 39.84 28.16
N LYS E 344 13.17 39.19 27.01
CA LYS E 344 11.92 38.41 26.85
C LYS E 344 11.84 37.36 27.97
N LEU E 345 13.00 36.76 28.31
CA LEU E 345 13.02 35.72 29.38
C LEU E 345 12.76 36.38 30.73
N LYS E 346 13.31 37.58 30.95
CA LYS E 346 13.11 38.31 32.23
C LYS E 346 11.63 38.65 32.38
N GLU E 347 10.99 39.12 31.31
CA GLU E 347 9.54 39.43 31.35
C GLU E 347 8.78 38.13 31.63
N GLN E 348 9.16 37.04 30.96
CA GLN E 348 8.47 35.73 31.14
C GLN E 348 8.56 35.33 32.61
N PHE E 349 9.76 35.48 33.22
CA PHE E 349 9.95 35.05 34.63
C PHE E 349 9.96 36.30 35.52
N GLY E 350 11.00 36.47 36.35
CA GLY E 350 11.08 37.68 37.19
C GLY E 350 12.02 38.70 36.58
N ASN E 351 11.53 39.92 36.36
CA ASN E 351 12.36 40.99 35.73
C ASN E 351 13.46 41.39 36.72
N ASN E 352 13.28 41.04 37.99
CA ASN E 352 14.28 41.37 39.04
C ASN E 352 15.04 40.08 39.37
N LYS E 353 15.39 39.29 38.35
CA LYS E 353 16.10 38.00 38.58
C LYS E 353 17.40 37.95 37.79
N THR E 354 18.46 37.38 38.38
CA THR E 354 19.74 37.18 37.65
C THR E 354 19.54 36.05 36.64
N ILE E 355 19.92 36.27 35.38
CA ILE E 355 19.69 35.25 34.33
C ILE E 355 21.03 34.65 33.92
N VAL E 356 21.17 33.33 34.00
CA VAL E 356 22.49 32.69 33.70
C VAL E 356 22.38 31.86 32.42
N PHE E 357 23.12 32.23 31.38
CA PHE E 357 23.14 31.40 30.14
C PHE E 357 24.25 30.35 30.29
N ASN E 358 24.09 29.42 31.24
CA ASN E 358 25.11 28.37 31.47
C ASN E 358 25.15 27.44 30.26
N GLN E 359 26.24 26.66 30.11
CA GLN E 359 26.35 25.69 28.98
C GLN E 359 25.60 24.40 29.34
N SER E 360 25.17 23.65 28.33
CA SER E 360 24.46 22.36 28.55
C SER E 360 25.19 21.54 29.62
N SER E 361 24.48 21.12 30.66
CA SER E 361 25.10 20.35 31.78
C SER E 361 25.17 18.86 31.41
N GLY E 362 26.00 18.51 30.43
CA GLY E 362 26.17 17.09 30.04
C GLY E 362 25.05 16.62 29.14
N GLY E 363 24.93 15.30 28.95
CA GLY E 363 23.89 14.74 28.08
C GLY E 363 24.48 14.14 26.81
N ASP E 364 23.65 13.94 25.78
CA ASP E 364 24.14 13.36 24.50
C ASP E 364 25.11 14.35 23.85
N PRO E 365 26.10 13.89 23.05
CA PRO E 365 27.03 14.78 22.37
C PRO E 365 26.24 15.83 21.58
N GLU E 366 25.16 15.41 20.92
CA GLU E 366 24.31 16.36 20.14
C GLU E 366 23.83 17.48 21.06
N ILE E 367 23.46 17.16 22.31
CA ILE E 367 22.90 18.17 23.24
C ILE E 367 24.03 19.01 23.86
N VAL E 368 25.17 18.39 24.19
CA VAL E 368 26.24 19.14 24.90
C VAL E 368 26.87 20.19 23.97
N MET E 369 26.73 20.02 22.66
CA MET E 369 27.41 20.94 21.70
C MET E 369 26.53 21.12 20.46
N HIS E 370 26.36 22.37 20.01
CA HIS E 370 25.51 22.65 18.82
C HIS E 370 25.83 21.65 17.72
N SER E 371 24.82 20.95 17.20
CA SER E 371 25.11 19.90 16.19
C SER E 371 24.23 20.10 14.94
N PHE E 372 24.81 19.90 13.75
CA PHE E 372 24.08 20.10 12.48
C PHE E 372 24.83 19.37 11.37
N ASN E 373 24.20 19.20 10.20
CA ASN E 373 24.89 18.56 9.06
C ASN E 373 25.07 19.60 7.94
N CYS E 374 26.31 20.05 7.72
CA CYS E 374 26.59 21.04 6.64
C CYS E 374 27.31 20.32 5.49
N GLY E 375 26.75 20.40 4.28
CA GLY E 375 27.40 19.78 3.11
C GLY E 375 27.51 18.27 3.24
N GLY E 376 26.53 17.63 3.88
CA GLY E 376 26.52 16.16 3.96
C GLY E 376 27.38 15.62 5.08
N GLU E 377 28.03 16.50 5.86
CA GLU E 377 28.83 16.03 7.02
C GLU E 377 28.25 16.64 8.31
N PHE E 378 28.11 15.84 9.36
CA PHE E 378 27.51 16.33 10.63
C PHE E 378 28.63 16.96 11.48
N PHE E 379 28.49 18.25 11.81
CA PHE E 379 29.56 18.95 12.55
C PHE E 379 29.18 19.11 14.02
N TYR E 380 29.81 18.36 14.93
CA TYR E 380 29.56 18.57 16.37
C TYR E 380 30.37 19.79 16.79
N CYS E 381 29.74 20.97 16.81
CA CYS E 381 30.48 22.23 17.08
C CYS E 381 30.24 22.71 18.51
N ASN E 382 31.29 23.17 19.19
CA ASN E 382 31.17 23.67 20.59
C ASN E 382 30.31 24.93 20.60
N SER E 383 29.39 25.03 21.57
CA SER E 383 28.47 26.20 21.62
C SER E 383 28.61 26.92 22.97
N THR E 384 29.64 26.58 23.73
CA THR E 384 29.85 27.22 25.06
C THR E 384 30.02 28.73 24.85
N GLN E 385 30.98 29.14 24.01
CA GLN E 385 31.23 30.58 23.77
C GLN E 385 29.90 31.30 23.52
N LEU E 386 29.03 30.68 22.72
CA LEU E 386 27.73 31.32 22.36
C LEU E 386 26.83 31.41 23.59
N PHE E 387 26.82 30.36 24.42
CA PHE E 387 25.94 30.35 25.62
C PHE E 387 26.80 30.31 26.89
N ASN E 388 27.33 31.47 27.30
CA ASN E 388 28.22 31.53 28.50
C ASN E 388 27.90 32.80 29.30
N SER E 389 28.03 33.97 28.66
CA SER E 389 27.79 35.26 29.36
C SER E 389 26.45 35.23 30.09
N THR E 390 26.45 35.60 31.38
CA THR E 390 25.20 35.66 32.17
C THR E 390 24.77 37.11 32.36
N TRP E 391 23.58 37.47 31.88
CA TRP E 391 23.08 38.87 32.01
C TRP E 391 22.65 39.13 33.45
N ASN E 392 22.74 40.40 33.89
CA ASN E 392 22.30 40.77 35.26
C ASN E 392 21.15 41.77 35.16
N PHE E 393 20.11 41.59 35.98
CA PHE E 393 18.97 42.53 35.98
C PHE E 393 19.43 43.87 36.57
N ASN E 394 18.67 44.93 36.32
CA ASN E 394 19.04 46.28 36.84
C ASN E 394 20.45 46.62 36.36
N GLY E 395 20.67 46.59 35.04
CA GLY E 395 22.02 46.84 34.50
C GLY E 395 22.00 47.62 33.20
N THR E 396 23.15 47.65 32.50
CA THR E 396 23.24 48.36 31.20
C THR E 396 22.76 47.44 30.08
N TRP E 397 21.49 47.54 29.69
CA TRP E 397 20.98 46.71 28.57
C TRP E 397 21.14 47.49 27.26
N ASN E 398 21.69 48.71 27.33
CA ASN E 398 21.99 49.49 26.11
C ASN E 398 22.56 48.53 25.05
N LEU E 399 21.84 48.27 23.96
CA LEU E 399 22.43 47.42 22.89
C LEU E 399 23.84 47.92 22.57
N THR E 400 24.80 47.01 22.46
CA THR E 400 26.21 47.40 22.19
C THR E 400 26.52 47.21 20.69
N GLN E 401 27.46 47.98 20.14
CA GLN E 401 27.77 47.90 18.70
C GLN E 401 29.29 47.74 18.52
N SER E 402 29.72 47.13 17.42
CA SER E 402 31.17 46.92 17.18
C SER E 402 31.90 48.26 17.03
N ASN E 403 33.15 48.33 17.49
CA ASN E 403 33.94 49.58 17.36
C ASN E 403 35.21 49.27 16.54
N GLY E 404 35.52 47.99 16.36
CA GLY E 404 36.70 47.59 15.57
C GLY E 404 36.52 46.20 14.98
N THR E 405 36.97 45.98 13.75
CA THR E 405 36.77 44.68 13.08
C THR E 405 37.37 43.57 13.94
N GLU E 406 38.61 43.77 14.41
CA GLU E 406 39.28 42.75 15.27
C GLU E 406 38.49 42.59 16.58
N GLY E 407 37.95 43.69 17.10
CA GLY E 407 37.16 43.62 18.35
C GLY E 407 35.99 42.67 18.20
N ASN E 408 35.19 42.85 17.13
CA ASN E 408 34.04 41.95 16.87
C ASN E 408 34.57 40.58 16.42
N ASP E 409 35.56 40.58 15.52
CA ASP E 409 36.08 39.30 14.97
C ASP E 409 34.92 38.32 14.76
N THR E 410 35.09 37.07 15.17
CA THR E 410 34.04 36.03 14.99
C THR E 410 34.14 35.02 16.14
N ILE E 411 33.02 34.39 16.50
CA ILE E 411 33.04 33.36 17.56
C ILE E 411 33.31 32.00 16.91
N THR E 412 34.59 31.64 16.74
CA THR E 412 34.97 30.35 16.12
C THR E 412 34.60 29.21 17.08
N LEU E 413 34.23 28.04 16.55
CA LEU E 413 33.76 26.92 17.42
C LEU E 413 34.58 25.66 17.16
N PRO E 414 35.28 25.07 18.16
CA PRO E 414 35.97 23.80 17.98
C PRO E 414 34.95 22.76 17.52
N CYS E 415 35.09 22.24 16.29
CA CYS E 415 34.07 21.30 15.76
C CYS E 415 34.71 19.94 15.47
N ARG E 416 34.09 18.87 15.96
CA ARG E 416 34.60 17.50 15.68
C ARG E 416 33.56 16.77 14.83
N ILE E 417 33.91 16.35 13.61
CA ILE E 417 32.92 15.72 12.70
C ILE E 417 32.69 14.26 13.13
N LYS E 418 31.47 13.94 13.57
CA LYS E 418 31.14 12.53 13.91
C LYS E 418 30.34 11.94 12.74
N GLN E 419 30.91 10.94 12.06
CA GLN E 419 30.24 10.36 10.86
C GLN E 419 29.17 9.36 11.33
N ILE E 420 29.55 8.39 12.17
CA ILE E 420 28.53 7.45 12.73
C ILE E 420 27.51 8.27 13.52
N ILE E 421 26.28 8.38 13.01
CA ILE E 421 25.21 9.14 13.70
C ILE E 421 24.09 8.16 14.10
N ASN E 422 23.86 7.99 15.40
CA ASN E 422 22.78 7.10 15.88
C ASN E 422 21.44 7.86 15.84
N MET E 423 20.32 7.13 15.81
CA MET E 423 18.98 7.78 15.78
C MET E 423 18.80 8.58 17.07
N TRP E 424 18.12 9.72 17.00
CA TRP E 424 17.98 10.60 18.19
C TRP E 424 17.20 9.88 19.31
N GLN E 425 16.09 9.24 18.98
CA GLN E 425 15.24 8.63 20.04
C GLN E 425 15.32 7.10 19.99
N GLU E 426 16.11 6.54 19.08
CA GLU E 426 16.28 5.07 19.02
C GLU E 426 17.77 4.73 19.15
N VAL E 427 18.12 3.77 20.00
CA VAL E 427 19.56 3.41 20.22
C VAL E 427 19.95 2.26 19.29
N GLY E 428 18.98 1.40 18.93
CA GLY E 428 19.29 0.22 18.11
C GLY E 428 19.66 0.55 16.67
N LYS E 429 19.40 1.79 16.23
CA LYS E 429 19.67 2.14 14.80
C LYS E 429 20.71 3.25 14.72
N ALA E 430 21.83 2.99 14.02
CA ALA E 430 22.87 4.03 13.82
C ALA E 430 23.19 4.13 12.33
N MET E 431 23.48 5.33 11.84
CA MET E 431 23.72 5.52 10.38
C MET E 431 25.15 6.04 10.16
N TYR E 432 25.94 5.33 9.37
CA TYR E 432 27.31 5.79 9.04
C TYR E 432 27.20 6.87 7.96
N ALA E 433 28.08 7.87 8.02
CA ALA E 433 28.01 8.97 7.05
C ALA E 433 29.17 8.87 6.04
N PRO E 434 28.90 8.80 4.73
CA PRO E 434 29.95 8.80 3.72
C PRO E 434 30.77 10.11 3.79
N PRO E 435 32.11 10.03 3.82
CA PRO E 435 32.94 11.24 3.84
C PRO E 435 32.69 12.10 2.60
N ILE E 436 32.44 13.39 2.79
CA ILE E 436 32.26 14.31 1.62
C ILE E 436 33.65 14.81 1.20
N ARG E 437 34.21 14.24 0.14
CA ARG E 437 35.58 14.62 -0.31
C ARG E 437 35.61 16.11 -0.70
N GLY E 438 36.74 16.78 -0.45
CA GLY E 438 36.88 18.19 -0.85
C GLY E 438 36.55 19.15 0.29
N GLN E 439 36.61 20.45 0.02
CA GLN E 439 36.28 21.48 1.05
C GLN E 439 34.76 21.59 1.19
N ILE E 440 34.25 21.65 2.41
CA ILE E 440 32.78 21.83 2.65
C ILE E 440 32.57 23.23 3.23
N ARG E 441 31.45 23.87 2.88
CA ARG E 441 31.16 25.24 3.38
C ARG E 441 29.66 25.54 3.27
N CYS E 442 29.08 26.19 4.29
CA CYS E 442 27.63 26.52 4.29
C CYS E 442 27.45 27.93 4.87
N SER E 443 26.29 28.54 4.64
CA SER E 443 26.00 29.89 5.17
C SER E 443 24.62 29.87 5.83
N SER E 444 24.47 29.04 6.87
CA SER E 444 23.14 28.90 7.53
C SER E 444 22.76 30.19 8.26
N ASN E 445 21.47 30.34 8.59
CA ASN E 445 20.98 31.55 9.31
C ASN E 445 20.39 31.09 10.64
N ILE E 446 20.97 31.50 11.78
CA ILE E 446 20.35 31.09 13.08
C ILE E 446 19.01 31.80 13.18
N THR E 447 17.91 31.03 13.28
CA THR E 447 16.56 31.63 13.30
C THR E 447 15.87 31.36 14.64
N GLY E 448 16.38 30.40 15.42
CA GLY E 448 15.74 30.04 16.70
C GLY E 448 16.69 29.31 17.64
N LEU E 449 16.33 29.19 18.91
CA LEU E 449 17.21 28.52 19.90
C LEU E 449 16.37 27.70 20.87
N ILE E 450 16.79 26.45 21.16
CA ILE E 450 16.07 25.63 22.17
C ILE E 450 16.79 25.81 23.51
N LEU E 451 16.03 26.15 24.56
CA LEU E 451 16.65 26.40 25.89
C LEU E 451 15.98 25.52 26.95
N THR E 452 16.53 25.48 28.17
CA THR E 452 15.94 24.70 29.29
C THR E 452 16.12 25.49 30.59
N ARG E 453 15.02 25.81 31.28
CA ARG E 453 15.15 26.49 32.60
C ARG E 453 15.63 25.47 33.64
N ASP E 454 16.53 25.88 34.53
CA ASP E 454 17.00 24.97 35.62
C ASP E 454 17.18 25.79 36.90
N GLY E 455 16.11 25.91 37.70
CA GLY E 455 16.18 26.70 38.94
C GLY E 455 17.31 26.21 39.84
N GLY E 456 17.44 24.89 40.00
CA GLY E 456 18.53 24.32 40.81
C GLY E 456 18.58 24.91 42.20
N ASN E 457 17.43 25.09 42.84
CA ASN E 457 17.38 25.62 44.24
C ASN E 457 18.29 26.85 44.32
N ASN E 458 18.09 27.82 43.43
CA ASN E 458 18.92 29.05 43.43
C ASN E 458 18.95 29.65 44.84
N HIS E 459 20.15 29.92 45.35
CA HIS E 459 20.29 30.47 46.74
C HIS E 459 19.46 31.76 46.84
N ASN E 460 18.49 31.78 47.77
CA ASN E 460 17.59 32.95 47.91
C ASN E 460 17.08 33.36 46.52
N ASN E 461 16.60 32.38 45.73
CA ASN E 461 16.12 32.66 44.34
C ASN E 461 16.94 33.80 43.74
N ASP E 462 16.28 34.85 43.22
CA ASP E 462 16.97 36.03 42.60
C ASP E 462 17.86 35.57 41.44
N THR E 463 17.90 34.27 41.15
CA THR E 463 18.76 33.72 40.07
C THR E 463 17.96 32.75 39.20
N GLU E 464 18.05 32.90 37.87
CA GLU E 464 17.35 31.96 36.95
C GLU E 464 18.36 31.46 35.91
N THR E 465 18.63 30.15 35.88
CA THR E 465 19.67 29.62 34.96
C THR E 465 19.00 29.02 33.71
N PHE E 466 19.61 29.22 32.53
CA PHE E 466 19.05 28.66 31.27
C PHE E 466 20.18 27.98 30.49
N ARG E 467 19.94 26.75 30.03
CA ARG E 467 20.97 25.99 29.28
C ARG E 467 20.45 25.65 27.88
N PRO E 468 21.31 25.60 26.84
CA PRO E 468 20.87 25.24 25.49
C PRO E 468 20.26 23.84 25.42
N GLY E 469 18.96 23.74 25.13
CA GLY E 469 18.29 22.43 25.02
C GLY E 469 18.42 21.88 23.61
N GLY E 470 18.01 20.63 23.39
CA GLY E 470 18.09 20.02 22.06
C GLY E 470 17.46 18.64 22.00
N GLY E 471 17.58 17.96 20.85
CA GLY E 471 16.99 16.62 20.68
C GLY E 471 15.52 16.71 20.34
N ASP E 472 14.79 15.59 20.41
CA ASP E 472 13.34 15.58 20.07
C ASP E 472 13.11 16.31 18.75
N MET E 473 13.21 15.60 17.62
CA MET E 473 13.02 16.22 16.29
C MET E 473 11.77 17.11 16.29
N ARG E 474 10.75 16.73 17.06
CA ARG E 474 9.47 17.48 17.08
C ARG E 474 9.75 18.96 17.42
N ASP E 475 10.64 19.21 18.37
CA ASP E 475 10.95 20.61 18.79
C ASP E 475 11.26 21.44 17.54
N ASN E 476 12.12 20.91 16.67
CA ASN E 476 12.53 21.65 15.44
C ASN E 476 11.29 21.89 14.57
N TRP E 477 10.43 20.88 14.43
CA TRP E 477 9.26 21.01 13.53
C TRP E 477 8.24 21.99 14.11
N ARG E 478 8.16 22.07 15.44
CA ARG E 478 7.16 22.94 16.09
C ARG E 478 7.46 24.41 15.74
N SER E 479 8.74 24.75 15.61
CA SER E 479 9.13 26.16 15.35
C SER E 479 8.56 26.67 14.02
N GLU E 480 8.07 25.76 13.17
CA GLU E 480 7.59 26.18 11.83
C GLU E 480 6.09 25.91 11.71
N LEU E 481 5.58 24.92 12.47
CA LEU E 481 4.12 24.63 12.46
C LEU E 481 3.47 25.41 13.60
N TYR E 482 4.24 26.26 14.29
CA TYR E 482 3.70 27.02 15.45
C TYR E 482 2.44 27.76 15.06
N LYS E 483 2.28 28.06 13.77
CA LYS E 483 1.11 28.87 13.32
C LYS E 483 0.10 27.97 12.62
N TYR E 484 0.55 26.87 12.01
CA TYR E 484 -0.36 26.03 11.20
C TYR E 484 -1.31 25.21 12.08
N LYS E 485 -2.54 24.96 11.59
CA LYS E 485 -3.53 24.15 12.34
C LYS E 485 -4.49 23.51 11.33
N VAL E 486 -4.43 22.18 11.17
CA VAL E 486 -5.28 21.51 10.14
C VAL E 486 -6.72 21.41 10.64
N VAL E 487 -7.68 21.84 9.81
CA VAL E 487 -9.12 21.71 10.16
C VAL E 487 -9.87 21.13 8.96
N LYS E 488 -10.91 20.34 9.20
CA LYS E 488 -11.73 19.80 8.08
C LYS E 488 -12.75 20.86 7.68
N ILE E 489 -13.50 20.61 6.60
CA ILE E 489 -14.54 21.57 6.12
C ILE E 489 -15.86 20.83 5.95
N GLU E 490 -16.98 21.46 6.30
CA GLU E 490 -18.31 20.81 6.17
C GLU E 490 -19.24 21.74 5.37
N PRO E 491 -19.34 21.61 4.03
CA PRO E 491 -20.17 22.53 3.26
C PRO E 491 -21.65 22.10 3.27
N LEU E 492 -22.10 21.50 4.38
CA LEU E 492 -23.54 21.10 4.48
C LEU E 492 -24.13 21.70 5.75
N GLY E 493 -25.12 22.59 5.60
CA GLY E 493 -25.76 23.24 6.77
C GLY E 493 -27.25 23.42 6.58
N VAL E 494 -28.04 23.00 7.56
CA VAL E 494 -29.52 23.15 7.48
C VAL E 494 -29.93 24.37 8.33
N ALA E 495 -30.86 25.17 7.81
CA ALA E 495 -31.34 26.35 8.57
C ALA E 495 -32.84 26.56 8.32
N PRO E 496 -33.62 27.07 9.29
CA PRO E 496 -35.04 27.34 9.10
C PRO E 496 -35.24 28.49 8.11
N THR E 497 -36.19 28.35 7.17
CA THR E 497 -36.47 29.42 6.19
C THR E 497 -37.98 29.46 5.92
N LYS E 498 -38.57 30.66 5.87
CA LYS E 498 -40.03 30.78 5.66
C LYS E 498 -40.42 30.04 4.39
N ALA E 499 -39.47 29.85 3.47
CA ALA E 499 -39.75 29.14 2.20
C ALA E 499 -39.92 27.65 2.46
N LYS E 500 -40.83 26.99 1.73
CA LYS E 500 -41.08 25.55 1.93
C LYS E 500 -41.04 24.83 0.58
N ARG E 501 -40.42 23.66 0.52
CA ARG E 501 -40.34 22.88 -0.75
C ARG E 501 -41.68 22.96 -1.48
N ARG E 502 -42.79 22.89 -0.75
CA ARG E 502 -44.13 23.02 -1.37
C ARG E 502 -44.11 22.40 -2.78
N VAL E 503 -43.62 21.16 -2.90
CA VAL E 503 -43.59 20.47 -4.22
C VAL E 503 -44.76 19.49 -4.28
N VAL E 504 -45.27 19.06 -3.11
CA VAL E 504 -46.38 18.07 -3.08
C VAL E 504 -47.61 18.67 -3.77
N GLN E 505 -47.90 19.94 -3.49
CA GLN E 505 -49.09 20.61 -4.10
C GLN E 505 -48.69 21.21 -5.45
N PHE F 518 -37.92 4.31 13.00
CA PHE F 518 -38.77 3.16 13.39
C PHE F 518 -38.04 1.84 13.10
N LEU F 519 -38.09 1.38 11.85
CA LEU F 519 -37.41 0.11 11.47
C LEU F 519 -35.90 0.35 11.45
N GLY F 520 -35.11 -0.70 11.64
CA GLY F 520 -33.64 -0.58 11.65
C GLY F 520 -33.06 -0.59 10.25
N PHE F 521 -31.73 -0.76 10.14
CA PHE F 521 -31.07 -0.74 8.81
C PHE F 521 -31.81 -1.67 7.85
N LEU F 522 -31.89 -2.97 8.18
CA LEU F 522 -32.63 -3.94 7.34
C LEU F 522 -33.91 -4.34 8.06
N GLY F 523 -34.54 -3.39 8.76
CA GLY F 523 -35.76 -3.70 9.54
C GLY F 523 -36.89 -4.21 8.65
N ALA F 524 -36.96 -3.74 7.40
CA ALA F 524 -38.08 -4.12 6.51
C ALA F 524 -37.69 -5.36 5.69
N ALA F 525 -36.74 -6.15 6.17
CA ALA F 525 -36.28 -7.34 5.42
C ALA F 525 -37.44 -8.32 5.24
N GLY F 526 -38.19 -8.58 6.32
CA GLY F 526 -39.32 -9.53 6.26
C GLY F 526 -40.61 -8.84 5.85
N SER F 527 -40.59 -7.51 5.75
CA SER F 527 -41.81 -6.74 5.37
C SER F 527 -42.09 -6.92 3.87
N THR F 528 -43.37 -6.83 3.49
CA THR F 528 -43.76 -6.99 2.07
C THR F 528 -43.11 -5.89 1.23
N MET F 529 -43.01 -6.09 -0.08
CA MET F 529 -42.34 -5.09 -0.95
C MET F 529 -42.94 -3.71 -0.67
N GLY F 530 -44.27 -3.62 -0.55
CA GLY F 530 -44.93 -2.33 -0.29
C GLY F 530 -44.40 -1.67 0.97
N VAL F 531 -44.52 -2.34 2.11
CA VAL F 531 -44.06 -1.77 3.41
C VAL F 531 -42.58 -1.38 3.28
N ALA F 532 -41.75 -2.30 2.78
CA ALA F 532 -40.30 -2.04 2.67
C ALA F 532 -40.05 -0.86 1.73
N SER F 533 -40.93 -0.66 0.74
CA SER F 533 -40.73 0.44 -0.25
C SER F 533 -40.64 1.78 0.48
N MET F 534 -41.30 1.91 1.62
CA MET F 534 -41.33 3.22 2.33
C MET F 534 -40.08 3.36 3.23
N THR F 535 -39.27 2.29 3.32
CA THR F 535 -38.06 2.33 4.19
C THR F 535 -36.80 2.31 3.32
N LEU F 536 -36.97 2.44 2.00
CA LEU F 536 -35.79 2.34 1.09
C LEU F 536 -34.66 3.25 1.59
N THR F 537 -34.98 4.50 1.93
CA THR F 537 -33.93 5.47 2.33
C THR F 537 -33.04 4.89 3.43
N VAL F 538 -33.60 4.16 4.40
CA VAL F 538 -32.79 3.68 5.55
C VAL F 538 -31.53 2.99 5.01
N GLN F 539 -31.71 2.02 4.11
CA GLN F 539 -30.56 1.28 3.53
C GLN F 539 -29.72 2.26 2.68
N ALA F 540 -30.38 3.03 1.81
CA ALA F 540 -29.64 3.95 0.90
C ALA F 540 -28.72 4.87 1.71
N ARG F 541 -29.09 5.19 2.95
CA ARG F 541 -28.29 6.12 3.78
C ARG F 541 -26.97 5.47 4.21
N GLN F 542 -26.96 4.14 4.37
CA GLN F 542 -25.74 3.48 4.91
C GLN F 542 -24.98 2.74 3.79
N LEU F 543 -25.26 3.06 2.53
CA LEU F 543 -24.57 2.41 1.39
C LEU F 543 -23.10 2.83 1.38
N LEU F 544 -22.82 4.11 1.62
CA LEU F 544 -21.42 4.62 1.59
C LEU F 544 -20.96 4.91 3.02
N SER F 545 -21.87 5.40 3.86
CA SER F 545 -21.53 5.69 5.28
C SER F 545 -20.87 4.47 5.91
N GLY F 546 -19.61 4.59 6.31
CA GLY F 546 -18.88 3.44 6.90
C GLY F 546 -18.19 3.84 8.18
N ILE F 547 -18.03 2.90 9.11
CA ILE F 547 -17.40 3.22 10.43
C ILE F 547 -16.04 3.85 10.17
N VAL F 548 -15.14 3.13 9.49
CA VAL F 548 -13.77 3.66 9.19
C VAL F 548 -13.89 5.04 8.53
N GLN F 549 -14.80 5.18 7.56
CA GLN F 549 -14.95 6.47 6.82
C GLN F 549 -15.45 7.54 7.79
N GLN F 550 -16.53 7.29 8.48
CA GLN F 550 -17.18 8.34 9.32
C GLN F 550 -16.26 8.74 10.48
N GLN F 551 -15.26 7.91 10.81
CA GLN F 551 -14.37 8.21 11.96
C GLN F 551 -13.65 9.54 11.72
N ASN F 552 -13.23 9.82 10.48
CA ASN F 552 -12.51 11.08 10.16
C ASN F 552 -11.27 11.18 11.07
N ASN F 553 -11.13 12.30 11.79
CA ASN F 553 -10.00 12.45 12.74
C ASN F 553 -10.13 11.36 13.82
N LEU F 554 -9.03 10.66 14.11
CA LEU F 554 -9.06 9.54 15.09
C LEU F 554 -8.64 10.06 16.47
N LEU F 555 -9.15 9.45 17.55
CA LEU F 555 -8.67 9.81 18.90
C LEU F 555 -7.27 9.24 19.02
N ARG F 556 -6.91 8.33 18.10
CA ARG F 556 -5.54 7.74 18.08
C ARG F 556 -4.56 8.80 17.57
N ALA F 557 -3.26 8.59 17.78
CA ALA F 557 -2.25 9.51 17.23
C ALA F 557 -2.30 9.44 15.70
N ILE F 558 -2.88 8.36 15.17
CA ILE F 558 -2.98 8.19 13.69
C ILE F 558 -3.89 9.28 13.13
N GLU F 559 -3.62 9.73 11.89
CA GLU F 559 -4.44 10.78 11.25
C GLU F 559 -5.04 10.21 9.96
N ALA F 560 -6.35 9.97 9.94
CA ALA F 560 -6.97 9.32 8.75
C ALA F 560 -6.11 8.10 8.39
N GLN F 561 -6.00 7.13 9.32
CA GLN F 561 -5.16 5.92 9.10
C GLN F 561 -3.68 6.33 9.08
N GLN F 562 -3.31 7.50 9.74
CA GLN F 562 -1.92 8.03 9.70
C GLN F 562 -1.37 7.90 8.29
N HIS F 563 -0.30 7.12 8.10
CA HIS F 563 0.25 6.87 6.75
C HIS F 563 -0.05 5.41 6.38
N LEU F 564 -1.29 4.98 6.60
CA LEU F 564 -1.64 3.54 6.38
C LEU F 564 -0.63 2.70 7.18
N LEU F 565 -0.08 3.28 8.24
CA LEU F 565 0.93 2.58 9.08
C LEU F 565 1.91 1.87 8.13
N LYS F 566 2.42 2.60 7.14
CA LYS F 566 3.38 2.01 6.17
C LYS F 566 2.77 0.73 5.57
N LEU F 567 1.55 0.83 5.04
CA LEU F 567 0.89 -0.34 4.39
C LEU F 567 0.93 -1.55 5.32
N THR F 568 0.24 -1.47 6.47
CA THR F 568 0.17 -2.62 7.40
C THR F 568 -0.75 -3.70 6.81
N VAL F 569 -0.67 -4.93 7.35
CA VAL F 569 -1.57 -6.03 6.88
C VAL F 569 -3.01 -5.52 6.95
N TRP F 570 -3.37 -4.82 8.03
CA TRP F 570 -4.73 -4.24 8.15
C TRP F 570 -4.81 -2.94 7.37
N GLY F 571 -3.73 -2.14 7.41
CA GLY F 571 -3.72 -0.86 6.68
C GLY F 571 -4.26 -1.02 5.27
N ILE F 572 -3.77 -2.03 4.55
CA ILE F 572 -4.18 -2.22 3.13
C ILE F 572 -5.65 -2.64 3.07
N LYS F 573 -6.07 -3.50 4.00
CA LYS F 573 -7.48 -3.99 3.98
C LYS F 573 -8.41 -2.80 4.17
N GLN F 574 -8.16 -2.00 5.21
CA GLN F 574 -8.98 -0.77 5.41
C GLN F 574 -8.95 0.03 4.12
N LEU F 575 -7.75 0.28 3.59
CA LEU F 575 -7.62 1.00 2.30
C LEU F 575 -8.49 0.32 1.24
N GLN F 576 -8.23 -0.97 1.00
CA GLN F 576 -9.00 -1.71 -0.05
C GLN F 576 -10.49 -1.59 0.27
N ALA F 577 -10.89 -1.89 1.51
CA ALA F 577 -12.32 -1.81 1.88
C ALA F 577 -12.90 -0.47 1.41
N ARG F 578 -12.17 0.63 1.64
CA ARG F 578 -12.70 1.97 1.29
C ARG F 578 -12.99 2.05 -0.22
N VAL F 579 -12.03 1.67 -1.06
CA VAL F 579 -12.22 1.79 -2.54
C VAL F 579 -13.50 1.06 -2.94
N LEU F 580 -13.69 -0.16 -2.41
CA LEU F 580 -14.89 -0.98 -2.75
C LEU F 580 -16.14 -0.19 -2.35
N THR F 581 -16.14 0.45 -1.17
CA THR F 581 -17.35 1.26 -0.86
C THR F 581 -17.48 2.39 -1.88
N VAL F 582 -16.36 2.95 -2.34
CA VAL F 582 -16.40 4.15 -3.21
C VAL F 582 -16.80 3.73 -4.63
N GLU F 583 -16.16 2.68 -5.15
CA GLU F 583 -16.48 2.20 -6.52
C GLU F 583 -17.90 1.62 -6.55
N ARG F 584 -18.30 0.89 -5.51
CA ARG F 584 -19.64 0.23 -5.54
C ARG F 584 -20.73 1.31 -5.61
N TYR F 585 -20.68 2.27 -4.69
CA TYR F 585 -21.68 3.38 -4.72
C TYR F 585 -21.64 4.01 -6.10
N LEU F 586 -20.44 4.27 -6.61
CA LEU F 586 -20.31 4.95 -7.92
C LEU F 586 -20.99 4.09 -8.99
N ARG F 587 -20.63 2.81 -9.09
CA ARG F 587 -21.31 1.91 -10.05
C ARG F 587 -22.83 2.09 -9.92
N ASP F 588 -23.36 1.87 -8.72
CA ASP F 588 -24.81 2.01 -8.49
C ASP F 588 -25.29 3.32 -9.11
N GLN F 589 -24.64 4.44 -8.76
CA GLN F 589 -25.07 5.76 -9.29
C GLN F 589 -25.01 5.73 -10.82
N GLN F 590 -23.82 5.45 -11.37
CA GLN F 590 -23.67 5.36 -12.84
C GLN F 590 -24.93 4.72 -13.43
N LEU F 591 -25.33 3.57 -12.90
CA LEU F 591 -26.51 2.84 -13.44
C LEU F 591 -27.71 3.80 -13.48
N LEU F 592 -28.14 4.30 -12.33
CA LEU F 592 -29.33 5.18 -12.27
C LEU F 592 -29.10 6.36 -13.20
N GLY F 593 -27.85 6.85 -13.27
CA GLY F 593 -27.52 7.95 -14.20
C GLY F 593 -27.75 7.53 -15.63
N ILE F 594 -27.29 6.34 -16.02
CA ILE F 594 -27.54 5.84 -17.40
C ILE F 594 -29.06 5.84 -17.59
N TRP F 595 -29.81 5.41 -16.58
CA TRP F 595 -31.28 5.38 -16.68
C TRP F 595 -31.84 6.78 -16.49
N GLY F 596 -30.98 7.81 -16.41
CA GLY F 596 -31.53 9.18 -16.32
C GLY F 596 -31.86 9.58 -14.89
N CYS F 597 -32.63 8.76 -14.18
CA CYS F 597 -33.07 9.14 -12.80
C CYS F 597 -31.87 9.06 -11.86
N SER F 598 -30.81 9.84 -12.13
CA SER F 598 -29.60 9.87 -11.27
C SER F 598 -29.96 10.27 -9.84
N GLY F 599 -30.36 11.54 -9.64
CA GLY F 599 -30.66 12.04 -8.29
C GLY F 599 -31.84 11.32 -7.66
N LYS F 600 -32.87 10.98 -8.45
CA LYS F 600 -34.10 10.34 -7.93
C LYS F 600 -33.80 9.00 -7.26
N LEU F 601 -34.69 8.56 -6.35
CA LEU F 601 -34.55 7.23 -5.71
C LEU F 601 -35.50 6.25 -6.40
N ILE F 602 -36.81 6.50 -6.30
CA ILE F 602 -37.81 5.64 -7.03
C ILE F 602 -38.06 6.27 -8.40
N CYS F 603 -37.78 5.53 -9.47
CA CYS F 603 -37.97 6.07 -10.85
C CYS F 603 -39.15 5.38 -11.52
N THR F 604 -39.62 5.92 -12.65
CA THR F 604 -40.74 5.29 -13.39
C THR F 604 -40.31 5.11 -14.84
N THR F 605 -39.96 3.88 -15.24
CA THR F 605 -39.46 3.63 -16.62
C THR F 605 -40.66 3.53 -17.57
N ALA F 606 -40.41 3.66 -18.88
CA ALA F 606 -41.50 3.50 -19.87
C ALA F 606 -41.47 2.06 -20.37
N VAL F 607 -40.61 1.23 -19.77
CA VAL F 607 -40.50 -0.20 -20.18
C VAL F 607 -41.75 -0.93 -19.68
N PRO F 608 -42.60 -1.47 -20.58
CA PRO F 608 -43.78 -2.23 -20.16
C PRO F 608 -43.33 -3.50 -19.44
N TRP F 609 -44.08 -3.89 -18.40
CA TRP F 609 -43.71 -5.11 -17.63
C TRP F 609 -44.13 -6.34 -18.42
N ASN F 610 -43.20 -6.92 -19.20
CA ASN F 610 -43.53 -8.17 -19.94
C ASN F 610 -43.94 -9.23 -18.92
N ALA F 611 -45.15 -9.79 -19.08
CA ALA F 611 -45.67 -10.79 -18.12
C ALA F 611 -44.76 -12.02 -18.11
N SER F 612 -44.03 -12.25 -19.22
CA SER F 612 -43.08 -13.39 -19.24
C SER F 612 -42.25 -13.37 -17.96
N TRP F 613 -41.72 -12.20 -17.59
CA TRP F 613 -40.99 -12.15 -16.29
C TRP F 613 -42.00 -12.28 -15.15
N SER F 614 -42.58 -13.47 -14.97
CA SER F 614 -43.52 -13.74 -13.84
C SER F 614 -44.92 -13.17 -14.12
N ASN F 615 -45.96 -14.00 -14.00
CA ASN F 615 -47.34 -13.48 -14.17
C ASN F 615 -47.98 -13.45 -12.78
N LYS F 616 -47.87 -12.32 -12.07
CA LYS F 616 -48.46 -12.16 -10.72
C LYS F 616 -49.24 -10.85 -10.61
N THR F 617 -50.28 -10.82 -9.77
CA THR F 617 -51.07 -9.58 -9.56
C THR F 617 -50.31 -8.64 -8.61
N LEU F 618 -50.56 -7.33 -8.70
CA LEU F 618 -49.79 -6.35 -7.87
C LEU F 618 -50.03 -6.65 -6.39
N ASP F 619 -51.26 -7.06 -6.05
CA ASP F 619 -51.62 -7.36 -4.64
C ASP F 619 -50.65 -8.40 -4.07
N MET F 620 -50.47 -9.53 -4.77
CA MET F 620 -49.52 -10.57 -4.29
C MET F 620 -48.11 -9.97 -4.21
N ILE F 621 -47.68 -9.30 -5.27
CA ILE F 621 -46.29 -8.77 -5.31
C ILE F 621 -46.03 -7.79 -4.16
N TRP F 622 -46.92 -6.81 -3.95
CA TRP F 622 -46.63 -5.78 -2.93
C TRP F 622 -47.27 -6.07 -1.56
N ASN F 623 -48.12 -7.08 -1.45
CA ASN F 623 -48.82 -7.32 -0.14
C ASN F 623 -48.48 -8.72 0.38
N ASN F 624 -47.61 -9.46 -0.33
CA ASN F 624 -47.26 -10.85 0.07
C ASN F 624 -45.75 -11.06 -0.14
N MET F 625 -45.27 -11.01 -1.39
CA MET F 625 -43.84 -11.26 -1.70
C MET F 625 -42.96 -10.18 -1.08
N THR F 626 -41.91 -10.56 -0.36
CA THR F 626 -40.96 -9.55 0.19
C THR F 626 -39.90 -9.28 -0.88
N TRP F 627 -39.19 -8.16 -0.78
CA TRP F 627 -38.19 -7.80 -1.81
C TRP F 627 -37.20 -8.97 -1.98
N MET F 628 -36.71 -9.51 -0.87
CA MET F 628 -35.74 -10.63 -0.92
C MET F 628 -36.34 -11.79 -1.74
N GLU F 629 -37.62 -12.09 -1.52
CA GLU F 629 -38.27 -13.23 -2.23
C GLU F 629 -38.53 -12.83 -3.69
N TRP F 630 -39.04 -11.62 -3.92
CA TRP F 630 -39.39 -11.22 -5.31
C TRP F 630 -38.12 -11.17 -6.18
N GLU F 631 -37.00 -10.77 -5.59
CA GLU F 631 -35.74 -10.62 -6.39
C GLU F 631 -35.33 -11.99 -6.95
N ARG F 632 -35.51 -13.05 -6.16
CA ARG F 632 -35.14 -14.42 -6.62
C ARG F 632 -35.92 -14.73 -7.90
N GLU F 633 -37.20 -14.37 -7.94
CA GLU F 633 -38.05 -14.65 -9.14
C GLU F 633 -37.54 -13.86 -10.33
N ILE F 634 -37.15 -12.60 -10.12
CA ILE F 634 -36.73 -11.72 -11.26
C ILE F 634 -35.22 -11.83 -11.46
N ASP F 635 -34.56 -12.73 -10.73
CA ASP F 635 -33.07 -12.81 -10.80
C ASP F 635 -32.63 -13.03 -12.25
N ASN F 636 -33.18 -14.04 -12.92
CA ASN F 636 -32.77 -14.36 -14.31
C ASN F 636 -32.99 -13.15 -15.22
N TYR F 637 -34.12 -12.46 -15.06
CA TYR F 637 -34.47 -11.30 -15.92
C TYR F 637 -34.02 -10.02 -15.23
N THR F 638 -32.71 -9.81 -15.10
CA THR F 638 -32.23 -8.52 -14.51
C THR F 638 -31.49 -7.71 -15.56
N GLY F 639 -30.48 -8.33 -16.19
CA GLY F 639 -29.68 -7.65 -17.23
C GLY F 639 -30.53 -7.26 -18.42
N LEU F 640 -31.39 -8.18 -18.87
CA LEU F 640 -32.38 -7.89 -19.95
C LEU F 640 -33.12 -6.60 -19.62
N ILE F 641 -33.76 -6.57 -18.44
CA ILE F 641 -34.55 -5.36 -18.01
C ILE F 641 -33.64 -4.13 -18.03
N TYR F 642 -32.44 -4.23 -17.44
CA TYR F 642 -31.59 -3.03 -17.32
C TYR F 642 -31.28 -2.44 -18.71
N THR F 643 -30.95 -3.30 -19.67
CA THR F 643 -30.64 -2.84 -21.06
C THR F 643 -31.90 -2.25 -21.69
N LEU F 644 -33.05 -2.88 -21.45
CA LEU F 644 -34.34 -2.37 -21.99
C LEU F 644 -34.51 -0.92 -21.52
N ILE F 645 -34.14 -0.62 -20.27
CA ILE F 645 -34.20 0.79 -19.79
C ILE F 645 -33.18 1.60 -20.58
N GLU F 646 -31.97 1.06 -20.75
CA GLU F 646 -30.90 1.78 -21.48
C GLU F 646 -31.43 2.23 -22.85
N GLU F 647 -32.07 1.32 -23.59
CA GLU F 647 -32.52 1.67 -24.96
C GLU F 647 -33.78 2.53 -24.91
N SER F 648 -34.59 2.37 -23.84
CA SER F 648 -35.81 3.21 -23.68
C SER F 648 -35.37 4.67 -23.53
N GLN F 649 -34.33 4.91 -22.72
CA GLN F 649 -33.81 6.29 -22.55
C GLN F 649 -33.31 6.78 -23.90
N ASN F 650 -32.74 5.88 -24.72
CA ASN F 650 -32.28 6.25 -26.08
C ASN F 650 -33.48 6.76 -26.88
N GLN F 651 -34.58 6.00 -26.85
CA GLN F 651 -35.81 6.42 -27.56
C GLN F 651 -36.28 7.76 -26.97
N GLN F 652 -36.29 7.86 -25.64
CA GLN F 652 -36.69 9.12 -24.97
C GLN F 652 -35.83 10.26 -25.53
N GLU F 653 -34.50 10.09 -25.52
CA GLU F 653 -33.58 11.16 -25.98
C GLU F 653 -33.99 11.58 -27.39
N LYS F 654 -34.22 10.59 -28.27
CA LYS F 654 -34.66 10.90 -29.66
C LYS F 654 -35.87 11.83 -29.60
N ASN F 655 -36.91 11.44 -28.87
CA ASN F 655 -38.16 12.25 -28.79
C ASN F 655 -37.82 13.65 -28.28
N GLU F 656 -36.93 13.75 -27.28
CA GLU F 656 -36.60 15.07 -26.69
C GLU F 656 -35.88 15.93 -27.74
N GLN F 657 -34.95 15.33 -28.48
CA GLN F 657 -34.16 16.08 -29.50
C GLN F 657 -35.11 16.68 -30.53
N GLU F 658 -36.04 15.88 -31.07
CA GLU F 658 -36.94 16.39 -32.14
C GLU F 658 -37.88 17.43 -31.53
N LEU F 659 -38.24 17.28 -30.25
CA LEU F 659 -39.11 18.27 -29.56
C LEU F 659 -38.38 19.61 -29.50
N LEU F 660 -37.10 19.58 -29.13
CA LEU F 660 -36.29 20.83 -29.07
C LEU F 660 -36.18 21.40 -30.48
N GLU F 661 -36.02 20.54 -31.49
CA GLU F 661 -35.90 21.00 -32.90
C GLU F 661 -37.18 21.75 -33.29
#